data_8C16
#
_entry.id   8C16
#
_cell.length_a   71.855
_cell.length_b   105.133
_cell.length_c   216.874
_cell.angle_alpha   90.000
_cell.angle_beta   90.000
_cell.angle_gamma   90.000
#
_symmetry.space_group_name_H-M   'P 21 21 21'
#
loop_
_entity.id
_entity.type
_entity.pdbx_description
1 polymer 'Ferredoxin--NADP reductase'
2 non-polymer 'FLAVIN-ADENINE DINUCLEOTIDE'
#
_entity_poly.entity_id   1
_entity_poly.type   'polypeptide(L)'
_entity_poly.pdbx_seq_one_letter_code
;MKVAENQKVYDITIIGGGPTGLFTAFYGGMRQASVKIIESLPQLGGQLSALYPEKYIYDVAGFPKVRAQELVDNLKEQMK
KFDPTVCLEEAVDTLEKQADGIFKLVTNKQTHYSKSVIITAGNGAFQPRRLELEGTAKYEKKNLHYFVDDMNKFAGKRVV
VFGGGDSAVDWTMMLEPIAEKVTIVHRRDKFRAHEHSVENLMNSRAEVSTPYVPVELIGDDKIEQVVLQHVKTEEKVIID
VDDVIVNYGFVSSLGPIKNWGLDIQKNSILVNSKMETNIPGIYAAGDICTYEGKVKLIACGFGEAPTAVNNAKAYFDPNA
KLQPMVSSSMF
;
_entity_poly.pdbx_strand_id   A,D,C,B
#
loop_
_chem_comp.id
_chem_comp.type
_chem_comp.name
_chem_comp.formula
FAD non-polymer 'FLAVIN-ADENINE DINUCLEOTIDE' 'C27 H33 N9 O15 P2'
#
# COMPACT_ATOMS: atom_id res chain seq x y z
N ASN A 6 -16.79 -11.35 33.10
CA ASN A 6 -16.33 -12.07 34.28
C ASN A 6 -15.53 -11.14 35.19
N GLN A 7 -15.72 -11.28 36.51
CA GLN A 7 -15.02 -10.44 37.47
C GLN A 7 -13.61 -10.93 37.70
N LYS A 8 -13.33 -12.18 37.36
CA LYS A 8 -11.97 -12.69 37.45
C LYS A 8 -11.12 -12.01 36.40
N VAL A 9 -10.11 -11.28 36.84
CA VAL A 9 -9.19 -10.68 35.89
C VAL A 9 -8.40 -11.79 35.22
N TYR A 10 -8.22 -11.69 33.92
CA TYR A 10 -7.51 -12.73 33.20
C TYR A 10 -6.03 -12.34 33.10
N ASP A 11 -5.30 -12.99 32.22
CA ASP A 11 -3.88 -12.69 32.00
C ASP A 11 -3.67 -12.02 30.66
N ILE A 12 -4.27 -12.56 29.61
CA ILE A 12 -4.30 -11.95 28.30
C ILE A 12 -5.74 -12.02 27.81
N THR A 13 -6.31 -10.86 27.49
CA THR A 13 -7.62 -10.77 26.84
C THR A 13 -7.37 -10.37 25.40
N ILE A 14 -7.84 -11.18 24.47
CA ILE A 14 -7.55 -11.00 23.05
C ILE A 14 -8.73 -10.30 22.42
N ILE A 15 -8.48 -9.11 21.89
CA ILE A 15 -9.51 -8.37 21.16
C ILE A 15 -9.49 -8.89 19.73
N GLY A 16 -10.52 -9.62 19.36
CA GLY A 16 -10.61 -10.11 18.00
C GLY A 16 -10.46 -11.61 17.88
N GLY A 17 -11.50 -12.26 17.36
CA GLY A 17 -11.44 -13.69 17.11
C GLY A 17 -11.03 -13.99 15.69
N GLY A 18 -10.09 -13.20 15.16
CA GLY A 18 -9.55 -13.43 13.83
C GLY A 18 -8.52 -14.53 13.80
N PRO A 19 -7.87 -14.72 12.63
CA PRO A 19 -6.87 -15.79 12.54
C PRO A 19 -5.66 -15.52 13.41
N THR A 20 -5.26 -14.26 13.52
CA THR A 20 -4.22 -13.90 14.48
C THR A 20 -4.71 -14.11 15.91
N GLY A 21 -6.00 -13.82 16.14
CA GLY A 21 -6.56 -13.97 17.47
C GLY A 21 -6.74 -15.42 17.91
N LEU A 22 -7.07 -16.31 16.97
CA LEU A 22 -7.19 -17.72 17.34
C LEU A 22 -5.84 -18.33 17.67
N PHE A 23 -4.84 -18.11 16.82
CA PHE A 23 -3.52 -18.68 17.05
C PHE A 23 -2.86 -18.05 18.28
N THR A 24 -3.06 -16.75 18.49
CA THR A 24 -2.55 -16.13 19.71
C THR A 24 -3.25 -16.73 20.94
N ALA A 25 -4.55 -17.06 20.82
CA ALA A 25 -5.23 -17.74 21.90
C ALA A 25 -4.61 -19.11 22.17
N PHE A 26 -4.18 -19.78 21.10
CA PHE A 26 -3.45 -21.04 21.25
C PHE A 26 -2.20 -20.83 22.09
N TYR A 27 -1.42 -19.80 21.76
CA TYR A 27 -0.14 -19.58 22.44
C TYR A 27 -0.30 -19.03 23.86
N GLY A 28 -1.49 -18.55 24.24
CA GLY A 28 -1.66 -18.07 25.61
C GLY A 28 -1.55 -19.17 26.63
N GLY A 29 -2.34 -20.24 26.45
CA GLY A 29 -2.20 -21.39 27.33
C GLY A 29 -0.80 -21.98 27.28
N MET A 30 -0.13 -21.85 26.14
CA MET A 30 1.21 -22.37 25.94
C MET A 30 2.21 -21.80 26.94
N ARG A 31 1.90 -20.65 27.53
CA ARG A 31 2.72 -20.02 28.55
C ARG A 31 1.96 -19.88 29.87
N GLN A 32 0.98 -20.75 30.10
CA GLN A 32 0.17 -20.74 31.33
C GLN A 32 -0.60 -19.42 31.48
N ALA A 33 -1.45 -19.13 30.51
CA ALA A 33 -2.22 -17.90 30.54
C ALA A 33 -3.71 -18.22 30.50
N SER A 34 -4.45 -17.61 31.42
CA SER A 34 -5.90 -17.59 31.32
C SER A 34 -6.28 -16.69 30.16
N VAL A 35 -6.90 -17.28 29.14
CA VAL A 35 -7.11 -16.60 27.87
C VAL A 35 -8.59 -16.26 27.73
N LYS A 36 -8.87 -15.02 27.32
CA LYS A 36 -10.22 -14.57 27.05
C LYS A 36 -10.24 -13.96 25.66
N ILE A 37 -11.19 -14.40 24.83
CA ILE A 37 -11.38 -13.87 23.48
C ILE A 37 -12.67 -13.06 23.47
N ILE A 38 -12.62 -11.88 22.87
CA ILE A 38 -13.79 -11.04 22.66
C ILE A 38 -13.96 -10.86 21.16
N GLU A 39 -15.15 -11.17 20.66
CA GLU A 39 -15.45 -11.12 19.23
C GLU A 39 -16.75 -10.37 19.00
N SER A 40 -16.75 -9.46 18.02
CA SER A 40 -17.97 -8.75 17.69
C SER A 40 -18.98 -9.65 16.99
N LEU A 41 -18.48 -10.62 16.23
CA LEU A 41 -19.32 -11.62 15.58
C LEU A 41 -19.80 -12.69 16.57
N PRO A 42 -20.89 -13.38 16.23
CA PRO A 42 -21.22 -14.62 16.93
C PRO A 42 -20.40 -15.82 16.49
N GLN A 43 -19.33 -15.60 15.73
CA GLN A 43 -18.57 -16.67 15.13
C GLN A 43 -17.09 -16.28 15.11
N LEU A 44 -16.24 -17.29 15.23
CA LEU A 44 -14.80 -17.11 15.13
C LEU A 44 -14.37 -17.25 13.67
N GLY A 45 -13.24 -16.62 13.34
CA GLY A 45 -12.75 -16.67 11.98
C GLY A 45 -12.39 -15.32 11.42
N GLY A 46 -12.94 -14.25 11.98
CA GLY A 46 -12.58 -12.92 11.53
C GLY A 46 -12.94 -12.73 10.07
N GLN A 47 -11.93 -12.38 9.26
CA GLN A 47 -12.16 -12.18 7.84
C GLN A 47 -12.41 -13.49 7.09
N LEU A 48 -11.82 -14.60 7.55
CA LEU A 48 -11.95 -15.83 6.79
C LEU A 48 -13.37 -16.38 6.88
N SER A 49 -13.87 -16.62 8.10
CA SER A 49 -15.20 -17.19 8.24
C SER A 49 -16.27 -16.25 7.70
N ALA A 50 -16.00 -14.95 7.71
CA ALA A 50 -17.00 -13.96 7.35
C ALA A 50 -16.95 -13.56 5.89
N LEU A 51 -15.76 -13.47 5.30
CA LEU A 51 -15.64 -12.88 3.97
C LEU A 51 -15.26 -13.87 2.87
N TYR A 52 -14.68 -15.02 3.19
CA TYR A 52 -14.33 -15.96 2.13
C TYR A 52 -14.07 -17.35 2.65
N PRO A 53 -15.00 -17.95 3.41
CA PRO A 53 -14.66 -19.20 4.11
C PRO A 53 -14.37 -20.38 3.20
N GLU A 54 -14.87 -20.41 1.97
CA GLU A 54 -14.65 -21.56 1.10
C GLU A 54 -13.48 -21.40 0.14
N LYS A 55 -12.97 -20.18 -0.05
CA LYS A 55 -11.93 -19.94 -1.03
C LYS A 55 -10.61 -20.59 -0.58
N TYR A 56 -9.78 -20.91 -1.57
CA TYR A 56 -8.49 -21.55 -1.31
C TYR A 56 -7.39 -20.50 -1.19
N ILE A 57 -6.58 -20.61 -0.14
CA ILE A 57 -5.46 -19.72 0.13
C ILE A 57 -4.17 -20.51 0.00
N TYR A 58 -3.14 -19.88 -0.54
CA TYR A 58 -1.93 -20.61 -0.91
C TYR A 58 -0.65 -20.13 -0.25
N ASP A 59 -0.61 -18.93 0.31
CA ASP A 59 0.61 -18.41 0.94
C ASP A 59 0.63 -18.61 2.45
N VAL A 60 -0.09 -19.59 2.96
CA VAL A 60 -0.02 -19.98 4.35
C VAL A 60 1.02 -21.09 4.49
N ALA A 61 1.95 -20.92 5.42
CA ALA A 61 3.06 -21.86 5.56
C ALA A 61 2.56 -23.27 5.85
N GLY A 62 2.96 -24.22 5.01
CA GLY A 62 2.55 -25.60 5.12
C GLY A 62 1.35 -26.02 4.28
N PHE A 63 0.60 -25.05 3.75
CA PHE A 63 -0.63 -25.33 2.99
C PHE A 63 -0.45 -24.97 1.52
N PRO A 64 -0.09 -25.92 0.66
CA PRO A 64 -0.06 -25.64 -0.78
C PRO A 64 -1.42 -25.27 -1.35
N LYS A 65 -2.49 -25.60 -0.65
CA LYS A 65 -3.87 -25.39 -1.07
C LYS A 65 -4.74 -25.60 0.15
N VAL A 66 -5.32 -24.54 0.71
CA VAL A 66 -6.14 -24.69 1.91
C VAL A 66 -7.37 -23.82 1.80
N ARG A 67 -8.49 -24.38 2.24
CA ARG A 67 -9.72 -23.60 2.35
C ARG A 67 -9.58 -22.64 3.52
N ALA A 68 -10.25 -21.50 3.40
CA ALA A 68 -10.17 -20.52 4.48
C ALA A 68 -10.75 -21.11 5.76
N GLN A 69 -12.00 -21.59 5.70
CA GLN A 69 -12.64 -22.13 6.89
C GLN A 69 -12.03 -23.46 7.33
N GLU A 70 -11.56 -24.30 6.40
CA GLU A 70 -10.92 -25.54 6.83
C GLU A 70 -9.70 -25.26 7.68
N LEU A 71 -9.03 -24.13 7.43
CA LEU A 71 -7.95 -23.70 8.29
C LEU A 71 -8.45 -23.13 9.61
N VAL A 72 -9.60 -22.44 9.58
CA VAL A 72 -10.18 -21.89 10.82
C VAL A 72 -10.49 -23.01 11.81
N ASP A 73 -11.11 -24.10 11.32
CA ASP A 73 -11.37 -25.23 12.20
C ASP A 73 -10.06 -25.81 12.72
N ASN A 74 -9.02 -25.80 11.89
CA ASN A 74 -7.70 -26.22 12.35
C ASN A 74 -7.17 -25.28 13.42
N LEU A 75 -7.55 -23.99 13.36
CA LEU A 75 -7.15 -23.08 14.43
C LEU A 75 -8.01 -23.25 15.67
N LYS A 76 -9.32 -23.44 15.50
CA LYS A 76 -10.18 -23.65 16.67
C LYS A 76 -9.82 -24.95 17.37
N GLU A 77 -9.57 -26.01 16.61
CA GLU A 77 -9.16 -27.29 17.20
C GLU A 77 -7.80 -27.18 17.86
N GLN A 78 -6.87 -26.45 17.25
CA GLN A 78 -5.58 -26.20 17.89
C GLN A 78 -5.77 -25.37 19.15
N MET A 79 -6.82 -24.54 19.18
CA MET A 79 -7.08 -23.65 20.30
C MET A 79 -7.83 -24.36 21.42
N LYS A 80 -8.83 -25.17 21.07
CA LYS A 80 -9.61 -25.89 22.09
C LYS A 80 -8.74 -26.83 22.90
N LYS A 81 -7.48 -27.01 22.50
CA LYS A 81 -6.50 -27.73 23.28
C LYS A 81 -6.25 -27.06 24.63
N PHE A 82 -6.60 -25.78 24.77
CA PHE A 82 -6.45 -25.02 26.01
C PHE A 82 -7.75 -24.43 26.52
N ASP A 83 -8.83 -24.45 25.73
CA ASP A 83 -10.17 -24.00 26.11
C ASP A 83 -10.15 -22.61 26.75
N PRO A 84 -9.94 -21.55 25.97
CA PRO A 84 -10.04 -20.21 26.53
C PRO A 84 -11.49 -19.77 26.70
N THR A 85 -11.69 -18.88 27.67
CA THR A 85 -13.02 -18.30 27.89
C THR A 85 -13.35 -17.40 26.72
N VAL A 86 -14.21 -17.88 25.83
CA VAL A 86 -14.55 -17.18 24.59
C VAL A 86 -15.87 -16.45 24.80
N CYS A 87 -15.81 -15.11 24.77
CA CYS A 87 -17.00 -14.26 24.95
C CYS A 87 -17.37 -13.68 23.58
N LEU A 88 -18.40 -14.26 22.97
CA LEU A 88 -18.88 -13.85 21.65
C LEU A 88 -19.93 -12.75 21.77
N GLU A 89 -20.20 -12.11 20.62
CA GLU A 89 -21.22 -11.07 20.50
C GLU A 89 -20.94 -9.89 21.43
N GLU A 90 -19.66 -9.55 21.60
CA GLU A 90 -19.24 -8.41 22.40
C GLU A 90 -18.28 -7.57 21.57
N ALA A 91 -18.63 -6.30 21.37
CA ALA A 91 -17.76 -5.35 20.70
C ALA A 91 -17.12 -4.48 21.77
N VAL A 92 -15.79 -4.56 21.89
CA VAL A 92 -15.11 -3.79 22.92
C VAL A 92 -15.31 -2.31 22.63
N ASP A 93 -15.85 -1.59 23.61
CA ASP A 93 -16.15 -0.18 23.45
C ASP A 93 -15.12 0.70 24.16
N THR A 94 -14.81 0.37 25.41
CA THR A 94 -13.84 1.13 26.20
C THR A 94 -12.68 0.20 26.58
N LEU A 95 -11.47 0.75 26.53
CA LEU A 95 -10.27 0.04 26.98
C LEU A 95 -9.49 1.08 27.78
N GLU A 96 -9.57 0.96 29.11
CA GLU A 96 -9.00 1.94 30.02
C GLU A 96 -8.19 1.23 31.08
N LYS A 97 -7.01 1.78 31.36
CA LYS A 97 -6.14 1.24 32.41
C LYS A 97 -6.52 1.83 33.76
N GLN A 98 -6.93 0.97 34.68
CA GLN A 98 -7.38 1.40 36.00
C GLN A 98 -6.17 1.79 36.85
N ALA A 99 -6.43 2.14 38.11
CA ALA A 99 -5.38 2.65 38.96
C ALA A 99 -4.31 1.61 39.30
N ASP A 100 -4.63 0.32 39.19
CA ASP A 100 -3.73 -0.75 39.57
C ASP A 100 -3.04 -1.43 38.38
N GLY A 101 -3.14 -0.86 37.18
CA GLY A 101 -2.58 -1.48 36.00
C GLY A 101 -3.52 -2.40 35.25
N ILE A 102 -4.62 -2.81 35.87
CA ILE A 102 -5.59 -3.66 35.22
C ILE A 102 -6.35 -2.88 34.16
N PHE A 103 -6.60 -3.52 33.02
CA PHE A 103 -7.32 -2.89 31.93
C PHE A 103 -8.81 -3.14 32.10
N LYS A 104 -9.60 -2.08 31.96
CA LYS A 104 -11.05 -2.18 32.06
C LYS A 104 -11.60 -2.12 30.64
N LEU A 105 -12.14 -3.24 30.17
CA LEU A 105 -12.72 -3.33 28.85
C LEU A 105 -14.24 -3.40 29.00
N VAL A 106 -14.94 -2.45 28.42
CA VAL A 106 -16.40 -2.41 28.46
C VAL A 106 -16.92 -2.66 27.05
N THR A 107 -17.68 -3.74 26.90
CA THR A 107 -18.29 -4.10 25.63
C THR A 107 -19.77 -3.77 25.68
N ASN A 108 -20.53 -4.30 24.73
CA ASN A 108 -21.98 -4.17 24.79
C ASN A 108 -22.62 -5.08 25.84
N LYS A 109 -21.97 -6.18 26.21
CA LYS A 109 -22.52 -7.04 27.24
C LYS A 109 -22.01 -6.63 28.63
N GLN A 110 -20.82 -7.08 29.00
CA GLN A 110 -20.27 -6.88 30.34
C GLN A 110 -18.87 -6.28 30.24
N THR A 111 -18.27 -6.06 31.40
CA THR A 111 -16.93 -5.50 31.50
C THR A 111 -15.96 -6.62 31.85
N HIS A 112 -14.95 -6.81 31.01
CA HIS A 112 -13.95 -7.83 31.22
C HIS A 112 -12.66 -7.19 31.68
N TYR A 113 -11.87 -7.95 32.41
CA TYR A 113 -10.66 -7.44 33.00
C TYR A 113 -9.50 -8.35 32.61
N SER A 114 -8.32 -7.75 32.50
CA SER A 114 -7.16 -8.48 32.04
C SER A 114 -5.91 -7.80 32.56
N LYS A 115 -4.88 -8.60 32.81
CA LYS A 115 -3.59 -8.02 33.17
C LYS A 115 -2.96 -7.36 31.95
N SER A 116 -3.15 -7.95 30.78
CA SER A 116 -2.68 -7.40 29.51
C SER A 116 -3.74 -7.65 28.46
N VAL A 117 -3.74 -6.82 27.42
CA VAL A 117 -4.71 -6.92 26.33
C VAL A 117 -3.93 -6.97 25.03
N ILE A 118 -4.23 -7.96 24.21
CA ILE A 118 -3.62 -8.11 22.88
C ILE A 118 -4.72 -7.91 21.85
N ILE A 119 -4.55 -6.92 20.99
CA ILE A 119 -5.58 -6.53 20.03
C ILE A 119 -5.21 -7.07 18.66
N THR A 120 -5.92 -8.10 18.21
CA THR A 120 -5.79 -8.63 16.86
C THR A 120 -7.14 -8.37 16.20
N ALA A 121 -7.30 -7.17 15.62
CA ALA A 121 -8.57 -6.76 15.08
C ALA A 121 -8.55 -6.52 13.58
N GLY A 122 -7.42 -6.74 12.90
CA GLY A 122 -7.44 -6.71 11.46
C GLY A 122 -7.83 -5.38 10.85
N ASN A 123 -9.11 -5.27 10.49
CA ASN A 123 -9.65 -4.09 9.85
C ASN A 123 -10.70 -3.41 10.69
N GLY A 124 -11.27 -4.10 11.67
CA GLY A 124 -12.33 -3.55 12.49
C GLY A 124 -13.22 -4.67 13.00
N ALA A 125 -14.34 -4.26 13.58
CA ALA A 125 -15.28 -5.22 14.15
C ALA A 125 -16.30 -5.56 13.08
N PHE A 126 -16.70 -6.83 13.05
CA PHE A 126 -17.44 -7.39 11.92
C PHE A 126 -18.92 -7.50 12.20
N GLN A 127 -19.52 -6.44 12.73
CA GLN A 127 -20.97 -6.43 12.86
C GLN A 127 -21.59 -6.51 11.46
N PRO A 128 -22.69 -7.23 11.30
CA PRO A 128 -23.25 -7.46 9.96
C PRO A 128 -23.71 -6.19 9.29
N ARG A 129 -24.06 -6.31 8.01
CA ARG A 129 -24.67 -5.21 7.29
C ARG A 129 -26.11 -5.08 7.76
N ARG A 130 -26.48 -3.88 8.19
CA ARG A 130 -27.82 -3.66 8.72
C ARG A 130 -28.74 -3.34 7.56
N LEU A 131 -29.81 -2.60 7.82
CA LEU A 131 -30.62 -2.15 6.70
C LEU A 131 -30.28 -0.69 6.41
N GLU A 132 -31.18 -0.01 5.71
CA GLU A 132 -31.05 1.40 5.36
C GLU A 132 -32.40 2.08 5.48
N LEU A 133 -33.14 1.70 6.53
CA LEU A 133 -34.47 2.22 6.78
C LEU A 133 -34.46 3.20 7.95
N GLU A 134 -35.47 3.10 8.81
CA GLU A 134 -35.56 3.93 10.00
C GLU A 134 -34.98 3.18 11.19
N GLY A 135 -35.28 3.65 12.40
CA GLY A 135 -34.87 2.96 13.61
C GLY A 135 -35.58 1.64 13.73
N THR A 136 -34.99 0.60 13.14
CA THR A 136 -35.52 -0.75 13.20
C THR A 136 -35.09 -1.47 14.48
N ALA A 137 -34.38 -0.78 15.36
CA ALA A 137 -33.91 -1.38 16.61
C ALA A 137 -35.03 -2.04 17.42
N LYS A 138 -36.29 -1.65 17.20
CA LYS A 138 -37.35 -2.28 17.97
C LYS A 138 -37.77 -3.57 17.29
N TYR A 139 -37.61 -3.64 15.96
CA TYR A 139 -37.77 -4.90 15.25
C TYR A 139 -36.62 -5.83 15.56
N GLU A 140 -35.40 -5.27 15.66
CA GLU A 140 -34.21 -6.07 15.88
C GLU A 140 -34.24 -6.77 17.23
N LYS A 141 -34.75 -6.09 18.26
CA LYS A 141 -34.90 -6.67 19.59
C LYS A 141 -36.01 -7.72 19.66
N LYS A 142 -36.78 -7.91 18.58
CA LYS A 142 -37.93 -8.79 18.64
C LYS A 142 -37.90 -9.85 17.54
N ASN A 143 -38.20 -9.45 16.29
CA ASN A 143 -38.31 -10.41 15.20
C ASN A 143 -37.44 -10.09 13.98
N LEU A 144 -36.63 -9.03 14.02
CA LEU A 144 -35.71 -8.70 12.92
C LEU A 144 -34.33 -9.23 13.24
N HIS A 145 -33.90 -10.25 12.49
CA HIS A 145 -32.66 -10.95 12.75
C HIS A 145 -31.66 -10.70 11.62
N TYR A 146 -30.37 -10.81 11.95
CA TYR A 146 -29.30 -10.79 10.94
C TYR A 146 -28.45 -12.06 10.95
N PHE A 147 -28.52 -12.87 12.00
CA PHE A 147 -27.80 -14.13 12.08
C PHE A 147 -28.81 -15.23 12.35
N VAL A 148 -28.51 -16.42 11.82
CA VAL A 148 -29.35 -17.60 12.02
C VAL A 148 -28.64 -18.47 13.04
N ASP A 149 -29.12 -18.44 14.29
CA ASP A 149 -28.66 -19.38 15.29
C ASP A 149 -29.33 -20.73 15.02
N ASP A 150 -30.61 -20.85 15.38
CA ASP A 150 -31.39 -22.06 15.13
C ASP A 150 -32.37 -21.79 14.00
N MET A 151 -32.39 -22.68 13.00
CA MET A 151 -33.32 -22.54 11.89
C MET A 151 -34.74 -22.97 12.24
N ASN A 152 -34.91 -23.86 13.23
CA ASN A 152 -36.22 -24.41 13.55
C ASN A 152 -37.11 -23.41 14.29
N LYS A 153 -36.54 -22.36 14.86
CA LYS A 153 -37.36 -21.35 15.53
C LYS A 153 -38.32 -20.67 14.57
N PHE A 154 -38.06 -20.74 13.27
CA PHE A 154 -38.92 -20.19 12.23
C PHE A 154 -39.86 -21.21 11.60
N ALA A 155 -39.92 -22.43 12.14
CA ALA A 155 -40.84 -23.42 11.58
C ALA A 155 -42.27 -22.99 11.83
N GLY A 156 -43.12 -23.17 10.81
CA GLY A 156 -44.50 -22.75 10.86
C GLY A 156 -44.75 -21.26 10.77
N LYS A 157 -43.70 -20.45 10.67
CA LYS A 157 -43.81 -19.00 10.55
C LYS A 157 -43.48 -18.56 9.12
N ARG A 158 -44.14 -17.49 8.66
CA ARG A 158 -43.81 -16.88 7.38
C ARG A 158 -42.52 -16.07 7.50
N VAL A 159 -41.49 -16.46 6.74
CA VAL A 159 -40.15 -15.87 6.85
C VAL A 159 -39.73 -15.32 5.49
N VAL A 160 -39.21 -14.09 5.49
CA VAL A 160 -38.67 -13.44 4.30
C VAL A 160 -37.16 -13.29 4.44
N VAL A 161 -36.45 -13.49 3.32
CA VAL A 161 -34.98 -13.44 3.28
C VAL A 161 -34.57 -12.41 2.23
N PHE A 162 -33.57 -11.58 2.58
CA PHE A 162 -33.09 -10.50 1.73
C PHE A 162 -31.64 -10.75 1.33
N GLY A 163 -31.36 -10.63 0.04
CA GLY A 163 -30.00 -10.86 -0.41
C GLY A 163 -29.91 -11.69 -1.67
N GLY A 164 -28.72 -11.75 -2.26
CA GLY A 164 -28.54 -12.54 -3.46
C GLY A 164 -27.35 -13.47 -3.40
N GLY A 165 -26.48 -13.29 -2.40
CA GLY A 165 -25.29 -14.10 -2.31
C GLY A 165 -25.58 -15.56 -2.01
N ASP A 166 -24.51 -16.35 -2.01
CA ASP A 166 -24.61 -17.76 -1.63
C ASP A 166 -25.15 -17.89 -0.21
N SER A 167 -24.72 -17.01 0.68
CA SER A 167 -25.11 -17.10 2.08
C SER A 167 -26.62 -16.95 2.23
N ALA A 168 -27.23 -16.13 1.38
CA ALA A 168 -28.68 -15.92 1.44
C ALA A 168 -29.45 -17.10 0.83
N VAL A 169 -28.94 -17.69 -0.25
CA VAL A 169 -29.68 -18.74 -0.96
C VAL A 169 -29.73 -20.02 -0.14
N ASP A 170 -28.63 -20.38 0.51
CA ASP A 170 -28.62 -21.61 1.29
C ASP A 170 -29.54 -21.49 2.50
N TRP A 171 -29.54 -20.32 3.16
CA TRP A 171 -30.44 -20.09 4.27
C TRP A 171 -31.90 -20.29 3.84
N THR A 172 -32.24 -19.84 2.62
CA THR A 172 -33.59 -20.01 2.11
C THR A 172 -33.88 -21.48 1.81
N MET A 173 -32.93 -22.18 1.22
CA MET A 173 -33.12 -23.59 0.88
C MET A 173 -33.24 -24.46 2.12
N MET A 174 -32.70 -23.99 3.24
CA MET A 174 -32.86 -24.69 4.50
C MET A 174 -34.21 -24.43 5.14
N LEU A 175 -34.90 -23.36 4.75
CA LEU A 175 -36.23 -23.06 5.26
C LEU A 175 -37.37 -23.64 4.43
N GLU A 176 -37.09 -24.26 3.28
CA GLU A 176 -38.18 -24.76 2.45
C GLU A 176 -38.99 -25.85 3.13
N PRO A 177 -38.39 -26.89 3.72
CA PRO A 177 -39.17 -27.87 4.48
C PRO A 177 -39.42 -27.49 5.94
N ILE A 178 -39.08 -26.26 6.33
CA ILE A 178 -39.21 -25.80 7.71
C ILE A 178 -40.15 -24.60 7.81
N ALA A 179 -39.88 -23.55 7.04
CA ALA A 179 -40.70 -22.36 7.07
C ALA A 179 -41.99 -22.58 6.32
N GLU A 180 -43.09 -22.10 6.90
CA GLU A 180 -44.39 -22.14 6.22
C GLU A 180 -44.29 -21.51 4.83
N LYS A 181 -43.97 -20.22 4.78
CA LYS A 181 -43.81 -19.48 3.53
C LYS A 181 -42.43 -18.84 3.58
N VAL A 182 -41.52 -19.27 2.71
CA VAL A 182 -40.18 -18.69 2.64
C VAL A 182 -40.00 -18.01 1.29
N THR A 183 -39.64 -16.73 1.33
CA THR A 183 -39.46 -15.92 0.13
C THR A 183 -38.10 -15.22 0.22
N ILE A 184 -37.37 -15.23 -0.89
CA ILE A 184 -36.04 -14.62 -0.98
C ILE A 184 -36.11 -13.46 -1.97
N VAL A 185 -35.55 -12.32 -1.59
CA VAL A 185 -35.65 -11.08 -2.35
C VAL A 185 -34.25 -10.63 -2.78
N HIS A 186 -34.11 -10.28 -4.06
CA HIS A 186 -32.87 -9.77 -4.61
C HIS A 186 -33.19 -8.71 -5.65
N ARG A 187 -32.20 -7.86 -5.92
CA ARG A 187 -32.36 -6.73 -6.83
C ARG A 187 -32.08 -7.05 -8.29
N ARG A 188 -31.69 -8.28 -8.62
CA ARG A 188 -31.43 -8.65 -10.00
C ARG A 188 -31.97 -10.04 -10.27
N ASP A 189 -32.21 -10.32 -11.56
CA ASP A 189 -32.77 -11.59 -11.99
C ASP A 189 -31.79 -12.75 -11.88
N LYS A 190 -30.51 -12.45 -11.63
CA LYS A 190 -29.45 -13.45 -11.58
C LYS A 190 -28.84 -13.40 -10.18
N PHE A 191 -29.11 -14.44 -9.39
CA PHE A 191 -28.60 -14.50 -8.02
C PHE A 191 -27.09 -14.68 -7.98
N ARG A 192 -26.42 -13.74 -7.33
CA ARG A 192 -24.98 -13.76 -7.13
C ARG A 192 -24.66 -14.93 -6.20
N ALA A 193 -24.93 -16.15 -6.66
CA ALA A 193 -24.72 -17.35 -5.85
C ALA A 193 -24.25 -18.50 -6.73
N HIS A 194 -23.94 -19.63 -6.10
CA HIS A 194 -23.56 -20.83 -6.82
C HIS A 194 -24.70 -21.30 -7.71
N GLU A 195 -24.37 -21.64 -8.96
CA GLU A 195 -25.42 -21.85 -9.96
C GLU A 195 -26.26 -23.08 -9.65
N HIS A 196 -25.63 -24.18 -9.22
CA HIS A 196 -26.40 -25.40 -9.00
C HIS A 196 -27.22 -25.36 -7.73
N SER A 197 -26.89 -24.47 -6.79
CA SER A 197 -27.74 -24.25 -5.63
C SER A 197 -28.94 -23.37 -5.95
N VAL A 198 -28.78 -22.44 -6.90
CA VAL A 198 -29.91 -21.62 -7.34
C VAL A 198 -30.91 -22.47 -8.12
N GLU A 199 -30.41 -23.42 -8.91
CA GLU A 199 -31.30 -24.31 -9.66
C GLU A 199 -32.22 -25.08 -8.71
N ASN A 200 -31.69 -25.51 -7.56
CA ASN A 200 -32.52 -26.18 -6.57
C ASN A 200 -33.52 -25.24 -5.91
N LEU A 201 -33.28 -23.92 -5.94
CA LEU A 201 -34.20 -23.00 -5.27
C LEU A 201 -35.51 -22.91 -6.04
N MET A 202 -35.44 -22.88 -7.38
CA MET A 202 -36.68 -22.91 -8.16
C MET A 202 -37.35 -24.27 -8.06
N ASN A 203 -36.56 -25.34 -7.93
CA ASN A 203 -37.10 -26.69 -7.80
C ASN A 203 -37.39 -26.99 -6.33
N SER A 204 -38.22 -26.12 -5.74
CA SER A 204 -38.59 -26.20 -4.35
C SER A 204 -39.80 -25.30 -4.13
N ARG A 205 -40.36 -25.35 -2.93
CA ARG A 205 -41.52 -24.56 -2.55
C ARG A 205 -41.19 -23.12 -2.16
N ALA A 206 -39.95 -22.68 -2.30
CA ALA A 206 -39.56 -21.32 -1.94
C ALA A 206 -39.98 -20.33 -3.03
N GLU A 207 -40.80 -19.34 -2.66
CA GLU A 207 -41.14 -18.25 -3.57
C GLU A 207 -39.90 -17.41 -3.83
N VAL A 208 -39.61 -17.14 -5.09
CA VAL A 208 -38.45 -16.34 -5.47
C VAL A 208 -38.96 -15.02 -6.03
N SER A 209 -38.86 -13.97 -5.23
CA SER A 209 -39.20 -12.62 -5.69
C SER A 209 -37.92 -11.95 -6.18
N THR A 210 -37.87 -11.64 -7.47
CA THR A 210 -36.70 -11.01 -8.07
C THR A 210 -37.14 -10.37 -9.37
N PRO A 211 -36.58 -9.20 -9.75
CA PRO A 211 -35.70 -8.28 -9.00
C PRO A 211 -36.44 -7.33 -8.06
N TYR A 212 -36.34 -7.44 -6.73
CA TYR A 212 -37.05 -6.53 -5.84
C TYR A 212 -36.11 -5.97 -4.77
N VAL A 213 -36.49 -4.81 -4.24
CA VAL A 213 -35.77 -4.15 -3.15
C VAL A 213 -36.78 -3.67 -2.12
N PRO A 214 -36.66 -4.07 -0.85
CA PRO A 214 -37.62 -3.63 0.16
C PRO A 214 -37.57 -2.14 0.43
N VAL A 215 -38.72 -1.60 0.84
CA VAL A 215 -38.86 -0.16 1.10
C VAL A 215 -39.36 0.10 2.52
N GLU A 216 -40.59 -0.33 2.82
CA GLU A 216 -41.28 0.00 4.05
C GLU A 216 -41.44 -1.26 4.90
N LEU A 217 -40.99 -1.18 6.16
CA LEU A 217 -41.09 -2.30 7.11
C LEU A 217 -42.34 -2.16 8.00
N ILE A 218 -43.46 -2.69 7.51
CA ILE A 218 -44.72 -2.60 8.25
C ILE A 218 -44.68 -3.51 9.48
N GLY A 219 -44.85 -2.91 10.66
CA GLY A 219 -44.89 -3.62 11.92
C GLY A 219 -44.88 -2.61 13.05
N ASP A 220 -45.77 -2.77 14.04
CA ASP A 220 -45.77 -1.87 15.18
C ASP A 220 -44.54 -2.08 16.06
N ASP A 221 -44.22 -3.33 16.37
CA ASP A 221 -42.95 -3.70 17.00
C ASP A 221 -42.35 -4.97 16.42
N LYS A 222 -43.16 -5.89 15.90
CA LYS A 222 -42.68 -7.04 15.15
C LYS A 222 -43.05 -6.82 13.69
N ILE A 223 -42.13 -7.12 12.78
CA ILE A 223 -42.39 -6.92 11.37
C ILE A 223 -43.39 -7.97 10.90
N GLU A 224 -44.56 -7.50 10.43
CA GLU A 224 -45.58 -8.38 9.92
C GLU A 224 -45.83 -8.22 8.42
N GLN A 225 -45.42 -7.09 7.84
CA GLN A 225 -45.48 -6.90 6.40
C GLN A 225 -44.23 -6.16 5.95
N VAL A 226 -43.75 -6.51 4.76
CA VAL A 226 -42.57 -5.91 4.16
C VAL A 226 -42.95 -5.38 2.79
N VAL A 227 -42.85 -4.08 2.59
CA VAL A 227 -43.18 -3.46 1.32
C VAL A 227 -41.97 -3.52 0.40
N LEU A 228 -42.13 -4.16 -0.75
CA LEU A 228 -41.08 -4.28 -1.76
C LEU A 228 -41.28 -3.19 -2.82
N GLN A 229 -40.47 -3.23 -3.87
CA GLN A 229 -40.65 -2.36 -5.02
C GLN A 229 -39.80 -2.90 -6.17
N HIS A 230 -40.45 -3.12 -7.32
CA HIS A 230 -39.77 -3.67 -8.49
C HIS A 230 -38.63 -2.77 -8.93
N VAL A 231 -37.56 -3.40 -9.45
CA VAL A 231 -36.40 -2.64 -9.91
C VAL A 231 -36.70 -1.87 -11.19
N LYS A 232 -37.52 -2.43 -12.07
CA LYS A 232 -37.79 -1.84 -13.38
C LYS A 232 -39.14 -1.14 -13.46
N THR A 233 -40.20 -1.75 -12.93
CA THR A 233 -41.53 -1.16 -12.96
C THR A 233 -41.88 -0.39 -11.69
N GLU A 234 -41.09 -0.56 -10.62
CA GLU A 234 -41.21 0.24 -9.39
C GLU A 234 -42.61 0.15 -8.77
N GLU A 235 -43.19 -1.04 -8.82
CA GLU A 235 -44.46 -1.35 -8.16
C GLU A 235 -44.19 -1.97 -6.79
N LYS A 236 -45.00 -1.59 -5.80
CA LYS A 236 -44.82 -2.05 -4.43
C LYS A 236 -45.64 -3.31 -4.18
N VAL A 237 -44.97 -4.38 -3.73
CA VAL A 237 -45.60 -5.66 -3.45
C VAL A 237 -45.32 -6.05 -1.99
N ILE A 238 -46.39 -6.14 -1.19
CA ILE A 238 -46.31 -6.53 0.21
C ILE A 238 -46.60 -8.02 0.34
N ILE A 239 -45.89 -8.68 1.26
CA ILE A 239 -46.12 -10.07 1.61
C ILE A 239 -46.15 -10.17 3.13
N ASP A 240 -47.20 -10.80 3.67
CA ASP A 240 -47.34 -10.95 5.11
C ASP A 240 -46.26 -11.89 5.65
N VAL A 241 -45.57 -11.44 6.70
CA VAL A 241 -44.45 -12.17 7.28
C VAL A 241 -44.58 -12.20 8.80
N ASP A 242 -43.79 -13.08 9.44
CA ASP A 242 -43.64 -13.10 10.88
C ASP A 242 -42.23 -12.79 11.36
N ASP A 243 -41.21 -13.21 10.61
CA ASP A 243 -39.81 -12.95 10.93
C ASP A 243 -39.08 -12.51 9.66
N VAL A 244 -38.09 -11.64 9.83
CA VAL A 244 -37.34 -11.05 8.73
C VAL A 244 -35.86 -11.34 8.93
N ILE A 245 -35.22 -11.85 7.88
CA ILE A 245 -33.82 -12.27 7.91
C ILE A 245 -33.06 -11.52 6.81
N VAL A 246 -31.95 -10.90 7.17
CA VAL A 246 -31.12 -10.12 6.24
C VAL A 246 -29.75 -10.77 6.07
N ASN A 247 -29.37 -11.02 4.80
CA ASN A 247 -28.08 -11.63 4.44
C ASN A 247 -27.52 -10.91 3.21
N TYR A 248 -27.00 -9.70 3.43
CA TYR A 248 -26.34 -8.95 2.37
C TYR A 248 -24.82 -9.13 2.35
N GLY A 249 -24.23 -9.46 3.49
CA GLY A 249 -22.79 -9.57 3.59
C GLY A 249 -22.33 -8.99 4.91
N PHE A 250 -21.01 -8.96 5.11
CA PHE A 250 -20.43 -8.47 6.34
C PHE A 250 -19.73 -7.14 6.10
N VAL A 251 -19.71 -6.29 7.13
CA VAL A 251 -18.99 -5.01 7.11
C VAL A 251 -18.11 -4.89 8.35
N SER A 252 -17.01 -4.13 8.22
CA SER A 252 -16.08 -3.88 9.32
C SER A 252 -15.83 -2.39 9.46
N SER A 253 -15.30 -1.99 10.62
CA SER A 253 -14.99 -0.59 10.90
C SER A 253 -14.25 -0.48 12.23
N LEU A 254 -13.39 0.53 12.35
CA LEU A 254 -12.59 0.65 13.58
C LEU A 254 -13.43 1.14 14.75
N GLY A 255 -14.10 2.28 14.60
CA GLY A 255 -14.91 2.82 15.65
C GLY A 255 -14.10 3.24 16.86
N PRO A 256 -14.42 2.67 18.02
CA PRO A 256 -13.75 3.06 19.27
C PRO A 256 -12.27 2.73 19.33
N ILE A 257 -11.72 2.04 18.33
CA ILE A 257 -10.32 1.64 18.40
C ILE A 257 -9.37 2.84 18.34
N LYS A 258 -9.74 3.90 17.64
CA LYS A 258 -8.83 5.04 17.55
C LYS A 258 -8.78 5.84 18.85
N ASN A 259 -9.85 5.80 19.65
CA ASN A 259 -9.98 6.60 20.86
C ASN A 259 -9.51 5.87 22.11
N TRP A 260 -8.67 4.85 21.98
CA TRP A 260 -8.16 4.11 23.13
C TRP A 260 -6.77 4.56 23.52
N GLY A 261 -6.30 5.68 23.00
CA GLY A 261 -4.97 6.16 23.25
C GLY A 261 -3.86 5.42 22.55
N LEU A 262 -4.17 4.73 21.46
CA LEU A 262 -3.16 4.00 20.69
C LEU A 262 -2.67 4.87 19.54
N ASP A 263 -1.36 4.87 19.32
CA ASP A 263 -0.81 5.62 18.20
C ASP A 263 -1.29 4.97 16.92
N ILE A 264 -2.26 5.61 16.29
CA ILE A 264 -2.90 5.06 15.10
C ILE A 264 -2.73 6.05 13.96
N GLN A 265 -2.17 5.57 12.87
CA GLN A 265 -2.01 6.35 11.65
C GLN A 265 -2.55 5.51 10.52
N LYS A 266 -3.60 6.01 9.87
CA LYS A 266 -4.21 5.33 8.73
C LYS A 266 -4.71 3.94 9.12
N ASN A 267 -5.52 3.90 10.18
CA ASN A 267 -6.21 2.69 10.63
C ASN A 267 -5.27 1.52 10.96
N SER A 268 -4.07 1.81 11.45
CA SER A 268 -3.14 0.76 11.86
C SER A 268 -2.41 1.21 13.12
N ILE A 269 -2.26 0.28 14.06
CA ILE A 269 -1.63 0.60 15.35
C ILE A 269 -0.13 0.54 15.21
N LEU A 270 0.55 1.59 15.67
CA LEU A 270 2.00 1.63 15.66
C LEU A 270 2.54 0.72 16.76
N VAL A 271 3.30 -0.30 16.35
CA VAL A 271 3.92 -1.23 17.29
C VAL A 271 5.40 -1.37 16.94
N ASN A 272 6.18 -1.70 17.94
CA ASN A 272 7.60 -1.95 17.80
C ASN A 272 7.84 -3.41 17.41
N SER A 273 9.12 -3.82 17.38
CA SER A 273 9.45 -5.21 17.12
C SER A 273 8.93 -6.14 18.20
N LYS A 274 8.78 -5.64 19.43
CA LYS A 274 8.17 -6.42 20.51
C LYS A 274 6.64 -6.45 20.43
N MET A 275 6.06 -5.97 19.34
CA MET A 275 4.61 -5.90 19.19
C MET A 275 3.97 -5.07 20.31
N GLU A 276 4.73 -4.15 20.88
CA GLU A 276 4.22 -3.29 21.94
C GLU A 276 3.68 -2.01 21.30
N THR A 277 2.45 -1.66 21.66
CA THR A 277 1.90 -0.37 21.30
C THR A 277 2.45 0.70 22.24
N ASN A 278 1.96 1.92 22.07
CA ASN A 278 2.34 3.01 22.96
C ASN A 278 1.79 2.86 24.38
N ILE A 279 0.88 1.93 24.62
CA ILE A 279 0.32 1.69 25.95
C ILE A 279 0.98 0.45 26.55
N PRO A 280 1.61 0.55 27.72
CA PRO A 280 2.22 -0.64 28.34
C PRO A 280 1.17 -1.67 28.73
N GLY A 281 1.38 -2.90 28.28
CA GLY A 281 0.45 -3.99 28.53
C GLY A 281 -0.52 -4.23 27.41
N ILE A 282 -0.61 -3.33 26.43
CA ILE A 282 -1.48 -3.48 25.28
C ILE A 282 -0.61 -3.83 24.08
N TYR A 283 -0.92 -4.95 23.44
CA TYR A 283 -0.15 -5.47 22.31
C TYR A 283 -1.09 -5.65 21.12
N ALA A 284 -0.51 -5.66 19.92
CA ALA A 284 -1.31 -5.79 18.71
C ALA A 284 -0.59 -6.65 17.68
N ALA A 285 -1.36 -7.37 16.88
CA ALA A 285 -0.79 -8.24 15.86
C ALA A 285 -1.84 -8.46 14.77
N GLY A 286 -1.39 -9.07 13.68
CA GLY A 286 -2.23 -9.28 12.52
C GLY A 286 -2.05 -8.12 11.57
N ASP A 287 -3.13 -7.69 10.91
CA ASP A 287 -3.09 -6.52 10.06
C ASP A 287 -3.34 -5.22 10.82
N ILE A 288 -3.91 -5.30 12.03
CA ILE A 288 -4.20 -4.08 12.79
C ILE A 288 -2.91 -3.42 13.25
N CYS A 289 -1.83 -4.17 13.36
CA CYS A 289 -0.54 -3.61 13.74
C CYS A 289 0.23 -3.19 12.50
N THR A 290 1.24 -2.35 12.70
CA THR A 290 2.11 -1.93 11.62
C THR A 290 3.44 -1.47 12.19
N TYR A 291 4.49 -1.57 11.38
CA TYR A 291 5.85 -1.19 11.74
C TYR A 291 6.66 -1.10 10.45
N GLU A 292 7.98 -1.03 10.59
CA GLU A 292 8.84 -0.93 9.42
C GLU A 292 8.78 -2.22 8.62
N GLY A 293 8.37 -2.12 7.35
CA GLY A 293 8.36 -3.30 6.50
C GLY A 293 7.24 -4.28 6.78
N LYS A 294 6.25 -3.90 7.59
CA LYS A 294 5.12 -4.77 7.86
C LYS A 294 4.43 -5.16 6.56
N VAL A 295 4.13 -6.45 6.42
CA VAL A 295 3.38 -6.97 5.29
C VAL A 295 2.06 -7.51 5.84
N LYS A 296 0.95 -6.96 5.35
CA LYS A 296 -0.37 -7.36 5.83
C LYS A 296 -0.72 -8.75 5.29
N LEU A 297 -0.20 -9.77 5.99
CA LEU A 297 -0.45 -11.16 5.65
C LEU A 297 -0.91 -11.91 6.89
N ILE A 298 -1.48 -13.09 6.66
CA ILE A 298 -1.77 -13.98 7.76
C ILE A 298 -0.50 -14.68 8.23
N ALA A 299 0.44 -14.95 7.32
CA ALA A 299 1.71 -15.55 7.73
C ALA A 299 2.49 -14.63 8.65
N CYS A 300 2.49 -13.32 8.36
CA CYS A 300 3.12 -12.36 9.25
C CYS A 300 2.35 -12.25 10.56
N GLY A 301 1.02 -12.14 10.47
CA GLY A 301 0.21 -12.09 11.67
C GLY A 301 0.38 -13.33 12.54
N PHE A 302 0.70 -14.46 11.92
CA PHE A 302 0.98 -15.68 12.69
C PHE A 302 2.31 -15.56 13.42
N GLY A 303 3.29 -14.88 12.83
CA GLY A 303 4.57 -14.69 13.50
C GLY A 303 4.58 -13.56 14.50
N GLU A 304 3.63 -12.62 14.40
CA GLU A 304 3.49 -11.55 15.37
C GLU A 304 2.74 -12.00 16.62
N ALA A 305 2.01 -13.12 16.55
CA ALA A 305 1.23 -13.56 17.72
C ALA A 305 2.11 -14.06 18.86
N PRO A 306 3.00 -15.05 18.68
CA PRO A 306 3.79 -15.52 19.83
C PRO A 306 4.73 -14.47 20.38
N THR A 307 5.25 -13.59 19.51
CA THR A 307 6.03 -12.45 19.98
C THR A 307 5.20 -11.58 20.91
N ALA A 308 3.91 -11.45 20.63
CA ALA A 308 3.04 -10.60 21.43
C ALA A 308 2.67 -11.24 22.76
N VAL A 309 2.55 -12.57 22.78
CA VAL A 309 2.23 -13.26 24.02
C VAL A 309 3.42 -13.24 24.97
N ASN A 310 4.61 -13.51 24.45
CA ASN A 310 5.79 -13.61 25.30
C ASN A 310 6.18 -12.25 25.89
N ASN A 311 6.14 -11.19 25.07
CA ASN A 311 6.46 -9.86 25.61
C ASN A 311 5.40 -9.38 26.57
N ALA A 312 4.19 -9.93 26.50
CA ALA A 312 3.19 -9.64 27.53
C ALA A 312 3.44 -10.49 28.76
N LYS A 313 3.86 -11.75 28.55
CA LYS A 313 4.25 -12.60 29.67
C LYS A 313 5.34 -11.94 30.52
N ALA A 314 6.26 -11.23 29.87
CA ALA A 314 7.26 -10.43 30.57
C ALA A 314 6.69 -9.14 31.14
N TYR A 315 5.44 -8.80 30.81
CA TYR A 315 4.78 -7.60 31.36
C TYR A 315 4.01 -7.90 32.63
N PHE A 316 3.21 -8.96 32.65
CA PHE A 316 2.37 -9.28 33.80
C PHE A 316 2.91 -10.38 34.72
N ASP A 317 3.95 -11.11 34.32
CA ASP A 317 4.47 -12.20 35.16
C ASP A 317 5.99 -12.22 35.32
N PRO A 318 6.52 -11.87 36.49
CA PRO A 318 7.97 -11.97 36.71
C PRO A 318 8.41 -13.42 36.72
N ASN A 319 9.27 -13.79 35.78
CA ASN A 319 9.79 -15.16 35.69
C ASN A 319 10.61 -15.52 36.92
N GLU B 5 -28.41 -4.89 -21.71
CA GLU B 5 -29.08 -6.09 -21.24
C GLU B 5 -30.33 -5.74 -20.43
N ASN B 6 -30.12 -5.03 -19.33
CA ASN B 6 -31.18 -4.66 -18.38
C ASN B 6 -30.58 -3.65 -17.42
N GLN B 7 -31.27 -3.38 -16.31
CA GLN B 7 -30.78 -2.43 -15.33
C GLN B 7 -29.72 -3.12 -14.47
N LYS B 8 -28.49 -3.10 -14.96
CA LYS B 8 -27.36 -3.63 -14.23
C LYS B 8 -27.06 -2.70 -13.05
N VAL B 9 -26.60 -3.29 -11.95
CA VAL B 9 -26.24 -2.49 -10.79
C VAL B 9 -24.94 -1.72 -11.02
N TYR B 10 -24.19 -2.05 -12.06
CA TYR B 10 -22.91 -1.41 -12.35
C TYR B 10 -22.01 -1.31 -11.12
N ASP B 11 -20.95 -0.52 -11.20
CA ASP B 11 -20.10 -0.28 -10.05
C ASP B 11 -20.07 1.19 -9.66
N ILE B 12 -19.82 2.06 -10.63
CA ILE B 12 -19.74 3.51 -10.41
C ILE B 12 -20.55 4.21 -11.49
N THR B 13 -21.51 5.04 -11.06
CA THR B 13 -22.28 5.91 -11.94
C THR B 13 -21.83 7.35 -11.71
N ILE B 14 -21.35 7.99 -12.77
CA ILE B 14 -20.75 9.32 -12.70
C ILE B 14 -21.76 10.36 -13.15
N ILE B 15 -22.09 11.30 -12.26
CA ILE B 15 -22.98 12.41 -12.59
C ILE B 15 -22.16 13.52 -13.24
N GLY B 16 -22.39 13.74 -14.53
CA GLY B 16 -21.71 14.83 -15.22
C GLY B 16 -20.71 14.38 -16.27
N GLY B 17 -20.96 14.75 -17.52
CA GLY B 17 -20.02 14.47 -18.59
C GLY B 17 -19.07 15.63 -18.81
N GLY B 18 -18.70 16.28 -17.71
CA GLY B 18 -17.74 17.36 -17.75
C GLY B 18 -16.30 16.88 -17.80
N PRO B 19 -15.36 17.81 -17.66
CA PRO B 19 -13.94 17.41 -17.71
C PRO B 19 -13.52 16.53 -16.56
N THR B 20 -14.07 16.79 -15.36
CA THR B 20 -13.81 15.90 -14.24
C THR B 20 -14.43 14.54 -14.50
N GLY B 21 -15.61 14.52 -15.13
CA GLY B 21 -16.28 13.27 -15.43
C GLY B 21 -15.56 12.45 -16.49
N LEU B 22 -14.94 13.12 -17.47
CA LEU B 22 -14.24 12.37 -18.52
C LEU B 22 -13.01 11.67 -17.96
N PHE B 23 -12.20 12.37 -17.17
CA PHE B 23 -11.02 11.73 -16.59
C PHE B 23 -11.40 10.70 -15.54
N THR B 24 -12.40 10.98 -14.71
CA THR B 24 -12.81 9.98 -13.74
C THR B 24 -13.32 8.71 -14.43
N ALA B 25 -13.96 8.86 -15.60
CA ALA B 25 -14.41 7.70 -16.35
C ALA B 25 -13.24 6.83 -16.79
N PHE B 26 -12.14 7.46 -17.21
CA PHE B 26 -10.95 6.69 -17.56
C PHE B 26 -10.45 5.88 -16.37
N TYR B 27 -10.44 6.49 -15.20
CA TYR B 27 -9.84 5.87 -14.03
C TYR B 27 -10.67 4.67 -13.53
N GLY B 28 -11.92 4.56 -13.95
CA GLY B 28 -12.71 3.41 -13.54
C GLY B 28 -12.22 2.10 -14.15
N GLY B 29 -12.07 2.08 -15.48
CA GLY B 29 -11.58 0.88 -16.14
C GLY B 29 -10.20 0.46 -15.68
N MET B 30 -9.34 1.44 -15.37
CA MET B 30 -8.04 1.11 -14.81
C MET B 30 -8.15 0.49 -13.43
N ARG B 31 -9.33 0.60 -12.80
CA ARG B 31 -9.57 -0.03 -11.51
C ARG B 31 -10.62 -1.13 -11.59
N GLN B 32 -10.84 -1.67 -12.79
CA GLN B 32 -11.71 -2.81 -13.02
C GLN B 32 -13.13 -2.53 -12.50
N ALA B 33 -13.72 -1.44 -13.02
CA ALA B 33 -15.06 -1.05 -12.64
C ALA B 33 -15.92 -0.84 -13.90
N SER B 34 -17.11 -1.43 -13.90
CA SER B 34 -18.08 -1.07 -14.93
C SER B 34 -18.58 0.35 -14.68
N VAL B 35 -18.30 1.25 -15.62
CA VAL B 35 -18.53 2.67 -15.43
C VAL B 35 -19.69 3.14 -16.30
N LYS B 36 -20.57 3.96 -15.71
CA LYS B 36 -21.68 4.58 -16.41
C LYS B 36 -21.63 6.08 -16.17
N ILE B 37 -21.73 6.87 -17.25
CA ILE B 37 -21.73 8.33 -17.19
C ILE B 37 -23.12 8.85 -17.48
N ILE B 38 -23.55 9.85 -16.69
CA ILE B 38 -24.81 10.54 -16.88
C ILE B 38 -24.52 12.03 -17.09
N GLU B 39 -25.03 12.59 -18.18
CA GLU B 39 -24.82 13.98 -18.55
C GLU B 39 -26.15 14.63 -18.93
N SER B 40 -26.38 15.85 -18.43
CA SER B 40 -27.61 16.57 -18.76
C SER B 40 -27.60 17.08 -20.19
N LEU B 41 -26.44 17.45 -20.73
CA LEU B 41 -26.30 17.90 -22.10
C LEU B 41 -26.30 16.72 -23.09
N PRO B 42 -26.58 16.98 -24.36
CA PRO B 42 -26.40 15.96 -25.39
C PRO B 42 -24.96 15.73 -25.83
N GLN B 43 -23.98 16.28 -25.12
CA GLN B 43 -22.60 16.18 -25.55
C GLN B 43 -21.69 16.14 -24.33
N LEU B 44 -20.55 15.47 -24.50
CA LEU B 44 -19.56 15.45 -23.43
C LEU B 44 -18.64 16.67 -23.53
N GLY B 45 -18.10 17.07 -22.39
CA GLY B 45 -17.25 18.24 -22.30
C GLY B 45 -17.71 19.16 -21.20
N GLY B 46 -18.97 19.03 -20.79
CA GLY B 46 -19.50 19.87 -19.73
C GLY B 46 -19.46 21.32 -20.16
N GLN B 47 -18.82 22.16 -19.34
CA GLN B 47 -18.73 23.58 -19.69
C GLN B 47 -17.78 23.82 -20.84
N LEU B 48 -16.80 22.94 -21.06
CA LEU B 48 -15.80 23.18 -22.10
C LEU B 48 -16.40 23.09 -23.49
N SER B 49 -17.00 21.93 -23.82
CA SER B 49 -17.54 21.74 -25.16
C SER B 49 -18.69 22.69 -25.47
N ALA B 50 -19.43 23.11 -24.44
CA ALA B 50 -20.68 23.83 -24.66
C ALA B 50 -20.51 25.34 -24.69
N LEU B 51 -19.65 25.90 -23.83
CA LEU B 51 -19.58 27.35 -23.69
C LEU B 51 -18.31 27.98 -24.23
N TYR B 52 -17.24 27.20 -24.43
CA TYR B 52 -16.02 27.77 -24.98
C TYR B 52 -15.09 26.72 -25.58
N PRO B 53 -15.57 25.93 -26.55
CA PRO B 53 -14.73 24.83 -27.06
C PRO B 53 -13.46 25.28 -27.76
N GLU B 54 -13.38 26.54 -28.20
CA GLU B 54 -12.22 27.02 -28.94
C GLU B 54 -11.13 27.60 -28.05
N LYS B 55 -11.45 27.95 -26.80
CA LYS B 55 -10.46 28.60 -25.98
C LYS B 55 -9.34 27.65 -25.63
N TYR B 56 -8.17 28.23 -25.39
CA TYR B 56 -6.99 27.46 -25.02
C TYR B 56 -6.84 27.48 -23.51
N ILE B 57 -6.55 26.32 -22.93
CA ILE B 57 -6.39 26.17 -21.49
C ILE B 57 -4.93 25.87 -21.21
N TYR B 58 -4.41 26.50 -20.16
CA TYR B 58 -2.97 26.49 -19.87
C TYR B 58 -2.62 25.90 -18.52
N ASP B 59 -3.58 25.77 -17.61
CA ASP B 59 -3.34 25.23 -16.29
C ASP B 59 -3.64 23.73 -16.21
N VAL B 60 -3.57 23.03 -17.34
CA VAL B 60 -3.65 21.58 -17.36
C VAL B 60 -2.23 21.05 -17.29
N ALA B 61 -1.97 20.20 -16.28
CA ALA B 61 -0.62 19.71 -16.06
C ALA B 61 -0.11 18.91 -17.25
N GLY B 62 1.05 19.31 -17.77
CA GLY B 62 1.62 18.70 -18.94
C GLY B 62 1.27 19.40 -20.23
N PHE B 63 0.25 20.25 -20.20
CA PHE B 63 -0.23 21.01 -21.35
C PHE B 63 0.10 22.48 -21.15
N PRO B 64 1.21 22.98 -21.67
CA PRO B 64 1.44 24.42 -21.63
C PRO B 64 0.38 25.20 -22.38
N LYS B 65 -0.35 24.56 -23.29
CA LYS B 65 -1.42 25.18 -24.05
C LYS B 65 -2.24 24.13 -24.79
N VAL B 66 -3.50 23.93 -24.40
CA VAL B 66 -4.37 22.96 -25.05
C VAL B 66 -5.74 23.59 -25.24
N ARG B 67 -6.34 23.36 -26.40
CA ARG B 67 -7.69 23.85 -26.68
C ARG B 67 -8.73 23.06 -25.89
N ALA B 68 -9.83 23.74 -25.56
CA ALA B 68 -10.87 23.12 -24.74
C ALA B 68 -11.47 21.90 -25.42
N GLN B 69 -11.98 22.07 -26.65
CA GLN B 69 -12.57 20.95 -27.37
C GLN B 69 -11.51 19.91 -27.72
N GLU B 70 -10.30 20.34 -28.02
CA GLU B 70 -9.21 19.41 -28.29
C GLU B 70 -8.86 18.57 -27.06
N LEU B 71 -8.96 19.15 -25.87
CA LEU B 71 -8.70 18.38 -24.65
C LEU B 71 -9.85 17.45 -24.32
N VAL B 72 -11.09 17.86 -24.61
CA VAL B 72 -12.22 16.96 -24.42
C VAL B 72 -12.06 15.71 -25.29
N ASP B 73 -11.69 15.91 -26.56
CA ASP B 73 -11.42 14.76 -27.42
C ASP B 73 -10.21 13.96 -26.94
N ASN B 74 -9.21 14.63 -26.37
CA ASN B 74 -8.09 13.92 -25.74
C ASN B 74 -8.55 13.11 -24.54
N LEU B 75 -9.61 13.55 -23.86
CA LEU B 75 -10.17 12.77 -22.76
C LEU B 75 -10.99 11.59 -23.26
N LYS B 76 -11.77 11.79 -24.34
CA LYS B 76 -12.55 10.67 -24.90
C LYS B 76 -11.63 9.58 -25.45
N GLU B 77 -10.53 9.96 -26.10
CA GLU B 77 -9.57 8.98 -26.57
C GLU B 77 -8.94 8.20 -25.43
N GLN B 78 -8.58 8.88 -24.34
CA GLN B 78 -8.10 8.19 -23.16
C GLN B 78 -9.20 7.35 -22.51
N MET B 79 -10.45 7.76 -22.67
CA MET B 79 -11.56 7.06 -22.03
C MET B 79 -12.00 5.84 -22.83
N LYS B 80 -11.99 5.94 -24.16
CA LYS B 80 -12.43 4.84 -25.02
C LYS B 80 -11.61 3.58 -24.82
N LYS B 81 -10.51 3.65 -24.07
CA LYS B 81 -9.77 2.44 -23.73
C LYS B 81 -10.61 1.47 -22.90
N PHE B 82 -11.67 1.96 -22.25
CA PHE B 82 -12.53 1.11 -21.44
C PHE B 82 -14.02 1.15 -21.79
N ASP B 83 -14.45 2.07 -22.67
CA ASP B 83 -15.83 2.12 -23.17
C ASP B 83 -16.88 2.10 -22.06
N PRO B 84 -17.04 3.18 -21.31
CA PRO B 84 -18.12 3.25 -20.31
C PRO B 84 -19.46 3.56 -20.96
N THR B 85 -20.53 3.11 -20.31
CA THR B 85 -21.89 3.37 -20.76
C THR B 85 -22.22 4.85 -20.56
N VAL B 86 -22.23 5.62 -21.65
CA VAL B 86 -22.43 7.06 -21.61
C VAL B 86 -23.89 7.35 -21.94
N CYS B 87 -24.63 7.88 -20.96
CA CYS B 87 -26.03 8.24 -21.12
C CYS B 87 -26.16 9.76 -21.19
N LEU B 88 -26.35 10.30 -22.39
CA LEU B 88 -26.47 11.74 -22.58
C LEU B 88 -27.90 12.20 -22.39
N GLU B 89 -28.05 13.52 -22.22
CA GLU B 89 -29.35 14.17 -22.09
C GLU B 89 -30.13 13.62 -20.89
N GLU B 90 -29.42 13.33 -19.81
CA GLU B 90 -30.06 12.85 -18.58
C GLU B 90 -29.58 13.68 -17.40
N ALA B 91 -30.54 14.32 -16.74
CA ALA B 91 -30.28 15.07 -15.51
C ALA B 91 -30.79 14.25 -14.34
N VAL B 92 -29.88 13.85 -13.45
CA VAL B 92 -30.27 13.05 -12.30
C VAL B 92 -31.21 13.86 -11.40
N ASP B 93 -32.37 13.30 -11.11
CA ASP B 93 -33.37 13.98 -10.30
C ASP B 93 -33.41 13.47 -8.87
N THR B 94 -33.45 12.15 -8.68
CA THR B 94 -33.50 11.54 -7.36
C THR B 94 -32.26 10.68 -7.14
N LEU B 95 -31.69 10.79 -5.93
CA LEU B 95 -30.55 9.97 -5.53
C LEU B 95 -30.74 9.54 -4.09
N GLU B 96 -31.14 8.28 -3.90
CA GLU B 96 -31.45 7.75 -2.57
C GLU B 96 -30.78 6.40 -2.39
N LYS B 97 -30.26 6.17 -1.18
CA LYS B 97 -29.65 4.90 -0.83
C LYS B 97 -30.73 3.90 -0.43
N GLN B 98 -30.83 2.81 -1.18
CA GLN B 98 -31.84 1.80 -0.90
C GLN B 98 -31.44 0.99 0.33
N ALA B 99 -32.27 0.00 0.69
CA ALA B 99 -32.07 -0.72 1.94
C ALA B 99 -30.79 -1.57 1.96
N ASP B 100 -30.26 -1.95 0.80
CA ASP B 100 -29.08 -2.82 0.75
C ASP B 100 -27.80 -2.05 0.41
N GLY B 101 -27.84 -0.73 0.43
CA GLY B 101 -26.70 0.08 0.10
C GLY B 101 -26.57 0.48 -1.35
N ILE B 102 -27.26 -0.20 -2.27
CA ILE B 102 -27.20 0.17 -3.68
C ILE B 102 -27.99 1.45 -3.90
N PHE B 103 -27.44 2.34 -4.73
CA PHE B 103 -28.03 3.64 -4.95
C PHE B 103 -29.02 3.63 -6.11
N LYS B 104 -30.16 4.27 -5.91
CA LYS B 104 -31.20 4.41 -6.93
C LYS B 104 -31.17 5.83 -7.48
N LEU B 105 -30.78 5.97 -8.75
CA LEU B 105 -30.77 7.26 -9.45
C LEU B 105 -31.87 7.25 -10.49
N VAL B 106 -32.79 8.20 -10.39
CA VAL B 106 -33.87 8.37 -11.37
C VAL B 106 -33.61 9.68 -12.09
N THR B 107 -33.46 9.61 -13.41
CA THR B 107 -33.25 10.80 -14.21
C THR B 107 -34.55 11.15 -14.93
N ASN B 108 -34.45 12.04 -15.92
CA ASN B 108 -35.62 12.35 -16.74
C ASN B 108 -35.93 11.21 -17.70
N LYS B 109 -34.92 10.40 -18.05
CA LYS B 109 -35.12 9.27 -18.94
C LYS B 109 -35.47 8.04 -18.13
N GLN B 110 -34.45 7.40 -17.56
CA GLN B 110 -34.59 6.09 -16.94
C GLN B 110 -34.04 6.12 -15.51
N THR B 111 -34.09 4.95 -14.87
CA THR B 111 -33.60 4.76 -13.51
C THR B 111 -32.29 3.99 -13.56
N HIS B 112 -31.24 4.56 -12.98
CA HIS B 112 -29.92 3.93 -12.93
C HIS B 112 -29.59 3.48 -11.51
N TYR B 113 -28.76 2.44 -11.42
CA TYR B 113 -28.32 1.87 -10.16
C TYR B 113 -26.81 1.74 -10.17
N SER B 114 -26.22 1.87 -8.99
CA SER B 114 -24.78 1.83 -8.87
C SER B 114 -24.41 1.45 -7.44
N LYS B 115 -23.28 0.75 -7.31
CA LYS B 115 -22.73 0.47 -5.98
C LYS B 115 -22.16 1.74 -5.35
N SER B 116 -21.59 2.63 -6.16
CA SER B 116 -21.08 3.91 -5.71
C SER B 116 -21.44 4.97 -6.73
N VAL B 117 -21.51 6.23 -6.28
CA VAL B 117 -21.91 7.35 -7.11
C VAL B 117 -20.86 8.45 -7.01
N ILE B 118 -20.39 8.94 -8.15
CA ILE B 118 -19.45 10.05 -8.24
C ILE B 118 -20.14 11.23 -8.89
N ILE B 119 -20.16 12.36 -8.20
CA ILE B 119 -20.87 13.56 -8.64
C ILE B 119 -19.84 14.56 -9.18
N THR B 120 -19.83 14.76 -10.50
CA THR B 120 -19.04 15.81 -11.12
C THR B 120 -20.01 16.80 -11.79
N ALA B 121 -19.45 17.74 -12.54
CA ALA B 121 -20.21 18.81 -13.20
C ALA B 121 -21.06 19.54 -12.16
N GLY B 122 -22.19 20.12 -12.57
CA GLY B 122 -23.11 20.68 -11.60
C GLY B 122 -24.54 20.19 -11.69
N ASN B 123 -25.46 21.05 -12.14
CA ASN B 123 -26.87 20.65 -12.20
C ASN B 123 -27.57 20.94 -13.53
N GLY B 124 -28.18 22.11 -13.63
CA GLY B 124 -29.08 22.45 -14.71
C GLY B 124 -28.58 23.07 -15.99
N ALA B 125 -29.12 24.25 -16.33
CA ALA B 125 -28.91 24.93 -17.59
C ALA B 125 -27.79 25.95 -17.54
N PHE B 126 -27.38 26.38 -18.74
CA PHE B 126 -26.20 27.22 -18.91
C PHE B 126 -26.29 28.50 -18.08
N GLN B 127 -27.48 29.12 -18.06
CA GLN B 127 -27.92 30.29 -17.31
C GLN B 127 -26.75 31.18 -16.87
N PRO B 128 -26.05 31.82 -17.82
CA PRO B 128 -24.95 32.72 -17.44
C PRO B 128 -25.48 33.91 -16.68
N ARG B 129 -24.63 34.73 -16.08
CA ARG B 129 -25.11 35.94 -15.44
C ARG B 129 -25.27 37.03 -16.50
N ARG B 130 -26.47 37.59 -16.59
CA ARG B 130 -26.78 38.68 -17.50
C ARG B 130 -26.56 40.00 -16.77
N LEU B 131 -27.31 41.04 -17.11
CA LEU B 131 -27.18 42.31 -16.40
C LEU B 131 -28.29 42.43 -15.36
N GLU B 132 -28.60 43.67 -14.93
CA GLU B 132 -29.68 43.90 -13.98
C GLU B 132 -30.49 45.13 -14.39
N LEU B 133 -30.54 45.40 -15.68
CA LEU B 133 -31.32 46.47 -16.29
C LEU B 133 -32.43 45.85 -17.13
N GLU B 134 -33.21 46.71 -17.77
CA GLU B 134 -34.28 46.21 -18.64
C GLU B 134 -33.78 46.01 -20.07
N GLY B 135 -33.16 47.03 -20.65
CA GLY B 135 -32.61 46.92 -21.99
C GLY B 135 -33.71 46.64 -23.00
N THR B 136 -33.30 46.12 -24.16
CA THR B 136 -34.25 45.76 -25.21
C THR B 136 -34.47 44.25 -25.31
N ALA B 137 -33.63 43.44 -24.66
CA ALA B 137 -33.72 41.99 -24.60
C ALA B 137 -33.43 41.31 -25.95
N LYS B 138 -33.34 42.07 -27.03
CA LYS B 138 -33.13 41.51 -28.36
C LYS B 138 -31.74 41.73 -28.96
N TYR B 139 -30.91 42.62 -28.38
CA TYR B 139 -29.54 42.71 -28.86
C TYR B 139 -28.82 41.37 -28.72
N GLU B 140 -29.22 40.56 -27.74
CA GLU B 140 -28.60 39.25 -27.55
C GLU B 140 -28.80 38.38 -28.79
N LYS B 141 -29.93 38.55 -29.47
CA LYS B 141 -30.24 37.82 -30.69
C LYS B 141 -29.33 38.21 -31.86
N LYS B 142 -28.48 39.22 -31.71
CA LYS B 142 -27.66 39.68 -32.83
C LYS B 142 -26.17 39.73 -32.51
N ASN B 143 -25.71 40.76 -31.77
CA ASN B 143 -24.28 40.93 -31.53
C ASN B 143 -23.91 41.01 -30.06
N LEU B 144 -24.86 40.83 -29.15
CA LEU B 144 -24.60 40.81 -27.71
C LEU B 144 -24.45 39.36 -27.27
N HIS B 145 -23.24 38.97 -26.88
CA HIS B 145 -22.92 37.58 -26.62
C HIS B 145 -22.69 37.31 -25.15
N TYR B 146 -22.99 36.08 -24.73
CA TYR B 146 -22.61 35.58 -23.41
C TYR B 146 -21.76 34.32 -23.46
N PHE B 147 -21.78 33.57 -24.56
CA PHE B 147 -20.91 32.42 -24.74
C PHE B 147 -20.19 32.61 -26.07
N VAL B 148 -18.93 32.20 -26.14
CA VAL B 148 -18.17 32.26 -27.38
C VAL B 148 -17.96 30.83 -27.86
N ASP B 149 -18.69 30.43 -28.91
CA ASP B 149 -18.44 29.15 -29.55
C ASP B 149 -17.18 29.22 -30.41
N ASP B 150 -17.23 29.92 -31.54
CA ASP B 150 -16.08 30.11 -32.41
C ASP B 150 -15.47 31.49 -32.21
N MET B 151 -14.15 31.52 -32.00
CA MET B 151 -13.42 32.76 -31.83
C MET B 151 -13.19 33.51 -33.14
N ASN B 152 -13.20 32.81 -34.28
CA ASN B 152 -12.83 33.43 -35.53
C ASN B 152 -13.91 34.36 -36.08
N LYS B 153 -15.14 34.24 -35.59
CA LYS B 153 -16.23 35.11 -36.05
C LYS B 153 -16.00 36.58 -35.72
N PHE B 154 -15.22 36.86 -34.69
CA PHE B 154 -14.94 38.22 -34.27
C PHE B 154 -13.65 38.79 -34.84
N ALA B 155 -13.00 38.07 -35.77
CA ALA B 155 -11.76 38.56 -36.35
C ALA B 155 -12.01 39.82 -37.17
N GLY B 156 -11.09 40.78 -37.03
CA GLY B 156 -11.21 42.07 -37.69
C GLY B 156 -12.26 43.00 -37.14
N LYS B 157 -13.02 42.57 -36.13
CA LYS B 157 -14.05 43.39 -35.52
C LYS B 157 -13.56 43.93 -34.18
N ARG B 158 -13.99 45.14 -33.86
CA ARG B 158 -13.72 45.69 -32.54
C ARG B 158 -14.63 45.01 -31.53
N VAL B 159 -14.03 44.30 -30.57
CA VAL B 159 -14.76 43.45 -29.64
C VAL B 159 -14.49 43.92 -28.22
N VAL B 160 -15.56 44.09 -27.45
CA VAL B 160 -15.48 44.48 -26.05
C VAL B 160 -15.96 43.32 -25.19
N VAL B 161 -15.28 43.10 -24.06
CA VAL B 161 -15.58 42.00 -23.15
C VAL B 161 -15.83 42.57 -21.75
N PHE B 162 -16.88 42.07 -21.10
CA PHE B 162 -17.33 42.58 -19.80
C PHE B 162 -17.20 41.52 -18.72
N GLY B 163 -16.62 41.91 -17.59
CA GLY B 163 -16.40 41.04 -16.45
C GLY B 163 -15.02 41.26 -15.86
N GLY B 164 -14.78 40.75 -14.67
CA GLY B 164 -13.48 40.94 -14.05
C GLY B 164 -12.89 39.64 -13.56
N GLY B 165 -13.71 38.58 -13.54
CA GLY B 165 -13.26 37.28 -13.10
C GLY B 165 -12.20 36.72 -14.03
N ASP B 166 -11.72 35.53 -13.65
CA ASP B 166 -10.77 34.82 -14.49
C ASP B 166 -11.35 34.57 -15.88
N SER B 167 -12.65 34.24 -15.95
CA SER B 167 -13.25 33.89 -17.23
C SER B 167 -13.27 35.07 -18.18
N ALA B 168 -13.53 36.28 -17.66
CA ALA B 168 -13.68 37.45 -18.52
C ALA B 168 -12.34 37.93 -19.06
N VAL B 169 -11.28 37.84 -18.26
CA VAL B 169 -9.98 38.36 -18.68
C VAL B 169 -9.40 37.48 -19.78
N ASP B 170 -9.63 36.17 -19.69
CA ASP B 170 -9.10 35.26 -20.69
C ASP B 170 -9.71 35.51 -22.07
N TRP B 171 -11.00 35.83 -22.12
CA TRP B 171 -11.64 36.12 -23.39
C TRP B 171 -10.91 37.25 -24.12
N THR B 172 -10.51 38.28 -23.38
CA THR B 172 -9.88 39.44 -23.99
C THR B 172 -8.48 39.13 -24.51
N MET B 173 -7.67 38.41 -23.73
CA MET B 173 -6.28 38.18 -24.14
C MET B 173 -6.18 37.22 -25.31
N MET B 174 -7.13 36.30 -25.46
CA MET B 174 -7.13 35.44 -26.64
C MET B 174 -7.77 36.12 -27.84
N LEU B 175 -8.53 37.20 -27.63
CA LEU B 175 -9.07 38.01 -28.71
C LEU B 175 -8.15 39.16 -29.13
N GLU B 176 -7.00 39.33 -28.46
CA GLU B 176 -6.10 40.44 -28.82
C GLU B 176 -5.50 40.26 -30.22
N PRO B 177 -4.96 39.10 -30.61
CA PRO B 177 -4.46 38.94 -31.97
C PRO B 177 -5.54 38.60 -32.99
N ILE B 178 -6.82 38.72 -32.61
CA ILE B 178 -7.95 38.40 -33.46
C ILE B 178 -8.80 39.63 -33.75
N ALA B 179 -9.23 40.32 -32.70
CA ALA B 179 -9.98 41.56 -32.87
C ALA B 179 -9.02 42.69 -33.22
N GLU B 180 -9.39 43.51 -34.20
CA GLU B 180 -8.60 44.69 -34.51
C GLU B 180 -8.33 45.50 -33.25
N LYS B 181 -9.40 45.93 -32.59
CA LYS B 181 -9.34 46.64 -31.32
C LYS B 181 -10.22 45.88 -30.34
N VAL B 182 -9.62 45.31 -29.31
CA VAL B 182 -10.33 44.57 -28.28
C VAL B 182 -10.24 45.35 -26.98
N THR B 183 -11.39 45.56 -26.34
CA THR B 183 -11.47 46.37 -25.13
C THR B 183 -12.11 45.57 -24.01
N ILE B 184 -11.52 45.61 -22.83
CA ILE B 184 -12.03 44.93 -21.65
C ILE B 184 -12.35 46.00 -20.60
N VAL B 185 -13.56 45.94 -20.04
CA VAL B 185 -14.04 46.96 -19.13
C VAL B 185 -14.36 46.30 -17.79
N HIS B 186 -13.86 46.89 -16.71
CA HIS B 186 -14.17 46.38 -15.37
C HIS B 186 -14.26 47.56 -14.41
N ARG B 187 -14.84 47.30 -13.24
CA ARG B 187 -15.16 48.33 -12.26
C ARG B 187 -14.01 48.73 -11.35
N ARG B 188 -12.85 48.08 -11.44
CA ARG B 188 -11.72 48.40 -10.59
C ARG B 188 -10.43 48.27 -11.38
N ASP B 189 -9.37 48.91 -10.88
CA ASP B 189 -8.09 48.89 -11.59
C ASP B 189 -7.38 47.55 -11.51
N LYS B 190 -7.78 46.65 -10.61
CA LYS B 190 -7.08 45.39 -10.41
C LYS B 190 -8.05 44.25 -10.66
N PHE B 191 -7.84 43.54 -11.77
CA PHE B 191 -8.71 42.42 -12.17
C PHE B 191 -8.57 41.24 -11.23
N ARG B 192 -9.67 40.87 -10.56
CA ARG B 192 -9.68 39.66 -9.73
C ARG B 192 -9.69 38.43 -10.64
N ALA B 193 -8.51 38.16 -11.21
CA ALA B 193 -8.28 37.04 -12.10
C ALA B 193 -6.91 36.48 -11.74
N HIS B 194 -6.51 35.41 -12.42
CA HIS B 194 -5.18 34.89 -12.17
C HIS B 194 -4.14 35.95 -12.52
N GLU B 195 -3.15 36.06 -11.65
CA GLU B 195 -2.26 37.22 -11.69
C GLU B 195 -1.52 37.30 -13.00
N HIS B 196 -1.05 36.17 -13.52
CA HIS B 196 -0.31 36.22 -14.77
C HIS B 196 -1.19 36.38 -16.00
N SER B 197 -2.49 36.16 -15.88
CA SER B 197 -3.36 36.51 -17.00
C SER B 197 -3.58 38.02 -17.05
N VAL B 198 -3.57 38.69 -15.88
CA VAL B 198 -3.64 40.15 -15.86
C VAL B 198 -2.34 40.76 -16.34
N GLU B 199 -1.20 40.17 -15.99
CA GLU B 199 0.08 40.67 -16.49
C GLU B 199 0.16 40.59 -18.01
N ASN B 200 -0.36 39.51 -18.59
CA ASN B 200 -0.40 39.42 -20.04
C ASN B 200 -1.39 40.41 -20.64
N LEU B 201 -2.37 40.85 -19.86
CA LEU B 201 -3.38 41.76 -20.40
C LEU B 201 -2.83 43.16 -20.62
N MET B 202 -2.04 43.67 -19.68
CA MET B 202 -1.47 45.01 -19.83
C MET B 202 -0.37 45.04 -20.88
N ASN B 203 0.42 43.97 -20.95
CA ASN B 203 1.55 43.90 -21.88
C ASN B 203 1.11 43.29 -23.22
N SER B 204 0.16 43.97 -23.85
CA SER B 204 -0.39 43.53 -25.12
C SER B 204 -1.15 44.70 -25.73
N ARG B 205 -1.61 44.50 -26.96
CA ARG B 205 -2.40 45.50 -27.66
C ARG B 205 -3.85 45.51 -27.20
N ALA B 206 -4.17 44.72 -26.17
CA ALA B 206 -5.53 44.63 -25.65
C ALA B 206 -5.84 45.88 -24.84
N GLU B 207 -6.86 46.62 -25.26
CA GLU B 207 -7.30 47.81 -24.54
C GLU B 207 -7.91 47.42 -23.19
N VAL B 208 -7.43 48.07 -22.13
CA VAL B 208 -7.91 47.83 -20.78
C VAL B 208 -8.61 49.11 -20.33
N SER B 209 -9.94 49.09 -20.33
CA SER B 209 -10.71 50.19 -19.80
C SER B 209 -11.00 49.90 -18.33
N THR B 210 -10.48 50.76 -17.45
CA THR B 210 -10.68 50.55 -16.02
C THR B 210 -10.38 51.84 -15.28
N PRO B 211 -11.11 52.15 -14.20
CA PRO B 211 -12.33 51.51 -13.70
C PRO B 211 -13.58 52.05 -14.38
N TYR B 212 -14.27 51.28 -15.23
CA TYR B 212 -15.45 51.79 -15.90
C TYR B 212 -16.61 50.82 -15.71
N VAL B 213 -17.82 51.34 -15.86
CA VAL B 213 -19.04 50.56 -15.83
C VAL B 213 -19.85 51.01 -17.05
N PRO B 214 -20.21 50.11 -17.96
CA PRO B 214 -20.92 50.53 -19.18
C PRO B 214 -22.29 51.11 -18.86
N VAL B 215 -22.74 52.00 -19.73
CA VAL B 215 -24.00 52.73 -19.51
C VAL B 215 -24.98 52.53 -20.66
N GLU B 216 -24.62 52.98 -21.86
CA GLU B 216 -25.55 53.07 -22.98
C GLU B 216 -25.24 52.04 -24.05
N LEU B 217 -26.25 51.26 -24.43
CA LEU B 217 -26.15 50.31 -25.55
C LEU B 217 -26.69 50.97 -26.82
N ILE B 218 -25.81 51.70 -27.51
CA ILE B 218 -26.19 52.40 -28.72
C ILE B 218 -26.45 51.38 -29.83
N GLY B 219 -27.67 51.40 -30.37
CA GLY B 219 -28.00 50.50 -31.46
C GLY B 219 -29.47 50.48 -31.84
N ASP B 220 -29.73 50.52 -33.15
CA ASP B 220 -31.10 50.37 -33.64
C ASP B 220 -31.57 48.94 -33.45
N ASP B 221 -30.73 47.97 -33.83
CA ASP B 221 -30.92 46.56 -33.48
C ASP B 221 -29.63 45.84 -33.12
N LYS B 222 -28.48 46.24 -33.67
CA LYS B 222 -27.18 45.70 -33.32
C LYS B 222 -26.38 46.76 -32.56
N ILE B 223 -25.69 46.33 -31.50
CA ILE B 223 -24.89 47.24 -30.70
C ILE B 223 -23.61 47.61 -31.45
N GLU B 224 -23.47 48.90 -31.77
CA GLU B 224 -22.27 49.41 -32.42
C GLU B 224 -21.48 50.40 -31.57
N GLN B 225 -22.07 50.97 -30.52
CA GLN B 225 -21.37 51.86 -29.63
C GLN B 225 -21.79 51.60 -28.19
N VAL B 226 -20.85 51.70 -27.26
CA VAL B 226 -21.10 51.50 -25.84
C VAL B 226 -20.54 52.69 -25.07
N VAL B 227 -21.41 53.44 -24.42
CA VAL B 227 -20.99 54.57 -23.58
C VAL B 227 -20.72 54.05 -22.17
N LEU B 228 -19.52 54.31 -21.67
CA LEU B 228 -19.09 53.89 -20.34
C LEU B 228 -19.36 55.00 -19.33
N GLN B 229 -18.86 54.81 -18.11
CA GLN B 229 -18.89 55.85 -17.08
C GLN B 229 -17.89 55.46 -16.01
N HIS B 230 -16.95 56.36 -15.73
CA HIS B 230 -15.92 56.10 -14.74
C HIS B 230 -16.57 55.85 -13.39
N VAL B 231 -15.96 54.95 -12.60
CA VAL B 231 -16.51 54.67 -11.28
C VAL B 231 -16.26 55.82 -10.32
N LYS B 232 -15.14 56.52 -10.48
CA LYS B 232 -14.74 57.59 -9.57
C LYS B 232 -14.96 58.99 -10.14
N THR B 233 -14.55 59.23 -11.38
CA THR B 233 -14.70 60.55 -12.00
C THR B 233 -15.97 60.67 -12.82
N GLU B 234 -16.63 59.55 -13.13
CA GLU B 234 -17.95 59.52 -13.75
C GLU B 234 -17.98 60.26 -15.10
N GLU B 235 -16.92 60.11 -15.88
CA GLU B 235 -16.89 60.64 -17.24
C GLU B 235 -17.33 59.54 -18.21
N LYS B 236 -18.12 59.92 -19.21
CA LYS B 236 -18.64 58.95 -20.18
C LYS B 236 -17.71 58.91 -21.39
N VAL B 237 -17.17 57.73 -21.67
CA VAL B 237 -16.27 57.51 -22.79
C VAL B 237 -16.88 56.39 -23.64
N ILE B 238 -17.28 56.73 -24.86
CA ILE B 238 -17.88 55.79 -25.80
C ILE B 238 -16.81 55.25 -26.75
N ILE B 239 -16.90 53.96 -27.08
CA ILE B 239 -16.00 53.32 -28.04
C ILE B 239 -16.83 52.52 -29.03
N ASP B 240 -16.57 52.74 -30.32
CA ASP B 240 -17.26 52.04 -31.39
C ASP B 240 -16.88 50.56 -31.43
N VAL B 241 -17.89 49.69 -31.50
CA VAL B 241 -17.70 48.24 -31.49
C VAL B 241 -18.53 47.62 -32.61
N ASP B 242 -18.26 46.35 -32.89
CA ASP B 242 -19.10 45.54 -33.76
C ASP B 242 -19.78 44.39 -33.05
N ASP B 243 -19.11 43.79 -32.06
CA ASP B 243 -19.68 42.71 -31.26
C ASP B 243 -19.33 42.95 -29.80
N VAL B 244 -20.26 42.58 -28.91
CA VAL B 244 -20.14 42.82 -27.48
C VAL B 244 -20.27 41.50 -26.74
N ILE B 245 -19.35 41.24 -25.81
CA ILE B 245 -19.27 39.98 -25.08
C ILE B 245 -19.42 40.26 -23.59
N VAL B 246 -20.40 39.61 -22.96
CA VAL B 246 -20.63 39.72 -21.52
C VAL B 246 -20.37 38.36 -20.91
N ASN B 247 -19.42 38.29 -19.97
CA ASN B 247 -19.08 37.01 -19.34
C ASN B 247 -18.80 37.23 -17.84
N TYR B 248 -19.87 37.26 -17.07
CA TYR B 248 -19.75 37.35 -15.61
C TYR B 248 -19.67 35.96 -14.98
N GLY B 249 -20.20 34.94 -15.64
CA GLY B 249 -20.05 33.58 -15.17
C GLY B 249 -21.26 33.02 -14.46
N PHE B 250 -21.14 32.91 -13.13
CA PHE B 250 -22.17 32.40 -12.23
C PHE B 250 -22.47 30.92 -12.48
N VAL B 251 -22.90 30.24 -11.42
CA VAL B 251 -23.29 28.83 -11.50
C VAL B 251 -24.76 28.76 -11.09
N SER B 252 -25.43 27.74 -11.62
CA SER B 252 -26.85 27.58 -11.34
C SER B 252 -27.06 27.10 -9.92
N SER B 253 -28.30 27.24 -9.45
CA SER B 253 -28.66 26.69 -8.16
C SER B 253 -28.59 25.18 -8.24
N LEU B 254 -28.32 24.55 -7.09
CA LEU B 254 -28.12 23.11 -7.09
C LEU B 254 -29.42 22.38 -7.34
N GLY B 255 -30.50 22.80 -6.70
CA GLY B 255 -31.77 22.16 -6.90
C GLY B 255 -31.77 20.79 -6.25
N PRO B 256 -31.96 19.74 -7.05
CA PRO B 256 -32.06 18.38 -6.47
C PRO B 256 -30.79 17.95 -5.77
N ILE B 257 -29.68 18.68 -5.94
CA ILE B 257 -28.47 18.34 -5.19
C ILE B 257 -28.66 18.68 -3.72
N LYS B 258 -29.45 19.72 -3.44
CA LYS B 258 -29.69 20.17 -2.07
C LYS B 258 -30.62 19.21 -1.32
N ASN B 259 -31.51 18.53 -2.02
CA ASN B 259 -32.53 17.68 -1.39
C ASN B 259 -32.09 16.22 -1.27
N TRP B 260 -30.79 15.94 -1.36
CA TRP B 260 -30.29 14.59 -1.25
C TRP B 260 -29.68 14.30 0.11
N GLY B 261 -29.86 15.20 1.08
CA GLY B 261 -29.23 15.02 2.36
C GLY B 261 -27.73 15.22 2.33
N LEU B 262 -27.22 15.95 1.33
CA LEU B 262 -25.79 16.19 1.20
C LEU B 262 -25.42 17.51 1.88
N ASP B 263 -24.33 17.48 2.64
CA ASP B 263 -23.80 18.69 3.26
C ASP B 263 -23.22 19.58 2.18
N ILE B 264 -23.86 20.73 1.95
CA ILE B 264 -23.52 21.62 0.85
C ILE B 264 -23.07 22.96 1.42
N GLN B 265 -21.91 23.41 0.98
CA GLN B 265 -21.33 24.69 1.40
C GLN B 265 -20.99 25.50 0.16
N LYS B 266 -21.61 26.67 0.02
CA LYS B 266 -21.31 27.61 -1.06
C LYS B 266 -21.55 27.00 -2.44
N ASN B 267 -22.76 26.48 -2.65
CA ASN B 267 -23.13 25.88 -3.94
C ASN B 267 -22.15 24.79 -4.33
N SER B 268 -21.56 24.15 -3.33
CA SER B 268 -20.58 23.10 -3.51
C SER B 268 -20.76 22.06 -2.43
N ILE B 269 -20.58 20.79 -2.79
CA ILE B 269 -20.74 19.70 -1.84
C ILE B 269 -19.47 19.58 -1.01
N LEU B 270 -19.64 19.60 0.31
CA LEU B 270 -18.52 19.48 1.24
C LEU B 270 -18.03 18.04 1.25
N VAL B 271 -16.75 17.84 0.94
CA VAL B 271 -16.17 16.50 0.84
C VAL B 271 -14.93 16.42 1.72
N ASN B 272 -14.60 15.19 2.12
CA ASN B 272 -13.39 14.96 2.90
C ASN B 272 -12.20 14.89 1.95
N SER B 273 -11.02 14.62 2.50
CA SER B 273 -9.84 14.44 1.64
C SER B 273 -10.01 13.22 0.75
N LYS B 274 -10.81 12.25 1.18
CA LYS B 274 -11.15 11.07 0.40
C LYS B 274 -12.23 11.34 -0.63
N MET B 275 -12.57 12.62 -0.85
CA MET B 275 -13.64 13.02 -1.76
C MET B 275 -14.99 12.42 -1.36
N GLU B 276 -15.14 12.12 -0.07
CA GLU B 276 -16.35 11.50 0.45
C GLU B 276 -17.35 12.56 0.91
N THR B 277 -18.60 12.40 0.51
CA THR B 277 -19.67 13.20 1.07
C THR B 277 -20.07 12.64 2.44
N ASN B 278 -21.05 13.28 3.07
CA ASN B 278 -21.55 12.81 4.36
C ASN B 278 -22.35 11.51 4.24
N ILE B 279 -22.67 11.07 3.04
CA ILE B 279 -23.43 9.85 2.81
C ILE B 279 -22.47 8.75 2.42
N PRO B 280 -22.46 7.61 3.10
CA PRO B 280 -21.54 6.53 2.71
C PRO B 280 -21.84 6.03 1.30
N GLY B 281 -20.79 5.99 0.48
CA GLY B 281 -20.91 5.52 -0.89
C GLY B 281 -21.09 6.59 -1.95
N ILE B 282 -21.33 7.84 -1.54
CA ILE B 282 -21.49 8.94 -2.49
C ILE B 282 -20.23 9.80 -2.46
N TYR B 283 -19.63 9.99 -3.63
CA TYR B 283 -18.41 10.76 -3.77
C TYR B 283 -18.64 11.90 -4.75
N ALA B 284 -17.82 12.94 -4.62
CA ALA B 284 -17.92 14.12 -5.46
C ALA B 284 -16.52 14.64 -5.75
N ALA B 285 -16.35 15.21 -6.94
CA ALA B 285 -15.04 15.72 -7.34
C ALA B 285 -15.24 16.81 -8.39
N GLY B 286 -14.14 17.48 -8.71
CA GLY B 286 -14.20 18.58 -9.66
C GLY B 286 -14.45 19.90 -8.98
N ASP B 287 -15.25 20.76 -9.61
CA ASP B 287 -15.62 22.03 -9.01
C ASP B 287 -16.83 21.93 -8.08
N ILE B 288 -17.65 20.88 -8.22
CA ILE B 288 -18.85 20.75 -7.41
C ILE B 288 -18.51 20.42 -5.96
N CYS B 289 -17.33 19.87 -5.70
CA CYS B 289 -16.91 19.56 -4.34
C CYS B 289 -16.17 20.73 -3.73
N THR B 290 -16.03 20.70 -2.41
CA THR B 290 -15.31 21.74 -1.69
C THR B 290 -14.79 21.23 -0.35
N TYR B 291 -13.73 21.85 0.14
CA TYR B 291 -13.13 21.51 1.42
C TYR B 291 -12.22 22.67 1.83
N GLU B 292 -11.41 22.45 2.86
CA GLU B 292 -10.49 23.48 3.32
C GLU B 292 -9.39 23.68 2.29
N GLY B 293 -9.29 24.90 1.76
CA GLY B 293 -8.24 25.19 0.80
C GLY B 293 -8.44 24.62 -0.58
N LYS B 294 -9.62 24.10 -0.89
CA LYS B 294 -9.91 23.61 -2.23
C LYS B 294 -9.71 24.72 -3.25
N VAL B 295 -9.05 24.40 -4.36
CA VAL B 295 -8.82 25.32 -5.47
C VAL B 295 -9.58 24.79 -6.68
N LYS B 296 -10.53 25.57 -7.18
CA LYS B 296 -11.37 25.18 -8.32
C LYS B 296 -10.57 25.29 -9.61
N LEU B 297 -9.83 24.22 -9.91
CA LEU B 297 -9.01 24.15 -11.11
C LEU B 297 -9.29 22.87 -11.89
N ILE B 298 -8.81 22.84 -13.14
CA ILE B 298 -8.83 21.61 -13.92
C ILE B 298 -7.72 20.68 -13.44
N ALA B 299 -6.59 21.24 -13.00
CA ALA B 299 -5.56 20.39 -12.42
C ALA B 299 -6.05 19.75 -11.13
N CYS B 300 -6.75 20.52 -10.30
CA CYS B 300 -7.35 19.95 -9.09
C CYS B 300 -8.47 18.99 -9.43
N GLY B 301 -9.36 19.39 -10.34
CA GLY B 301 -10.45 18.51 -10.74
C GLY B 301 -9.97 17.20 -11.31
N PHE B 302 -8.80 17.20 -11.97
CA PHE B 302 -8.21 15.96 -12.46
C PHE B 302 -7.59 15.14 -11.33
N GLY B 303 -7.03 15.80 -10.31
CA GLY B 303 -6.40 15.08 -9.21
C GLY B 303 -7.36 14.60 -8.14
N GLU B 304 -8.57 15.19 -8.08
CA GLU B 304 -9.61 14.72 -7.17
C GLU B 304 -10.34 13.51 -7.71
N ALA B 305 -10.23 13.24 -9.02
CA ALA B 305 -10.91 12.09 -9.60
C ALA B 305 -10.31 10.78 -9.11
N PRO B 306 -9.00 10.52 -9.22
CA PRO B 306 -8.49 9.23 -8.72
C PRO B 306 -8.63 9.11 -7.21
N THR B 307 -8.61 10.24 -6.50
CA THR B 307 -8.89 10.22 -5.07
C THR B 307 -10.28 9.65 -4.79
N ALA B 308 -11.25 9.98 -5.65
CA ALA B 308 -12.61 9.51 -5.43
C ALA B 308 -12.83 8.10 -5.98
N VAL B 309 -12.18 7.75 -7.10
CA VAL B 309 -12.39 6.42 -7.68
C VAL B 309 -11.74 5.36 -6.81
N ASN B 310 -10.51 5.60 -6.35
CA ASN B 310 -9.81 4.59 -5.56
C ASN B 310 -10.50 4.36 -4.23
N ASN B 311 -10.90 5.44 -3.55
CA ASN B 311 -11.59 5.29 -2.28
C ASN B 311 -13.00 4.73 -2.46
N ALA B 312 -13.58 4.85 -3.65
CA ALA B 312 -14.84 4.19 -3.95
C ALA B 312 -14.63 2.73 -4.36
N LYS B 313 -13.55 2.44 -5.08
CA LYS B 313 -13.20 1.05 -5.38
C LYS B 313 -13.07 0.23 -4.11
N ALA B 314 -12.56 0.84 -3.04
CA ALA B 314 -12.51 0.23 -1.71
C ALA B 314 -13.85 0.23 -1.01
N TYR B 315 -14.89 0.83 -1.60
CA TYR B 315 -16.22 0.83 -1.00
C TYR B 315 -17.04 -0.38 -1.44
N PHE B 316 -17.08 -0.68 -2.75
CA PHE B 316 -17.87 -1.80 -3.23
C PHE B 316 -17.03 -3.04 -3.48
N ASP B 317 -15.71 -2.94 -3.42
CA ASP B 317 -14.81 -4.05 -3.66
C ASP B 317 -13.79 -4.08 -2.54
N PRO B 318 -13.91 -5.01 -1.60
CA PRO B 318 -12.95 -5.06 -0.47
C PRO B 318 -11.54 -5.45 -0.89
N ASN B 319 -11.40 -6.46 -1.75
CA ASN B 319 -10.07 -6.98 -2.11
C ASN B 319 -9.51 -6.26 -3.33
N ALA B 320 -9.51 -4.93 -3.31
CA ALA B 320 -8.84 -4.11 -4.31
C ALA B 320 -7.97 -3.09 -3.59
N LYS B 321 -6.68 -3.10 -3.89
CA LYS B 321 -5.76 -2.17 -3.25
C LYS B 321 -6.05 -0.74 -3.70
N LEU B 322 -5.95 0.19 -2.76
CA LEU B 322 -6.11 1.61 -3.08
C LEU B 322 -5.08 2.08 -4.08
N GLN B 323 -3.92 1.43 -4.12
CA GLN B 323 -2.86 1.80 -5.04
C GLN B 323 -2.90 0.88 -6.26
N PRO B 324 -3.32 1.36 -7.44
CA PRO B 324 -3.26 0.51 -8.64
C PRO B 324 -1.84 0.26 -9.08
N MET B 325 -1.66 -0.34 -10.26
CA MET B 325 -0.33 -0.60 -10.76
C MET B 325 0.13 0.54 -11.66
N VAL B 326 1.39 0.46 -12.09
CA VAL B 326 1.90 1.34 -13.13
C VAL B 326 0.92 1.35 -14.29
N SER B 327 0.74 2.52 -14.91
CA SER B 327 -0.16 2.61 -16.05
C SER B 327 0.29 1.76 -17.23
N SER B 328 1.49 1.17 -17.16
CA SER B 328 2.00 0.30 -18.21
C SER B 328 1.73 -1.18 -17.93
N SER B 329 1.74 -1.58 -16.65
CA SER B 329 1.49 -2.97 -16.29
C SER B 329 -0.01 -3.24 -16.20
N MET B 330 -0.79 -2.47 -16.96
CA MET B 330 -2.22 -2.73 -17.14
C MET B 330 -2.53 -2.67 -18.63
N PHE B 331 -1.73 -1.92 -19.38
CA PHE B 331 -1.87 -1.84 -20.83
C PHE B 331 -1.16 -3.01 -21.50
N ASN C 6 22.79 34.31 -0.91
CA ASN C 6 22.81 35.14 0.30
C ASN C 6 21.41 35.31 0.88
N GLN C 7 21.05 36.56 1.17
CA GLN C 7 19.76 36.91 1.76
C GLN C 7 18.64 37.04 0.72
N LYS C 8 18.71 36.25 -0.36
CA LYS C 8 17.64 36.23 -1.37
C LYS C 8 16.42 35.53 -0.78
N VAL C 9 15.66 36.28 0.02
CA VAL C 9 14.43 35.73 0.60
C VAL C 9 13.37 35.63 -0.49
N TYR C 10 12.91 34.41 -0.73
CA TYR C 10 11.89 34.16 -1.75
C TYR C 10 10.50 34.15 -1.10
N ASP C 11 9.51 33.65 -1.83
CA ASP C 11 8.16 33.49 -1.31
C ASP C 11 7.80 32.03 -1.13
N ILE C 12 8.07 31.21 -2.14
CA ILE C 12 7.88 29.77 -2.06
C ILE C 12 9.13 29.11 -2.61
N THR C 13 9.80 28.32 -1.78
CA THR C 13 10.93 27.51 -2.20
C THR C 13 10.48 26.05 -2.17
N ILE C 14 10.59 25.37 -3.31
CA ILE C 14 10.11 24.01 -3.47
C ILE C 14 11.29 23.06 -3.36
N ILE C 15 11.25 22.16 -2.38
CA ILE C 15 12.27 21.13 -2.24
C ILE C 15 11.91 19.99 -3.18
N GLY C 16 12.68 19.82 -4.25
CA GLY C 16 12.45 18.75 -5.19
C GLY C 16 11.97 19.23 -6.54
N GLY C 17 12.78 18.98 -7.58
CA GLY C 17 12.42 19.32 -8.94
C GLY C 17 11.78 18.18 -9.69
N GLY C 18 10.96 17.38 -9.00
CA GLY C 18 10.26 16.30 -9.64
C GLY C 18 9.06 16.82 -10.42
N PRO C 19 8.22 15.91 -10.91
CA PRO C 19 7.06 16.35 -11.70
C PRO C 19 6.07 17.17 -10.89
N THR C 20 5.92 16.88 -9.60
CA THR C 20 5.10 17.72 -8.75
C THR C 20 5.74 19.10 -8.58
N GLY C 21 7.07 19.15 -8.48
CA GLY C 21 7.75 20.42 -8.28
C GLY C 21 7.75 21.32 -9.51
N LEU C 22 7.87 20.72 -10.71
CA LEU C 22 7.86 21.53 -11.92
C LEU C 22 6.49 22.14 -12.13
N PHE C 23 5.44 21.35 -11.96
CA PHE C 23 4.09 21.89 -12.09
C PHE C 23 3.80 22.90 -11.00
N THR C 24 4.30 22.65 -9.78
CA THR C 24 4.18 23.64 -8.71
C THR C 24 4.94 24.91 -9.08
N ALA C 25 6.10 24.75 -9.73
CA ALA C 25 6.86 25.91 -10.18
C ALA C 25 6.09 26.71 -11.23
N PHE C 26 5.34 26.03 -12.09
CA PHE C 26 4.48 26.75 -13.02
C PHE C 26 3.48 27.62 -12.26
N TYR C 27 2.81 27.03 -11.28
CA TYR C 27 1.79 27.76 -10.54
C TYR C 27 2.35 28.78 -9.56
N GLY C 28 3.65 28.72 -9.27
CA GLY C 28 4.22 29.66 -8.30
C GLY C 28 4.20 31.11 -8.76
N GLY C 29 4.69 31.38 -9.98
CA GLY C 29 4.62 32.73 -10.51
C GLY C 29 3.21 33.25 -10.64
N MET C 30 2.23 32.36 -10.82
CA MET C 30 0.84 32.73 -11.04
C MET C 30 0.20 33.50 -9.88
N ARG C 31 0.78 33.48 -8.68
CA ARG C 31 0.25 34.26 -7.57
C ARG C 31 1.24 35.30 -7.02
N GLN C 32 2.17 35.77 -7.87
CA GLN C 32 3.18 36.76 -7.49
C GLN C 32 4.03 36.28 -6.31
N ALA C 33 4.70 35.15 -6.53
CA ALA C 33 5.61 34.59 -5.55
C ALA C 33 6.97 34.41 -6.21
N SER C 34 8.01 34.87 -5.55
CA SER C 34 9.36 34.53 -5.98
C SER C 34 9.59 33.05 -5.68
N VAL C 35 9.79 32.27 -6.73
CA VAL C 35 9.81 30.81 -6.62
C VAL C 35 11.23 30.31 -6.76
N LYS C 36 11.61 29.37 -5.90
CA LYS C 36 12.93 28.75 -5.95
C LYS C 36 12.75 27.24 -6.02
N ILE C 37 13.39 26.60 -7.00
CA ILE C 37 13.41 25.16 -7.14
C ILE C 37 14.80 24.67 -6.82
N ILE C 38 14.89 23.65 -5.98
CA ILE C 38 16.16 23.00 -5.65
C ILE C 38 16.04 21.53 -6.01
N GLU C 39 17.01 21.04 -6.77
CA GLU C 39 17.01 19.66 -7.26
C GLU C 39 18.36 19.05 -6.95
N SER C 40 18.35 17.83 -6.40
CA SER C 40 19.58 17.13 -6.08
C SER C 40 20.27 16.59 -7.32
N LEU C 41 19.50 16.22 -8.34
CA LEU C 41 20.03 15.70 -9.59
C LEU C 41 20.62 16.80 -10.46
N PRO C 42 21.51 16.45 -11.39
CA PRO C 42 21.88 17.36 -12.46
C PRO C 42 20.85 17.45 -13.56
N GLN C 43 19.64 16.91 -13.33
CA GLN C 43 18.60 16.89 -14.32
C GLN C 43 17.26 17.02 -13.60
N LEU C 44 16.32 17.71 -14.24
CA LEU C 44 14.97 17.85 -13.74
C LEU C 44 14.09 16.70 -14.23
N GLY C 45 13.04 16.41 -13.47
CA GLY C 45 12.14 15.32 -13.82
C GLY C 45 11.83 14.39 -12.67
N GLY C 46 12.68 14.37 -11.66
CA GLY C 46 12.46 13.50 -10.51
C GLY C 46 12.48 12.04 -10.89
N GLN C 47 11.41 11.30 -10.57
CA GLN C 47 11.39 9.87 -10.87
C GLN C 47 11.24 9.59 -12.37
N LEU C 48 10.57 10.48 -13.12
CA LEU C 48 10.33 10.19 -14.53
C LEU C 48 11.62 10.26 -15.34
N SER C 49 12.32 11.40 -15.28
CA SER C 49 13.54 11.56 -16.04
C SER C 49 14.65 10.62 -15.57
N ALA C 50 14.61 10.23 -14.29
CA ALA C 50 15.70 9.46 -13.71
C ALA C 50 15.47 7.95 -13.78
N LEU C 51 14.23 7.48 -13.67
CA LEU C 51 13.96 6.06 -13.54
C LEU C 51 13.29 5.41 -14.75
N TYR C 52 12.66 6.17 -15.64
CA TYR C 52 12.07 5.54 -16.82
C TYR C 52 11.78 6.58 -17.90
N PRO C 53 12.78 7.37 -18.32
CA PRO C 53 12.49 8.51 -19.20
C PRO C 53 12.00 8.08 -20.57
N GLU C 54 12.29 6.86 -21.00
CA GLU C 54 11.90 6.40 -22.32
C GLU C 54 10.54 5.74 -22.32
N LYS C 55 10.05 5.33 -21.16
CA LYS C 55 8.79 4.62 -21.08
C LYS C 55 7.63 5.57 -21.37
N TYR C 56 6.55 4.99 -21.89
CA TYR C 56 5.32 5.73 -22.19
C TYR C 56 4.37 5.59 -21.01
N ILE C 57 3.76 6.69 -20.61
CA ILE C 57 2.83 6.73 -19.47
C ILE C 57 1.43 7.01 -19.99
N TYR C 58 0.44 6.34 -19.39
CA TYR C 58 -0.92 6.34 -19.89
C TYR C 58 -1.94 6.89 -18.91
N ASP C 59 -1.61 7.01 -17.63
CA ASP C 59 -2.53 7.52 -16.62
C ASP C 59 -2.33 9.01 -16.38
N VAL C 60 -1.80 9.73 -17.36
CA VAL C 60 -1.68 11.18 -17.30
C VAL C 60 -2.92 11.81 -17.93
N ALA C 61 -3.57 12.70 -17.17
CA ALA C 61 -4.81 13.31 -17.62
C ALA C 61 -4.59 14.09 -18.91
N GLY C 62 -5.34 13.73 -19.95
CA GLY C 62 -5.23 14.35 -21.25
C GLY C 62 -4.28 13.64 -22.20
N PHE C 63 -3.40 12.79 -21.68
CA PHE C 63 -2.40 12.06 -22.45
C PHE C 63 -2.76 10.58 -22.47
N PRO C 64 -3.46 10.10 -23.49
CA PRO C 64 -3.66 8.65 -23.61
C PRO C 64 -2.37 7.88 -23.75
N LYS C 65 -1.29 8.54 -24.18
CA LYS C 65 0.02 7.92 -24.33
C LYS C 65 1.09 9.00 -24.53
N VAL C 66 1.94 9.19 -23.54
CA VAL C 66 3.00 10.19 -23.59
C VAL C 66 4.27 9.58 -23.03
N ARG C 67 5.40 9.91 -23.64
CA ARG C 67 6.67 9.44 -23.10
C ARG C 67 6.99 10.18 -21.80
N ALA C 68 7.71 9.48 -20.91
CA ALA C 68 8.01 10.03 -19.60
C ALA C 68 8.81 11.32 -19.72
N GLN C 69 9.92 11.28 -20.46
CA GLN C 69 10.73 12.48 -20.63
C GLN C 69 9.98 13.56 -21.41
N GLU C 70 9.12 13.15 -22.35
CA GLU C 70 8.30 14.14 -23.07
C GLU C 70 7.38 14.90 -22.12
N LEU C 71 6.93 14.26 -21.05
CA LEU C 71 6.10 14.94 -20.07
C LEU C 71 6.93 15.90 -19.21
N VAL C 72 8.17 15.52 -18.91
CA VAL C 72 9.06 16.42 -18.16
C VAL C 72 9.31 17.70 -18.96
N ASP C 73 9.62 17.54 -20.25
CA ASP C 73 9.84 18.70 -21.11
C ASP C 73 8.57 19.52 -21.27
N ASN C 74 7.42 18.85 -21.32
CA ASN C 74 6.16 19.59 -21.34
C ASN C 74 5.94 20.36 -20.04
N LEU C 75 6.47 19.86 -18.93
CA LEU C 75 6.39 20.61 -17.67
C LEU C 75 7.40 21.74 -17.62
N LYS C 76 8.64 21.48 -18.05
CA LYS C 76 9.66 22.53 -18.03
C LYS C 76 9.33 23.65 -19.01
N GLU C 77 8.85 23.29 -20.21
CA GLU C 77 8.42 24.32 -21.16
C GLU C 77 7.26 25.12 -20.62
N GLN C 78 6.32 24.44 -19.96
CA GLN C 78 5.24 25.13 -19.28
C GLN C 78 5.76 25.98 -18.12
N MET C 79 6.89 25.59 -17.54
CA MET C 79 7.42 26.27 -16.36
C MET C 79 8.25 27.50 -16.71
N LYS C 80 9.04 27.43 -17.79
CA LYS C 80 9.91 28.56 -18.14
C LYS C 80 9.14 29.84 -18.43
N LYS C 81 7.81 29.78 -18.56
CA LYS C 81 7.02 31.00 -18.71
C LYS C 81 7.10 31.89 -17.46
N PHE C 82 7.48 31.34 -16.31
CA PHE C 82 7.60 32.12 -15.09
C PHE C 82 9.00 32.09 -14.52
N ASP C 83 9.87 31.21 -15.02
CA ASP C 83 11.29 31.15 -14.73
C ASP C 83 11.60 31.19 -13.24
N PRO C 84 11.35 30.11 -12.50
CA PRO C 84 11.77 30.09 -11.10
C PRO C 84 13.27 29.86 -10.99
N THR C 85 13.85 30.38 -9.91
CA THR C 85 15.28 30.21 -9.64
C THR C 85 15.55 28.75 -9.31
N VAL C 86 16.13 28.02 -10.26
CA VAL C 86 16.38 26.59 -10.11
C VAL C 86 17.84 26.39 -9.74
N CYS C 87 18.08 25.95 -8.51
CA CYS C 87 19.43 25.64 -8.02
C CYS C 87 19.54 24.12 -7.98
N LEU C 88 20.24 23.56 -8.95
CA LEU C 88 20.39 22.12 -9.10
C LEU C 88 21.54 21.58 -8.27
N GLU C 89 21.52 20.26 -8.05
CA GLU C 89 22.60 19.53 -7.39
C GLU C 89 22.86 20.06 -5.97
N GLU C 90 21.78 20.40 -5.27
CA GLU C 90 21.82 20.83 -3.89
C GLU C 90 20.83 19.96 -3.12
N ALA C 91 21.31 19.27 -2.09
CA ALA C 91 20.45 18.43 -1.27
C ALA C 91 20.14 19.16 0.03
N VAL C 92 18.87 19.48 0.23
CA VAL C 92 18.45 20.22 1.41
C VAL C 92 18.69 19.35 2.65
N ASP C 93 19.48 19.88 3.59
CA ASP C 93 19.79 19.18 4.83
C ASP C 93 19.05 19.72 6.03
N THR C 94 19.04 21.04 6.22
CA THR C 94 18.39 21.66 7.36
C THR C 94 17.22 22.52 6.89
N LEU C 95 16.10 22.41 7.59
CA LEU C 95 14.92 23.20 7.31
C LEU C 95 14.39 23.68 8.65
N GLU C 96 14.65 24.94 8.97
CA GLU C 96 14.33 25.53 10.26
C GLU C 96 13.64 26.86 10.06
N LYS C 97 12.62 27.12 10.87
CA LYS C 97 11.98 28.43 10.86
C LYS C 97 12.77 29.36 11.78
N GLN C 98 13.35 30.42 11.20
CA GLN C 98 14.16 31.31 12.03
C GLN C 98 13.25 32.16 12.92
N ALA C 99 13.89 33.03 13.70
CA ALA C 99 13.17 33.85 14.66
C ALA C 99 12.28 34.89 13.97
N ASP C 100 12.54 35.19 12.70
CA ASP C 100 11.82 36.22 11.97
C ASP C 100 10.77 35.64 11.03
N GLY C 101 10.46 34.35 11.15
CA GLY C 101 9.49 33.70 10.29
C GLY C 101 10.08 33.17 9.00
N ILE C 102 11.23 33.70 8.59
CA ILE C 102 11.88 33.22 7.38
C ILE C 102 12.51 31.86 7.66
N PHE C 103 12.43 30.96 6.69
CA PHE C 103 12.99 29.63 6.86
C PHE C 103 14.44 29.62 6.42
N LYS C 104 15.27 28.93 7.21
CA LYS C 104 16.70 28.78 6.93
C LYS C 104 16.91 27.39 6.31
N LEU C 105 17.25 27.37 5.03
CA LEU C 105 17.51 26.14 4.29
C LEU C 105 19.00 26.08 3.97
N VAL C 106 19.67 25.04 4.44
CA VAL C 106 21.09 24.83 4.19
C VAL C 106 21.27 23.59 3.33
N THR C 107 21.86 23.77 2.15
CA THR C 107 22.18 22.69 1.25
C THR C 107 23.69 22.45 1.30
N ASN C 108 24.22 21.71 0.33
CA ASN C 108 25.66 21.56 0.20
C ASN C 108 26.32 22.81 -0.38
N LYS C 109 25.60 23.63 -1.13
CA LYS C 109 26.19 24.85 -1.68
C LYS C 109 25.98 26.03 -0.73
N GLN C 110 24.80 26.65 -0.77
CA GLN C 110 24.58 27.89 -0.03
C GLN C 110 23.36 27.74 0.87
N THR C 111 23.07 28.81 1.59
CA THR C 111 21.91 28.87 2.47
C THR C 111 20.86 29.75 1.80
N HIS C 112 19.68 29.20 1.58
CA HIS C 112 18.58 29.91 0.95
C HIS C 112 17.54 30.24 2.00
N TYR C 113 16.80 31.31 1.73
CA TYR C 113 15.78 31.79 2.65
C TYR C 113 14.47 31.94 1.90
N SER C 114 13.37 31.73 2.61
CA SER C 114 12.04 31.76 2.00
C SER C 114 11.02 32.01 3.10
N LYS C 115 9.91 32.68 2.72
CA LYS C 115 8.81 32.84 3.67
C LYS C 115 8.04 31.54 3.87
N SER C 116 7.87 30.74 2.82
CA SER C 116 7.21 29.44 2.95
C SER C 116 7.94 28.41 2.09
N VAL C 117 7.77 27.16 2.47
CA VAL C 117 8.43 26.03 1.82
C VAL C 117 7.39 24.98 1.45
N ILE C 118 7.42 24.55 0.20
CA ILE C 118 6.58 23.46 -0.28
C ILE C 118 7.51 22.30 -0.64
N ILE C 119 7.30 21.15 0.00
CA ILE C 119 8.21 20.01 -0.13
C ILE C 119 7.57 18.99 -1.06
N THR C 120 8.10 18.89 -2.27
CA THR C 120 7.72 17.84 -3.21
C THR C 120 8.97 17.00 -3.48
N ALA C 121 9.21 16.00 -2.65
CA ALA C 121 10.41 15.20 -2.75
C ALA C 121 10.14 13.73 -3.05
N GLY C 122 8.88 13.35 -3.23
CA GLY C 122 8.54 12.01 -3.69
C GLY C 122 9.03 10.87 -2.81
N ASN C 123 10.10 10.19 -3.23
CA ASN C 123 10.65 9.06 -2.49
C ASN C 123 12.12 9.29 -2.18
N GLY C 124 12.47 10.50 -1.76
CA GLY C 124 13.84 10.86 -1.45
C GLY C 124 14.61 11.45 -2.61
N ALA C 125 15.87 11.74 -2.34
CA ALA C 125 16.71 12.36 -3.35
C ALA C 125 17.46 11.29 -4.13
N PHE C 126 17.89 11.65 -5.34
CA PHE C 126 18.34 10.68 -6.32
C PHE C 126 19.86 10.66 -6.53
N GLN C 127 20.61 10.75 -5.43
CA GLN C 127 22.05 10.59 -5.50
C GLN C 127 22.32 9.22 -6.15
N PRO C 128 22.99 9.17 -7.29
CA PRO C 128 23.11 7.89 -8.01
C PRO C 128 23.78 6.82 -7.17
N ARG C 129 23.75 5.61 -7.69
CA ARG C 129 24.41 4.52 -7.00
C ARG C 129 25.90 4.70 -7.11
N ARG C 130 26.57 4.71 -5.96
CA ARG C 130 28.01 4.94 -5.96
C ARG C 130 28.74 3.65 -6.22
N LEU C 131 29.96 3.54 -5.75
CA LEU C 131 30.69 2.32 -5.92
C LEU C 131 30.62 1.54 -4.60
N GLU C 132 31.35 0.42 -4.54
CA GLU C 132 31.38 -0.44 -3.36
C GLU C 132 32.81 -0.90 -3.14
N LEU C 133 33.74 -0.02 -3.45
CA LEU C 133 35.17 -0.26 -3.33
C LEU C 133 35.72 0.61 -2.20
N GLU C 134 37.01 0.46 -1.94
CA GLU C 134 37.65 1.29 -0.94
C GLU C 134 38.18 2.56 -1.60
N GLY C 135 38.47 3.58 -0.79
CA GLY C 135 39.01 4.82 -1.29
C GLY C 135 38.21 5.50 -2.39
N THR C 136 37.07 4.91 -2.77
CA THR C 136 36.20 5.46 -3.81
C THR C 136 35.91 6.94 -3.61
N ALA C 137 35.51 7.33 -2.39
CA ALA C 137 35.11 8.70 -2.13
C ALA C 137 36.23 9.72 -2.35
N LYS C 138 37.50 9.28 -2.32
CA LYS C 138 38.60 10.23 -2.44
C LYS C 138 38.94 10.51 -3.89
N TYR C 139 38.72 9.54 -4.77
CA TYR C 139 38.87 9.72 -6.21
C TYR C 139 37.80 10.64 -6.79
N GLU C 140 36.61 10.67 -6.20
CA GLU C 140 35.50 11.44 -6.77
C GLU C 140 35.80 12.93 -6.87
N LYS C 141 36.52 13.50 -5.90
CA LYS C 141 36.87 14.91 -6.01
C LYS C 141 37.84 15.19 -7.14
N LYS C 142 38.34 14.17 -7.83
CA LYS C 142 39.41 14.39 -8.80
C LYS C 142 39.09 13.86 -10.19
N ASN C 143 39.19 12.54 -10.38
CA ASN C 143 39.03 11.96 -11.71
C ASN C 143 37.98 10.85 -11.80
N LEU C 144 37.27 10.55 -10.72
CA LEU C 144 36.19 9.57 -10.73
C LEU C 144 34.87 10.32 -10.85
N HIS C 145 34.20 10.15 -11.99
CA HIS C 145 33.00 10.91 -12.29
C HIS C 145 31.77 10.01 -12.29
N TYR C 146 30.62 10.62 -11.97
CA TYR C 146 29.32 9.97 -12.11
C TYR C 146 28.37 10.70 -13.04
N PHE C 147 28.63 11.95 -13.37
CA PHE C 147 27.83 12.73 -14.32
C PHE C 147 28.74 13.28 -15.41
N VAL C 148 28.17 13.42 -16.60
CA VAL C 148 28.90 13.95 -17.74
C VAL C 148 28.50 15.42 -17.87
N ASP C 149 29.40 16.29 -17.43
CA ASP C 149 29.25 17.72 -17.67
C ASP C 149 29.65 17.95 -19.12
N ASP C 150 30.94 17.96 -19.38
CA ASP C 150 31.46 18.09 -20.73
C ASP C 150 31.96 16.74 -21.20
N MET C 151 31.47 16.29 -22.36
CA MET C 151 31.96 15.03 -22.91
C MET C 151 33.34 15.23 -23.53
N ASN C 152 33.64 16.45 -23.99
CA ASN C 152 34.88 16.75 -24.69
C ASN C 152 36.08 16.90 -23.76
N LYS C 153 35.86 17.14 -22.47
CA LYS C 153 36.99 17.24 -21.55
C LYS C 153 37.73 15.91 -21.44
N PHE C 154 37.06 14.81 -21.77
CA PHE C 154 37.64 13.48 -21.77
C PHE C 154 38.17 13.05 -23.14
N ALA C 155 38.15 13.95 -24.12
CA ALA C 155 38.67 13.61 -25.44
C ALA C 155 40.19 13.42 -25.36
N GLY C 156 40.69 12.39 -26.05
CA GLY C 156 42.08 12.05 -25.97
C GLY C 156 42.51 11.39 -24.67
N LYS C 157 41.59 11.17 -23.75
CA LYS C 157 41.86 10.55 -22.46
C LYS C 157 41.41 9.10 -22.47
N ARG C 158 42.15 8.24 -21.76
CA ARG C 158 41.70 6.88 -21.54
C ARG C 158 40.59 6.90 -20.49
N VAL C 159 39.38 6.52 -20.90
CA VAL C 159 38.19 6.63 -20.09
C VAL C 159 37.54 5.26 -19.97
N VAL C 160 37.20 4.88 -18.74
CA VAL C 160 36.49 3.64 -18.47
C VAL C 160 35.10 3.98 -17.97
N VAL C 161 34.11 3.17 -18.38
CA VAL C 161 32.71 3.41 -18.06
C VAL C 161 32.16 2.17 -17.36
N PHE C 162 31.40 2.39 -16.28
CA PHE C 162 30.83 1.31 -15.48
C PHE C 162 29.31 1.36 -15.58
N GLY C 163 28.70 0.21 -15.88
CA GLY C 163 27.25 0.12 -16.00
C GLY C 163 26.81 -0.72 -17.18
N GLY C 164 25.53 -1.09 -17.20
CA GLY C 164 24.99 -1.87 -18.30
C GLY C 164 23.71 -1.30 -18.86
N GLY C 165 23.14 -0.34 -18.14
CA GLY C 165 21.90 0.29 -18.54
C GLY C 165 22.03 1.12 -19.80
N ASP C 166 20.90 1.71 -20.20
CA ASP C 166 20.88 2.64 -21.33
C ASP C 166 21.84 3.81 -21.11
N SER C 167 21.91 4.33 -19.88
CA SER C 167 22.68 5.55 -19.62
C SER C 167 24.16 5.34 -19.88
N ALA C 168 24.70 4.17 -19.55
CA ALA C 168 26.12 3.93 -19.74
C ALA C 168 26.45 3.74 -21.22
N VAL C 169 25.54 3.11 -21.97
CA VAL C 169 25.82 2.83 -23.38
C VAL C 169 25.77 4.10 -24.21
N ASP C 170 24.83 5.00 -23.91
CA ASP C 170 24.70 6.22 -24.70
C ASP C 170 25.89 7.15 -24.44
N TRP C 171 26.26 7.32 -23.17
CA TRP C 171 27.41 8.15 -22.82
C TRP C 171 28.69 7.60 -23.45
N THR C 172 28.82 6.27 -23.51
CA THR C 172 30.00 5.64 -24.08
C THR C 172 30.10 5.89 -25.58
N MET C 173 28.99 5.77 -26.31
CA MET C 173 29.00 5.99 -27.75
C MET C 173 29.27 7.44 -28.11
N MET C 174 28.98 8.36 -27.19
CA MET C 174 29.34 9.76 -27.39
C MET C 174 30.82 9.99 -27.10
N LEU C 175 31.46 9.07 -26.39
CA LEU C 175 32.90 9.08 -26.16
C LEU C 175 33.68 8.34 -27.24
N GLU C 176 32.98 7.74 -28.21
CA GLU C 176 33.65 6.98 -29.26
C GLU C 176 34.51 7.84 -30.18
N PRO C 177 34.05 8.97 -30.71
CA PRO C 177 34.92 9.79 -31.57
C PRO C 177 35.80 10.78 -30.82
N ILE C 178 35.88 10.74 -29.49
CA ILE C 178 36.64 11.70 -28.72
C ILE C 178 37.72 11.04 -27.87
N ALA C 179 37.36 10.02 -27.10
CA ALA C 179 38.32 9.35 -26.23
C ALA C 179 39.23 8.43 -27.03
N GLU C 180 40.53 8.48 -26.74
CA GLU C 180 41.48 7.55 -27.34
C GLU C 180 41.05 6.11 -27.12
N LYS C 181 40.96 5.71 -25.85
CA LYS C 181 40.55 4.36 -25.47
C LYS C 181 39.39 4.50 -24.50
N VAL C 182 38.20 4.05 -24.92
CA VAL C 182 37.01 4.06 -24.07
C VAL C 182 36.63 2.61 -23.78
N THR C 183 36.45 2.30 -22.50
CA THR C 183 36.19 0.94 -22.06
C THR C 183 34.92 0.93 -21.22
N ILE C 184 34.03 -0.02 -21.51
CA ILE C 184 32.78 -0.17 -20.78
C ILE C 184 32.77 -1.54 -20.13
N VAL C 185 32.44 -1.58 -18.83
CA VAL C 185 32.50 -2.79 -18.04
C VAL C 185 31.11 -3.11 -17.51
N HIS C 186 30.69 -4.37 -17.64
CA HIS C 186 29.42 -4.84 -17.11
C HIS C 186 29.62 -6.27 -16.63
N ARG C 187 28.74 -6.72 -15.75
CA ARG C 187 28.91 -8.04 -15.16
C ARG C 187 28.34 -9.15 -16.02
N ARG C 188 27.73 -8.81 -17.16
CA ARG C 188 27.21 -9.80 -18.09
C ARG C 188 27.44 -9.30 -19.51
N ASP C 189 27.49 -10.25 -20.44
CA ASP C 189 27.69 -9.94 -21.85
C ASP C 189 26.45 -9.32 -22.45
N LYS C 190 25.37 -9.25 -21.69
CA LYS C 190 24.08 -8.75 -22.17
C LYS C 190 23.85 -7.43 -21.44
N PHE C 191 24.04 -6.33 -22.17
CA PHE C 191 23.79 -5.00 -21.65
C PHE C 191 22.29 -4.80 -21.52
N ARG C 192 21.80 -4.56 -20.29
CA ARG C 192 20.38 -4.28 -20.15
C ARG C 192 20.09 -2.91 -20.74
N ALA C 193 20.11 -2.83 -22.07
CA ALA C 193 19.89 -1.61 -22.82
C ALA C 193 19.08 -1.95 -24.07
N HIS C 194 18.73 -0.92 -24.83
CA HIS C 194 18.04 -1.16 -26.10
C HIS C 194 18.92 -1.96 -27.05
N GLU C 195 18.30 -2.92 -27.75
CA GLU C 195 19.05 -3.88 -28.54
C GLU C 195 19.78 -3.20 -29.70
N HIS C 196 19.13 -2.22 -30.33
CA HIS C 196 19.73 -1.52 -31.47
C HIS C 196 20.78 -0.50 -31.05
N SER C 197 20.76 -0.05 -29.79
CA SER C 197 21.79 0.86 -29.29
C SER C 197 23.08 0.13 -28.91
N VAL C 198 22.98 -1.11 -28.40
CA VAL C 198 24.17 -1.89 -28.11
C VAL C 198 24.87 -2.31 -29.39
N GLU C 199 24.11 -2.59 -30.45
CA GLU C 199 24.71 -2.94 -31.73
C GLU C 199 25.65 -1.84 -32.20
N ASN C 200 25.28 -0.58 -31.97
CA ASN C 200 26.14 0.53 -32.34
C ASN C 200 27.40 0.59 -31.47
N LEU C 201 27.37 0.04 -30.25
CA LEU C 201 28.54 0.06 -29.39
C LEU C 201 29.60 -0.95 -29.84
N MET C 202 29.17 -2.16 -30.22
CA MET C 202 30.12 -3.18 -30.67
C MET C 202 30.74 -2.82 -32.00
N ASN C 203 29.98 -2.15 -32.86
CA ASN C 203 30.45 -1.78 -34.19
C ASN C 203 31.13 -0.40 -34.13
N SER C 204 32.19 -0.36 -33.32
CA SER C 204 32.97 0.85 -33.09
C SER C 204 34.27 0.45 -32.42
N ARG C 205 35.16 1.42 -32.23
CA ARG C 205 36.44 1.22 -31.57
C ARG C 205 36.31 1.14 -30.05
N ALA C 206 35.08 1.14 -29.52
CA ALA C 206 34.87 1.12 -28.08
C ALA C 206 35.16 -0.27 -27.51
N GLU C 207 36.13 -0.34 -26.60
CA GLU C 207 36.41 -1.60 -25.92
C GLU C 207 35.27 -1.95 -24.99
N VAL C 208 34.76 -3.18 -25.11
CA VAL C 208 33.66 -3.65 -24.29
C VAL C 208 34.19 -4.73 -23.36
N SER C 209 34.35 -4.40 -22.08
CA SER C 209 34.75 -5.38 -21.07
C SER C 209 33.49 -5.97 -20.47
N THR C 210 33.29 -7.28 -20.69
CA THR C 210 32.16 -8.04 -20.18
C THR C 210 32.54 -9.51 -20.20
N PRO C 211 32.18 -10.30 -19.20
CA PRO C 211 31.63 -9.94 -17.87
C PRO C 211 32.69 -9.56 -16.82
N TYR C 212 32.83 -8.30 -16.43
CA TYR C 212 33.81 -7.92 -15.41
C TYR C 212 33.17 -7.04 -14.35
N VAL C 213 33.80 -7.01 -13.19
CA VAL C 213 33.35 -6.20 -12.05
C VAL C 213 34.54 -5.45 -11.46
N PRO C 214 34.46 -4.13 -11.28
CA PRO C 214 35.62 -3.40 -10.76
C PRO C 214 35.98 -3.87 -9.36
N VAL C 215 37.28 -3.84 -9.06
CA VAL C 215 37.77 -4.36 -7.78
C VAL C 215 38.59 -3.31 -7.06
N GLU C 216 39.74 -2.95 -7.61
CA GLU C 216 40.70 -2.07 -6.95
C GLU C 216 40.83 -0.77 -7.72
N LEU C 217 40.69 0.35 -7.02
CA LEU C 217 40.91 1.67 -7.62
C LEU C 217 42.35 2.09 -7.33
N ILE C 218 43.26 1.65 -8.19
CA ILE C 218 44.68 1.93 -8.02
C ILE C 218 44.93 3.41 -8.33
N GLY C 219 45.47 4.12 -7.34
CA GLY C 219 45.78 5.53 -7.50
C GLY C 219 46.17 6.19 -6.21
N ASP C 220 47.22 7.00 -6.22
CA ASP C 220 47.59 7.75 -5.02
C ASP C 220 46.51 8.78 -4.69
N ASP C 221 46.04 9.51 -5.68
CA ASP C 221 44.86 10.37 -5.54
C ASP C 221 43.94 10.35 -6.75
N LYS C 222 44.45 10.10 -7.96
CA LYS C 222 43.65 9.91 -9.16
C LYS C 222 43.76 8.45 -9.57
N ILE C 223 42.64 7.89 -10.04
CA ILE C 223 42.64 6.51 -10.49
C ILE C 223 43.44 6.42 -11.77
N GLU C 224 44.54 5.65 -11.73
CA GLU C 224 45.39 5.44 -12.89
C GLU C 224 45.32 4.02 -13.41
N GLN C 225 44.87 3.08 -12.59
CA GLN C 225 44.60 1.72 -13.01
C GLN C 225 43.33 1.26 -12.32
N VAL C 226 42.55 0.45 -13.03
CA VAL C 226 41.32 -0.14 -12.51
C VAL C 226 41.42 -1.64 -12.69
N VAL C 227 41.41 -2.37 -11.57
CA VAL C 227 41.51 -3.82 -11.58
C VAL C 227 40.12 -4.43 -11.73
N LEU C 228 39.94 -5.22 -12.77
CA LEU C 228 38.69 -5.91 -13.04
C LEU C 228 38.78 -7.31 -12.43
N GLN C 229 37.77 -8.13 -12.70
CA GLN C 229 37.83 -9.55 -12.35
C GLN C 229 36.72 -10.26 -13.10
N HIS C 230 37.07 -11.29 -13.86
CA HIS C 230 36.08 -12.00 -14.65
C HIS C 230 35.02 -12.60 -13.73
N VAL C 231 33.77 -12.61 -14.21
CA VAL C 231 32.69 -13.15 -13.41
C VAL C 231 32.79 -14.67 -13.33
N LYS C 232 33.28 -15.32 -14.38
CA LYS C 232 33.33 -16.78 -14.45
C LYS C 232 34.71 -17.35 -14.13
N THR C 233 35.77 -16.78 -14.70
CA THR C 233 37.12 -17.28 -14.46
C THR C 233 37.82 -16.56 -13.32
N GLU C 234 37.28 -15.44 -12.86
CA GLU C 234 37.78 -14.72 -11.69
C GLU C 234 39.23 -14.30 -11.87
N GLU C 235 39.59 -13.93 -13.10
CA GLU C 235 40.90 -13.38 -13.41
C GLU C 235 40.83 -11.86 -13.37
N LYS C 236 41.86 -11.25 -12.79
CA LYS C 236 41.92 -9.81 -12.65
C LYS C 236 42.63 -9.21 -13.86
N VAL C 237 41.97 -8.25 -14.51
CA VAL C 237 42.52 -7.58 -15.69
C VAL C 237 42.63 -6.10 -15.38
N ILE C 238 43.86 -5.60 -15.38
CA ILE C 238 44.14 -4.20 -15.11
C ILE C 238 44.20 -3.46 -16.44
N ILE C 239 43.62 -2.25 -16.47
CA ILE C 239 43.70 -1.37 -17.61
C ILE C 239 44.05 0.03 -17.14
N ASP C 240 45.08 0.62 -17.74
CA ASP C 240 45.47 1.97 -17.39
C ASP C 240 44.45 2.97 -17.92
N VAL C 241 43.96 3.84 -17.04
CA VAL C 241 42.93 4.82 -17.38
C VAL C 241 43.36 6.19 -16.83
N ASP C 242 42.68 7.23 -17.29
CA ASP C 242 42.84 8.57 -16.75
C ASP C 242 41.59 9.09 -16.06
N ASP C 243 40.42 8.72 -16.55
CA ASP C 243 39.16 9.12 -15.94
C ASP C 243 38.25 7.90 -15.88
N VAL C 244 37.44 7.84 -14.81
CA VAL C 244 36.58 6.71 -14.54
C VAL C 244 35.14 7.22 -14.40
N ILE C 245 34.22 6.56 -15.10
CA ILE C 245 32.82 6.98 -15.15
C ILE C 245 31.97 5.84 -14.62
N VAL C 246 31.17 6.12 -13.60
CA VAL C 246 30.29 5.14 -12.97
C VAL C 246 28.84 5.54 -13.22
N ASN C 247 28.07 4.62 -13.81
CA ASN C 247 26.68 4.89 -14.12
C ASN C 247 25.91 3.61 -13.76
N TYR C 248 25.70 3.40 -12.46
CA TYR C 248 24.92 2.25 -11.99
C TYR C 248 23.44 2.57 -11.78
N GLY C 249 22.96 3.65 -12.35
CA GLY C 249 21.55 3.95 -12.23
C GLY C 249 21.25 5.06 -11.25
N PHE C 250 20.24 4.89 -10.41
CA PHE C 250 19.82 5.95 -9.49
C PHE C 250 19.08 5.32 -8.33
N VAL C 251 19.56 5.57 -7.11
CA VAL C 251 18.88 5.10 -5.91
C VAL C 251 18.49 6.33 -5.10
N SER C 252 17.39 6.21 -4.35
CA SER C 252 16.85 7.34 -3.61
C SER C 252 16.58 6.99 -2.15
N SER C 253 16.39 8.04 -1.35
CA SER C 253 16.07 7.94 0.07
C SER C 253 15.84 9.34 0.64
N LEU C 254 14.99 9.46 1.67
CA LEU C 254 14.63 10.79 2.18
C LEU C 254 15.76 11.42 2.97
N GLY C 255 16.33 10.70 3.92
CA GLY C 255 17.39 11.23 4.73
C GLY C 255 16.93 12.30 5.70
N PRO C 256 17.48 13.51 5.55
CA PRO C 256 17.21 14.61 6.49
C PRO C 256 15.76 15.06 6.59
N ILE C 257 14.87 14.49 5.78
CA ILE C 257 13.47 14.92 5.81
C ILE C 257 12.81 14.55 7.14
N LYS C 258 13.23 13.45 7.78
CA LYS C 258 12.62 13.06 9.04
C LYS C 258 13.03 13.98 10.20
N ASN C 259 14.20 14.62 10.09
CA ASN C 259 14.75 15.43 11.18
C ASN C 259 14.36 16.90 11.06
N TRP C 260 13.29 17.22 10.32
CA TRP C 260 12.85 18.59 10.17
C TRP C 260 11.67 18.93 11.06
N GLY C 261 11.34 18.05 12.00
CA GLY C 261 10.16 18.28 12.80
C GLY C 261 8.88 18.10 12.02
N LEU C 262 8.94 17.36 10.91
CA LEU C 262 7.79 17.10 10.05
C LEU C 262 7.16 15.76 10.39
N ASP C 263 5.83 15.74 10.48
CA ASP C 263 5.08 14.51 10.74
C ASP C 263 5.19 13.57 9.54
N ILE C 264 5.94 12.49 9.69
CA ILE C 264 6.21 11.57 8.60
C ILE C 264 5.72 10.18 8.98
N GLN C 265 4.92 9.58 8.11
CA GLN C 265 4.42 8.23 8.31
C GLN C 265 4.77 7.42 7.07
N LYS C 266 5.64 6.42 7.24
CA LYS C 266 6.02 5.51 6.16
C LYS C 266 6.53 6.27 4.94
N ASN C 267 7.58 7.08 5.18
CA ASN C 267 8.26 7.83 4.14
C ASN C 267 7.33 8.81 3.42
N SER C 268 6.34 9.34 4.13
CA SER C 268 5.42 10.30 3.55
C SER C 268 5.02 11.32 4.61
N ILE C 269 4.95 12.59 4.20
CA ILE C 269 4.64 13.68 5.12
C ILE C 269 3.13 13.75 5.36
N LEU C 270 2.74 13.73 6.63
CA LEU C 270 1.33 13.84 6.99
C LEU C 270 0.91 15.30 6.85
N VAL C 271 -0.03 15.57 5.93
CA VAL C 271 -0.50 16.92 5.65
C VAL C 271 -2.03 16.94 5.67
N ASN C 272 -2.58 18.13 5.93
CA ASN C 272 -4.03 18.32 5.91
C ASN C 272 -4.51 18.61 4.49
N SER C 273 -5.82 18.90 4.37
CA SER C 273 -6.38 19.27 3.07
C SER C 273 -5.79 20.57 2.56
N LYS C 274 -5.33 21.43 3.47
CA LYS C 274 -4.63 22.65 3.11
C LYS C 274 -3.16 22.40 2.79
N MET C 275 -2.75 21.13 2.68
CA MET C 275 -1.36 20.74 2.38
C MET C 275 -0.37 21.29 3.41
N GLU C 276 -0.84 21.56 4.63
CA GLU C 276 -0.01 22.13 5.67
C GLU C 276 0.64 21.03 6.50
N THR C 277 1.94 21.13 6.73
CA THR C 277 2.58 20.26 7.69
C THR C 277 2.30 20.76 9.10
N ASN C 278 2.88 20.08 10.10
CA ASN C 278 2.73 20.51 11.48
C ASN C 278 3.42 21.83 11.75
N ILE C 279 4.27 22.29 10.83
CA ILE C 279 4.99 23.54 10.97
C ILE C 279 4.29 24.58 10.10
N PRO C 280 3.85 25.70 10.67
CA PRO C 280 3.22 26.74 9.83
C PRO C 280 4.22 27.28 8.82
N GLY C 281 3.81 27.31 7.55
CA GLY C 281 4.66 27.75 6.47
C GLY C 281 5.35 26.64 5.72
N ILE C 282 5.30 25.40 6.22
CA ILE C 282 5.90 24.26 5.54
C ILE C 282 4.75 23.44 4.94
N TYR C 283 4.82 23.21 3.64
CA TYR C 283 3.79 22.48 2.90
C TYR C 283 4.42 21.30 2.16
N ALA C 284 3.58 20.32 1.84
CA ALA C 284 4.05 19.14 1.12
C ALA C 284 3.00 18.69 0.12
N ALA C 285 3.48 18.17 -1.02
CA ALA C 285 2.62 17.68 -2.08
C ALA C 285 3.43 16.69 -2.93
N GLY C 286 2.74 16.00 -3.82
CA GLY C 286 3.37 14.97 -4.63
C GLY C 286 3.28 13.61 -3.99
N ASP C 287 4.34 12.81 -4.11
CA ASP C 287 4.37 11.52 -3.43
C ASP C 287 4.88 11.62 -2.00
N ILE C 288 5.65 12.67 -1.68
CA ILE C 288 6.20 12.79 -0.33
C ILE C 288 5.12 13.11 0.68
N CYS C 289 3.98 13.65 0.23
CA CYS C 289 2.90 13.93 1.16
C CYS C 289 1.99 12.72 1.27
N THR C 290 1.20 12.70 2.34
CA THR C 290 0.22 11.65 2.55
C THR C 290 -0.85 12.19 3.49
N TYR C 291 -2.02 11.58 3.40
CA TYR C 291 -3.17 11.96 4.22
C TYR C 291 -4.17 10.80 4.16
N GLU C 292 -5.38 11.04 4.66
CA GLU C 292 -6.40 10.01 4.61
C GLU C 292 -6.83 9.82 3.16
N GLY C 293 -6.64 8.60 2.64
CA GLY C 293 -7.04 8.32 1.27
C GLY C 293 -6.14 8.90 0.21
N LYS C 294 -4.97 9.42 0.57
CA LYS C 294 -4.01 9.90 -0.41
C LYS C 294 -3.62 8.77 -1.36
N VAL C 295 -3.58 9.08 -2.66
CA VAL C 295 -3.14 8.14 -3.66
C VAL C 295 -1.87 8.68 -4.29
N LYS C 296 -0.78 7.91 -4.19
CA LYS C 296 0.51 8.31 -4.73
C LYS C 296 0.46 8.18 -6.25
N LEU C 297 -0.06 9.22 -6.90
CA LEU C 297 -0.16 9.26 -8.35
C LEU C 297 0.46 10.54 -8.88
N ILE C 298 0.73 10.54 -10.18
CA ILE C 298 1.11 11.78 -10.85
C ILE C 298 -0.10 12.67 -11.01
N ALA C 299 -1.28 12.07 -11.23
CA ALA C 299 -2.51 12.85 -11.28
C ALA C 299 -2.84 13.44 -9.91
N CYS C 300 -2.64 12.68 -8.84
CA CYS C 300 -2.86 13.21 -7.50
C CYS C 300 -1.85 14.29 -7.17
N GLY C 301 -0.56 14.02 -7.44
CA GLY C 301 0.46 15.03 -7.20
C GLY C 301 0.22 16.31 -7.98
N PHE C 302 -0.42 16.19 -9.15
CA PHE C 302 -0.76 17.37 -9.93
C PHE C 302 -1.87 18.18 -9.26
N GLY C 303 -2.83 17.49 -8.63
CA GLY C 303 -3.92 18.18 -7.96
C GLY C 303 -3.58 18.68 -6.58
N GLU C 304 -2.54 18.12 -5.96
CA GLU C 304 -2.07 18.60 -4.68
C GLU C 304 -1.16 19.82 -4.81
N ALA C 305 -0.61 20.08 -6.01
CA ALA C 305 0.31 21.21 -6.17
C ALA C 305 -0.39 22.55 -6.01
N PRO C 306 -1.42 22.89 -6.80
CA PRO C 306 -2.04 24.22 -6.63
C PRO C 306 -2.76 24.41 -5.30
N THR C 307 -3.30 23.35 -4.71
CA THR C 307 -3.91 23.46 -3.39
C THR C 307 -2.93 23.99 -2.37
N ALA C 308 -1.65 23.62 -2.51
CA ALA C 308 -0.62 24.04 -1.57
C ALA C 308 -0.14 25.47 -1.82
N VAL C 309 -0.13 25.91 -3.08
CA VAL C 309 0.37 27.26 -3.38
C VAL C 309 -0.57 28.31 -2.83
N ASN C 310 -1.89 28.13 -3.01
CA ASN C 310 -2.83 29.15 -2.57
C ASN C 310 -2.88 29.26 -1.05
N ASN C 311 -2.87 28.12 -0.33
CA ASN C 311 -2.85 28.20 1.12
C ASN C 311 -1.53 28.76 1.64
N ALA C 312 -0.46 28.66 0.85
CA ALA C 312 0.79 29.33 1.19
C ALA C 312 0.74 30.80 0.79
N LYS C 313 0.08 31.10 -0.33
CA LYS C 313 -0.14 32.49 -0.73
C LYS C 313 -0.82 33.27 0.40
N ALA C 314 -1.71 32.61 1.14
CA ALA C 314 -2.30 33.21 2.32
C ALA C 314 -1.34 33.26 3.50
N TYR C 315 -0.17 32.65 3.41
CA TYR C 315 0.78 32.69 4.51
C TYR C 315 1.76 33.85 4.38
N PHE C 316 2.31 34.09 3.19
CA PHE C 316 3.33 35.11 2.98
C PHE C 316 2.79 36.44 2.46
N ASP C 317 1.50 36.53 2.14
CA ASP C 317 0.93 37.74 1.55
C ASP C 317 -0.34 38.18 2.28
N PRO C 318 -0.29 39.26 3.08
CA PRO C 318 -1.47 39.77 3.79
C PRO C 318 -2.53 40.31 2.84
N ASN D 6 25.55 -21.60 -13.61
CA ASN D 6 26.05 -20.64 -14.59
C ASN D 6 26.21 -19.26 -13.95
N GLN D 7 26.50 -18.25 -14.79
CA GLN D 7 26.72 -16.89 -14.32
C GLN D 7 25.43 -16.10 -14.18
N LYS D 8 24.31 -16.75 -13.83
CA LYS D 8 23.05 -16.06 -13.66
C LYS D 8 23.06 -15.20 -12.40
N VAL D 9 22.92 -13.89 -12.59
CA VAL D 9 22.73 -12.93 -11.51
C VAL D 9 21.31 -13.08 -11.00
N TYR D 10 21.09 -14.00 -10.06
CA TYR D 10 19.73 -14.23 -9.58
C TYR D 10 19.07 -13.02 -8.96
N ASP D 11 17.92 -13.23 -8.33
CA ASP D 11 17.17 -12.18 -7.66
C ASP D 11 17.25 -12.34 -6.15
N ILE D 12 16.98 -13.55 -5.67
CA ILE D 12 17.13 -13.89 -4.27
C ILE D 12 17.88 -15.21 -4.22
N THR D 13 19.02 -15.23 -3.54
CA THR D 13 19.72 -16.48 -3.24
C THR D 13 19.53 -16.73 -1.74
N ILE D 14 18.94 -17.87 -1.41
CA ILE D 14 18.59 -18.21 -0.05
C ILE D 14 19.65 -19.15 0.52
N ILE D 15 20.30 -18.71 1.59
CA ILE D 15 21.27 -19.55 2.27
C ILE D 15 20.50 -20.43 3.26
N GLY D 16 20.45 -21.72 2.98
CA GLY D 16 19.80 -22.67 3.87
C GLY D 16 18.54 -23.31 3.31
N GLY D 17 18.57 -24.62 3.17
CA GLY D 17 17.40 -25.36 2.74
C GLY D 17 16.60 -25.89 3.91
N GLY D 18 16.54 -25.10 4.99
CA GLY D 18 15.77 -25.44 6.15
C GLY D 18 14.30 -25.12 5.97
N PRO D 19 13.52 -25.25 7.05
CA PRO D 19 12.07 -24.99 6.93
C PRO D 19 11.75 -23.53 6.66
N THR D 20 12.49 -22.59 7.26
CA THR D 20 12.26 -21.17 6.99
C THR D 20 12.64 -20.81 5.57
N GLY D 21 13.72 -21.40 5.05
CA GLY D 21 14.16 -21.10 3.70
C GLY D 21 13.23 -21.65 2.65
N LEU D 22 12.58 -22.78 2.93
CA LEU D 22 11.65 -23.36 1.96
C LEU D 22 10.43 -22.46 1.76
N PHE D 23 9.84 -21.99 2.86
CA PHE D 23 8.70 -21.08 2.75
C PHE D 23 9.12 -19.76 2.11
N THR D 24 10.33 -19.30 2.43
CA THR D 24 10.87 -18.11 1.80
C THR D 24 11.02 -18.28 0.29
N ALA D 25 11.44 -19.48 -0.14
CA ALA D 25 11.56 -19.75 -1.57
C ALA D 25 10.19 -19.71 -2.25
N PHE D 26 9.16 -20.22 -1.57
CA PHE D 26 7.80 -20.12 -2.10
C PHE D 26 7.40 -18.67 -2.28
N TYR D 27 7.63 -17.85 -1.25
CA TYR D 27 7.15 -16.49 -1.32
C TYR D 27 7.98 -15.63 -2.28
N GLY D 28 9.17 -16.12 -2.67
CA GLY D 28 9.94 -15.41 -3.68
C GLY D 28 9.23 -15.45 -5.02
N GLY D 29 8.80 -16.65 -5.42
CA GLY D 29 7.96 -16.76 -6.60
C GLY D 29 6.67 -15.98 -6.48
N MET D 30 6.17 -15.79 -5.25
CA MET D 30 4.99 -14.97 -5.02
C MET D 30 5.21 -13.53 -5.42
N ARG D 31 6.46 -13.08 -5.55
CA ARG D 31 6.74 -11.74 -6.05
C ARG D 31 7.52 -11.81 -7.36
N GLN D 32 7.44 -12.96 -8.05
CA GLN D 32 8.09 -13.15 -9.34
C GLN D 32 9.59 -12.87 -9.24
N ALA D 33 10.24 -13.68 -8.42
CA ALA D 33 11.67 -13.59 -8.19
C ALA D 33 12.30 -14.91 -8.56
N SER D 34 13.38 -14.85 -9.33
CA SER D 34 14.20 -16.02 -9.57
C SER D 34 14.91 -16.39 -8.27
N VAL D 35 14.59 -17.57 -7.74
CA VAL D 35 15.01 -17.97 -6.41
C VAL D 35 16.10 -19.04 -6.52
N LYS D 36 17.13 -18.89 -5.70
CA LYS D 36 18.20 -19.87 -5.60
C LYS D 36 18.33 -20.27 -4.14
N ILE D 37 18.34 -21.58 -3.88
CA ILE D 37 18.53 -22.12 -2.55
C ILE D 37 19.90 -22.76 -2.48
N ILE D 38 20.65 -22.47 -1.42
CA ILE D 38 21.95 -23.08 -1.17
C ILE D 38 21.86 -23.79 0.16
N GLU D 39 22.23 -25.07 0.18
CA GLU D 39 22.17 -25.87 1.40
C GLU D 39 23.47 -26.63 1.60
N SER D 40 24.00 -26.60 2.83
CA SER D 40 25.21 -27.35 3.15
C SER D 40 24.94 -28.84 3.27
N LEU D 41 23.73 -29.22 3.70
CA LEU D 41 23.37 -30.62 3.79
C LEU D 41 23.16 -31.18 2.39
N PRO D 42 23.25 -32.51 2.24
CA PRO D 42 22.83 -33.15 0.99
C PRO D 42 21.32 -33.27 0.83
N GLN D 43 20.55 -32.59 1.67
CA GLN D 43 19.11 -32.74 1.69
C GLN D 43 18.46 -31.43 2.12
N LEU D 44 17.27 -31.19 1.60
CA LEU D 44 16.46 -30.08 2.06
C LEU D 44 15.63 -30.54 3.25
N GLY D 45 15.30 -29.59 4.13
CA GLY D 45 14.56 -29.90 5.33
C GLY D 45 15.33 -29.33 6.49
N GLY D 46 16.63 -29.13 6.27
CA GLY D 46 17.47 -28.52 7.28
C GLY D 46 17.50 -29.35 8.54
N GLN D 47 17.08 -28.72 9.64
CA GLN D 47 17.06 -29.37 10.94
C GLN D 47 15.99 -30.47 10.99
N LEU D 48 14.91 -30.30 10.22
CA LEU D 48 13.80 -31.24 10.29
C LEU D 48 14.14 -32.57 9.64
N SER D 49 14.54 -32.54 8.37
CA SER D 49 14.78 -33.79 7.65
C SER D 49 15.91 -34.61 8.25
N ALA D 50 16.88 -33.95 8.89
CA ALA D 50 18.08 -34.60 9.37
C ALA D 50 18.03 -35.04 10.83
N LEU D 51 17.39 -34.27 11.72
CA LEU D 51 17.50 -34.52 13.15
C LEU D 51 16.24 -35.09 13.77
N TYR D 52 15.09 -34.93 13.14
CA TYR D 52 13.84 -35.46 13.69
C TYR D 52 12.74 -35.55 12.64
N PRO D 53 12.98 -36.22 11.51
CA PRO D 53 12.00 -36.16 10.41
C PRO D 53 10.65 -36.76 10.75
N GLU D 54 10.59 -37.66 11.74
CA GLU D 54 9.35 -38.36 12.06
C GLU D 54 8.56 -37.71 13.20
N LYS D 55 9.17 -36.83 13.98
CA LYS D 55 8.51 -36.31 15.17
C LYS D 55 7.31 -35.42 14.78
N TYR D 56 6.35 -35.34 15.69
CA TYR D 56 5.14 -34.55 15.48
C TYR D 56 5.32 -33.13 16.01
N ILE D 57 4.89 -32.16 15.21
CA ILE D 57 5.02 -30.74 15.54
C ILE D 57 3.63 -30.17 15.80
N TYR D 58 3.52 -29.34 16.83
CA TYR D 58 2.22 -28.86 17.27
C TYR D 58 2.08 -27.34 17.30
N ASP D 59 3.16 -26.57 17.32
CA ASP D 59 3.07 -25.12 17.39
C ASP D 59 3.18 -24.46 16.01
N VAL D 60 2.84 -25.18 14.95
CA VAL D 60 2.79 -24.61 13.61
C VAL D 60 1.39 -24.06 13.38
N ALA D 61 1.31 -22.80 12.98
CA ALA D 61 0.01 -22.17 12.81
C ALA D 61 -0.81 -22.95 11.77
N GLY D 62 -1.98 -23.41 12.18
CA GLY D 62 -2.86 -24.19 11.35
C GLY D 62 -2.74 -25.70 11.50
N PHE D 63 -1.66 -26.20 12.08
CA PHE D 63 -1.50 -27.63 12.25
C PHE D 63 -1.53 -27.98 13.72
N PRO D 64 -2.67 -28.37 14.28
CA PRO D 64 -2.68 -28.87 15.66
C PRO D 64 -1.81 -30.11 15.85
N LYS D 65 -1.49 -30.82 14.77
CA LYS D 65 -0.63 -32.01 14.85
C LYS D 65 -0.20 -32.39 13.43
N VAL D 66 1.07 -32.17 13.11
CA VAL D 66 1.62 -32.45 11.79
C VAL D 66 3.01 -33.05 11.95
N ARG D 67 3.32 -34.03 11.10
CA ARG D 67 4.65 -34.65 11.10
C ARG D 67 5.69 -33.70 10.53
N ALA D 68 6.93 -33.86 10.99
CA ALA D 68 8.01 -32.97 10.59
C ALA D 68 8.29 -33.05 9.08
N GLN D 69 8.58 -34.25 8.58
CA GLN D 69 8.84 -34.42 7.16
C GLN D 69 7.60 -34.13 6.34
N GLU D 70 6.42 -34.47 6.86
CA GLU D 70 5.18 -34.10 6.19
C GLU D 70 5.05 -32.59 6.08
N LEU D 71 5.59 -31.87 7.07
CA LEU D 71 5.62 -30.41 6.97
C LEU D 71 6.66 -29.97 5.97
N VAL D 72 7.79 -30.67 5.91
CA VAL D 72 8.81 -30.39 4.90
C VAL D 72 8.27 -30.69 3.51
N ASP D 73 7.63 -31.85 3.34
CA ASP D 73 7.04 -32.20 2.05
C ASP D 73 5.92 -31.25 1.67
N ASN D 74 5.10 -30.85 2.66
CA ASN D 74 4.08 -29.84 2.37
C ASN D 74 4.71 -28.52 1.97
N LEU D 75 5.91 -28.24 2.45
CA LEU D 75 6.64 -27.06 1.98
C LEU D 75 7.27 -27.30 0.62
N LYS D 76 7.86 -28.48 0.40
CA LYS D 76 8.44 -28.78 -0.91
C LYS D 76 7.38 -28.82 -2.00
N GLU D 77 6.24 -29.43 -1.69
CA GLU D 77 5.12 -29.43 -2.63
C GLU D 77 4.62 -28.01 -2.86
N GLN D 78 4.54 -27.21 -1.78
CA GLN D 78 4.18 -25.81 -1.89
C GLN D 78 5.23 -25.01 -2.65
N MET D 79 6.48 -25.44 -2.59
CA MET D 79 7.56 -24.68 -3.20
C MET D 79 7.70 -25.00 -4.69
N LYS D 80 7.55 -26.27 -5.06
CA LYS D 80 7.75 -26.67 -6.46
C LYS D 80 6.82 -25.94 -7.42
N LYS D 81 5.86 -25.17 -6.90
CA LYS D 81 5.06 -24.29 -7.75
C LYS D 81 5.91 -23.23 -8.43
N PHE D 82 7.11 -22.96 -7.93
CA PHE D 82 8.00 -21.96 -8.50
C PHE D 82 9.36 -22.49 -8.93
N ASP D 83 9.70 -23.74 -8.58
CA ASP D 83 10.92 -24.41 -9.01
C ASP D 83 12.14 -23.52 -8.78
N PRO D 84 12.54 -23.31 -7.53
CA PRO D 84 13.75 -22.55 -7.27
C PRO D 84 15.00 -23.38 -7.55
N THR D 85 16.08 -22.66 -7.85
CA THR D 85 17.36 -23.29 -8.07
C THR D 85 17.88 -23.88 -6.77
N VAL D 86 17.83 -25.21 -6.66
CA VAL D 86 18.23 -25.92 -5.45
C VAL D 86 19.65 -26.42 -5.65
N CYS D 87 20.59 -25.85 -4.90
CA CYS D 87 21.99 -26.23 -4.91
C CYS D 87 22.26 -26.98 -3.61
N LEU D 88 22.35 -28.30 -3.69
CA LEU D 88 22.59 -29.09 -2.50
C LEU D 88 24.09 -29.24 -2.24
N GLU D 89 24.43 -29.57 -0.99
CA GLU D 89 25.80 -29.87 -0.60
C GLU D 89 26.75 -28.70 -0.87
N GLU D 90 26.27 -27.48 -0.67
CA GLU D 90 27.11 -26.29 -0.85
C GLU D 90 26.99 -25.40 0.38
N ALA D 91 28.13 -25.14 1.03
CA ALA D 91 28.20 -24.24 2.17
C ALA D 91 28.84 -22.94 1.70
N VAL D 92 28.08 -21.84 1.78
CA VAL D 92 28.57 -20.55 1.32
C VAL D 92 29.74 -20.12 2.19
N ASP D 93 30.86 -19.79 1.56
CA ASP D 93 32.07 -19.36 2.25
C ASP D 93 32.25 -17.85 2.24
N THR D 94 32.12 -17.21 1.07
CA THR D 94 32.28 -15.77 0.94
C THR D 94 30.95 -15.18 0.49
N LEU D 95 30.58 -14.04 1.06
CA LEU D 95 29.38 -13.32 0.67
C LEU D 95 29.76 -11.84 0.57
N GLU D 96 29.93 -11.36 -0.65
CA GLU D 96 30.44 -10.03 -0.91
C GLU D 96 29.53 -9.30 -1.89
N LYS D 97 29.24 -8.04 -1.57
CA LYS D 97 28.48 -7.17 -2.47
C LYS D 97 29.47 -6.44 -3.38
N GLN D 98 29.39 -6.70 -4.67
CA GLN D 98 30.34 -6.14 -5.63
C GLN D 98 30.03 -4.65 -5.87
N ALA D 99 30.76 -4.05 -6.80
CA ALA D 99 30.67 -2.61 -7.01
C ALA D 99 29.32 -2.15 -7.52
N ASP D 100 28.52 -3.02 -8.13
CA ASP D 100 27.23 -2.63 -8.68
C ASP D 100 26.06 -3.04 -7.80
N GLY D 101 26.34 -3.46 -6.56
CA GLY D 101 25.31 -3.92 -5.63
C GLY D 101 25.01 -5.40 -5.67
N ILE D 102 25.42 -6.11 -6.72
CA ILE D 102 25.14 -7.53 -6.80
C ILE D 102 26.02 -8.27 -5.79
N PHE D 103 25.46 -9.29 -5.15
CA PHE D 103 26.18 -10.07 -4.16
C PHE D 103 26.88 -11.25 -4.82
N LYS D 104 28.13 -11.47 -4.42
CA LYS D 104 28.94 -12.59 -4.89
C LYS D 104 29.00 -13.63 -3.78
N LEU D 105 28.41 -14.80 -4.04
CA LEU D 105 28.39 -15.91 -3.09
C LEU D 105 29.31 -17.01 -3.59
N VAL D 106 30.29 -17.38 -2.77
CA VAL D 106 31.22 -18.47 -3.06
C VAL D 106 30.97 -19.57 -2.05
N THR D 107 30.65 -20.77 -2.54
CA THR D 107 30.46 -21.92 -1.68
C THR D 107 31.70 -22.82 -1.79
N ASN D 108 31.57 -24.06 -1.35
CA ASN D 108 32.65 -25.02 -1.58
C ASN D 108 32.71 -25.44 -3.04
N LYS D 109 31.60 -25.32 -3.76
CA LYS D 109 31.57 -25.70 -5.17
C LYS D 109 31.89 -24.51 -6.07
N GLN D 110 30.91 -23.66 -6.33
CA GLN D 110 31.09 -22.60 -7.32
C GLN D 110 30.72 -21.23 -6.75
N THR D 111 30.73 -20.22 -7.61
CA THR D 111 30.34 -18.87 -7.26
C THR D 111 28.96 -18.56 -7.83
N HIS D 112 28.05 -18.17 -6.96
CA HIS D 112 26.68 -17.84 -7.30
C HIS D 112 26.47 -16.34 -7.22
N TYR D 113 25.45 -15.86 -7.93
CA TYR D 113 25.13 -14.43 -7.95
C TYR D 113 23.66 -14.23 -7.62
N SER D 114 23.40 -13.07 -7.00
CA SER D 114 22.08 -12.71 -6.52
C SER D 114 22.01 -11.21 -6.41
N LYS D 115 20.82 -10.65 -6.71
CA LYS D 115 20.62 -9.23 -6.48
C LYS D 115 20.48 -8.94 -5.00
N SER D 116 19.83 -9.83 -4.26
CA SER D 116 19.69 -9.72 -2.81
C SER D 116 19.86 -11.12 -2.21
N VAL D 117 20.22 -11.16 -0.93
CA VAL D 117 20.50 -12.41 -0.24
C VAL D 117 19.66 -12.46 1.03
N ILE D 118 18.96 -13.58 1.23
CA ILE D 118 18.19 -13.84 2.43
C ILE D 118 18.83 -15.01 3.15
N ILE D 119 19.22 -14.80 4.41
CA ILE D 119 19.94 -15.80 5.19
C ILE D 119 18.95 -16.46 6.12
N THR D 120 18.63 -17.72 5.83
CA THR D 120 17.79 -18.52 6.71
C THR D 120 18.54 -19.68 7.34
N ALA D 121 19.80 -19.88 6.95
CA ALA D 121 20.57 -21.03 7.38
C ALA D 121 20.73 -21.06 8.90
N GLY D 122 20.94 -22.27 9.42
CA GLY D 122 21.32 -22.45 10.80
C GLY D 122 22.72 -21.92 11.01
N ASN D 123 23.68 -22.85 11.04
CA ASN D 123 25.08 -22.56 11.25
C ASN D 123 25.96 -23.04 10.10
N GLY D 124 25.44 -23.88 9.23
CA GLY D 124 26.21 -24.52 8.20
C GLY D 124 26.76 -25.86 8.62
N ALA D 125 26.90 -26.07 9.93
CA ALA D 125 27.44 -27.27 10.53
C ALA D 125 26.29 -28.20 10.91
N PHE D 126 26.62 -29.21 11.71
CA PHE D 126 25.77 -30.34 12.04
C PHE D 126 26.23 -30.82 13.42
N GLN D 127 25.90 -30.03 14.45
CA GLN D 127 26.28 -30.40 15.80
C GLN D 127 25.42 -29.76 16.89
N PRO D 128 24.64 -30.55 17.64
CA PRO D 128 23.88 -30.01 18.76
C PRO D 128 24.81 -29.48 19.84
N ARG D 129 25.00 -30.26 20.92
CA ARG D 129 25.97 -29.96 21.98
C ARG D 129 25.92 -31.04 23.06
N ARG D 130 27.06 -31.69 23.36
CA ARG D 130 27.16 -32.74 24.37
C ARG D 130 27.69 -32.23 25.72
N LEU D 131 28.31 -33.11 26.50
CA LEU D 131 28.96 -32.73 27.75
C LEU D 131 30.48 -32.62 27.60
N GLU D 132 31.25 -33.20 28.54
CA GLU D 132 32.70 -33.01 28.52
C GLU D 132 33.50 -34.29 28.82
N LEU D 133 33.05 -35.46 28.36
CA LEU D 133 33.81 -36.69 28.51
C LEU D 133 34.35 -37.10 27.15
N GLU D 134 35.69 -37.14 27.01
CA GLU D 134 36.33 -37.54 25.78
C GLU D 134 36.62 -39.03 25.71
N GLY D 135 36.00 -39.81 26.59
CA GLY D 135 36.09 -41.26 26.58
C GLY D 135 34.73 -41.84 26.26
N THR D 136 34.49 -43.10 26.63
CA THR D 136 33.20 -43.75 26.41
C THR D 136 32.86 -43.86 24.93
N ALA D 137 33.64 -43.19 24.06
CA ALA D 137 33.61 -43.29 22.60
C ALA D 137 32.97 -44.54 22.00
N LYS D 138 32.88 -45.62 22.78
CA LYS D 138 32.35 -46.89 22.28
C LYS D 138 30.84 -46.99 22.43
N TYR D 139 30.25 -46.28 23.40
CA TYR D 139 28.79 -46.28 23.56
C TYR D 139 28.08 -45.61 22.40
N GLU D 140 28.70 -44.58 21.79
CA GLU D 140 28.09 -43.84 20.69
C GLU D 140 27.91 -44.72 19.45
N LYS D 141 28.88 -45.59 19.16
CA LYS D 141 28.72 -46.53 18.05
C LYS D 141 27.67 -47.60 18.36
N LYS D 142 27.13 -47.62 19.57
CA LYS D 142 26.25 -48.71 19.96
C LYS D 142 24.91 -48.17 20.45
N ASN D 143 24.84 -47.64 21.68
CA ASN D 143 23.55 -47.22 22.21
C ASN D 143 23.50 -45.79 22.72
N LEU D 144 24.57 -45.00 22.62
CA LEU D 144 24.54 -43.60 23.03
C LEU D 144 24.29 -42.75 21.80
N HIS D 145 23.06 -42.23 21.68
CA HIS D 145 22.57 -41.51 20.53
C HIS D 145 22.34 -40.04 20.84
N TYR D 146 22.38 -39.24 19.78
CA TYR D 146 22.03 -37.83 19.84
C TYR D 146 20.88 -37.46 18.92
N PHE D 147 20.54 -38.31 17.96
CA PHE D 147 19.54 -38.03 16.95
C PHE D 147 18.44 -39.08 16.94
N VAL D 148 17.24 -38.67 16.52
CA VAL D 148 16.12 -39.58 16.37
C VAL D 148 16.02 -39.90 14.88
N ASP D 149 16.53 -41.06 14.51
CA ASP D 149 16.37 -41.55 13.14
C ASP D 149 14.98 -42.16 12.96
N ASP D 150 14.81 -43.38 13.44
CA ASP D 150 13.56 -44.13 13.40
C ASP D 150 12.95 -44.17 14.79
N MET D 151 11.65 -43.92 14.88
CA MET D 151 11.00 -43.96 16.19
C MET D 151 10.90 -45.38 16.73
N ASN D 152 10.87 -46.38 15.85
CA ASN D 152 10.72 -47.76 16.30
C ASN D 152 12.02 -48.34 16.85
N LYS D 153 13.17 -47.75 16.49
CA LYS D 153 14.42 -48.26 17.04
C LYS D 153 14.51 -48.04 18.53
N PHE D 154 13.81 -47.03 19.05
CA PHE D 154 13.73 -46.80 20.48
C PHE D 154 12.45 -47.38 21.05
N ALA D 155 11.59 -47.95 20.21
CA ALA D 155 10.36 -48.60 20.63
C ALA D 155 10.66 -49.94 21.29
N GLY D 156 9.95 -50.23 22.38
CA GLY D 156 10.17 -51.45 23.13
C GLY D 156 11.48 -51.50 23.87
N LYS D 157 12.34 -50.51 23.73
CA LYS D 157 13.61 -50.43 24.42
C LYS D 157 13.51 -49.34 25.48
N ARG D 158 14.13 -49.58 26.63
CA ARG D 158 14.19 -48.55 27.66
C ARG D 158 15.19 -47.48 27.23
N VAL D 159 14.71 -46.25 27.09
CA VAL D 159 15.51 -45.17 26.53
C VAL D 159 15.64 -44.07 27.59
N VAL D 160 16.87 -43.64 27.84
CA VAL D 160 17.13 -42.58 28.79
C VAL D 160 17.60 -41.36 28.02
N VAL D 161 17.17 -40.18 28.45
CA VAL D 161 17.45 -38.93 27.76
C VAL D 161 18.12 -37.98 28.72
N PHE D 162 19.18 -37.33 28.26
CA PHE D 162 19.93 -36.38 29.07
C PHE D 162 19.79 -35.00 28.42
N GLY D 163 19.35 -34.02 29.21
CA GLY D 163 19.14 -32.68 28.70
C GLY D 163 17.83 -32.06 29.18
N GLY D 164 17.67 -30.75 28.99
CA GLY D 164 16.48 -30.06 29.45
C GLY D 164 15.81 -29.18 28.43
N GLY D 165 16.46 -28.97 27.29
CA GLY D 165 15.92 -28.10 26.25
C GLY D 165 14.63 -28.62 25.65
N ASP D 166 14.09 -27.89 24.67
CA ASP D 166 12.87 -28.34 24.00
C ASP D 166 13.05 -29.75 23.44
N SER D 167 14.23 -30.05 22.91
CA SER D 167 14.48 -31.35 22.29
C SER D 167 14.40 -32.47 23.32
N ALA D 168 14.81 -32.21 24.56
CA ALA D 168 14.81 -33.26 25.57
C ALA D 168 13.40 -33.59 26.06
N VAL D 169 12.55 -32.58 26.20
CA VAL D 169 11.21 -32.81 26.74
C VAL D 169 10.32 -33.51 25.71
N ASP D 170 10.38 -33.08 24.44
CA ASP D 170 9.52 -33.70 23.42
C ASP D 170 9.96 -35.12 23.06
N TRP D 171 11.28 -35.35 22.89
CA TRP D 171 11.73 -36.71 22.60
C TRP D 171 11.32 -37.67 23.71
N THR D 172 11.36 -37.23 24.95
CA THR D 172 10.92 -38.07 26.05
C THR D 172 9.42 -38.33 25.94
N MET D 173 8.66 -37.29 25.56
CA MET D 173 7.22 -37.42 25.45
C MET D 173 6.78 -38.25 24.24
N MET D 174 7.55 -38.24 23.15
CA MET D 174 7.21 -39.09 22.02
C MET D 174 7.74 -40.51 22.16
N LEU D 175 8.69 -40.75 23.05
CA LEU D 175 9.12 -42.11 23.36
C LEU D 175 8.31 -42.74 24.48
N GLU D 176 7.36 -41.99 25.06
CA GLU D 176 6.56 -42.53 26.16
C GLU D 176 5.64 -43.66 25.72
N PRO D 177 4.89 -43.56 24.62
CA PRO D 177 4.02 -44.69 24.22
C PRO D 177 4.70 -45.79 23.42
N ILE D 178 6.03 -45.76 23.26
CA ILE D 178 6.75 -46.79 22.52
C ILE D 178 7.85 -47.41 23.37
N ALA D 179 8.71 -46.57 23.97
CA ALA D 179 9.80 -47.08 24.80
C ALA D 179 9.26 -47.55 26.14
N GLU D 180 9.76 -48.71 26.59
CA GLU D 180 9.39 -49.27 27.88
C GLU D 180 9.56 -48.25 29.00
N LYS D 181 10.78 -47.78 29.21
CA LYS D 181 11.06 -46.76 30.21
C LYS D 181 11.78 -45.62 29.51
N VAL D 182 11.14 -44.45 29.45
CA VAL D 182 11.76 -43.26 28.88
C VAL D 182 11.97 -42.27 30.03
N THR D 183 13.20 -41.81 30.18
CA THR D 183 13.63 -40.99 31.30
C THR D 183 14.30 -39.73 30.79
N ILE D 184 13.99 -38.59 31.40
CA ILE D 184 14.60 -37.32 31.02
C ILE D 184 15.43 -36.80 32.18
N VAL D 185 16.69 -36.49 31.89
CA VAL D 185 17.68 -36.06 32.87
C VAL D 185 18.21 -34.70 32.43
N HIS D 186 18.37 -33.77 33.38
CA HIS D 186 18.83 -32.43 33.05
C HIS D 186 19.79 -31.93 34.13
N ARG D 187 20.58 -30.92 33.76
CA ARG D 187 21.57 -30.29 34.63
C ARG D 187 21.00 -29.11 35.41
N ARG D 188 19.72 -28.79 35.21
CA ARG D 188 19.12 -27.61 35.84
C ARG D 188 17.74 -27.97 36.37
N ASP D 189 17.27 -27.17 37.34
CA ASP D 189 16.01 -27.43 38.04
C ASP D 189 14.76 -27.14 37.23
N LYS D 190 14.87 -26.40 36.12
CA LYS D 190 13.70 -26.01 35.32
C LYS D 190 13.91 -26.48 33.89
N PHE D 191 13.06 -27.39 33.42
CA PHE D 191 13.20 -27.76 32.02
C PHE D 191 12.92 -26.51 31.20
N ARG D 192 13.95 -25.97 30.56
CA ARG D 192 13.81 -24.78 29.71
C ARG D 192 13.11 -25.19 28.42
N ALA D 193 11.80 -25.38 28.52
CA ALA D 193 10.99 -25.76 27.37
C ALA D 193 9.68 -25.01 27.42
N HIS D 194 8.89 -25.17 26.36
CA HIS D 194 7.55 -24.62 26.33
C HIS D 194 6.75 -25.26 27.45
N GLU D 195 5.93 -24.45 28.13
CA GLU D 195 5.38 -24.90 29.39
C GLU D 195 4.47 -26.12 29.23
N HIS D 196 3.67 -26.18 28.17
CA HIS D 196 2.74 -27.30 28.00
C HIS D 196 3.40 -28.58 27.54
N SER D 197 4.63 -28.55 27.03
CA SER D 197 5.32 -29.80 26.75
C SER D 197 5.86 -30.43 28.02
N VAL D 198 6.26 -29.61 28.99
CA VAL D 198 6.63 -30.12 30.30
C VAL D 198 5.37 -30.55 31.06
N GLU D 199 4.26 -29.82 30.87
CA GLU D 199 2.99 -30.22 31.49
C GLU D 199 2.55 -31.58 31.00
N ASN D 200 2.70 -31.85 29.70
CA ASN D 200 2.44 -33.20 29.19
C ASN D 200 3.51 -34.18 29.64
N LEU D 201 4.71 -33.68 29.99
CA LEU D 201 5.79 -34.57 30.41
C LEU D 201 5.53 -35.16 31.79
N MET D 202 5.00 -34.35 32.71
CA MET D 202 4.70 -34.85 34.04
C MET D 202 3.47 -35.76 34.07
N ASN D 203 2.48 -35.51 33.22
CA ASN D 203 1.23 -36.29 33.21
C ASN D 203 1.32 -37.49 32.27
N SER D 204 2.27 -38.38 32.57
CA SER D 204 2.46 -39.60 31.79
C SER D 204 3.37 -40.53 32.58
N ARG D 205 3.54 -41.75 32.07
CA ARG D 205 4.42 -42.72 32.71
C ARG D 205 5.88 -42.46 32.42
N ALA D 206 6.22 -41.34 31.77
CA ALA D 206 7.61 -41.04 31.48
C ALA D 206 8.29 -40.64 32.78
N GLU D 207 9.31 -41.40 33.17
CA GLU D 207 10.03 -41.10 34.40
C GLU D 207 10.76 -39.78 34.24
N VAL D 208 10.58 -38.89 35.22
CA VAL D 208 11.11 -37.54 35.17
C VAL D 208 12.22 -37.44 36.20
N SER D 209 13.45 -37.41 35.72
CA SER D 209 14.64 -37.22 36.56
C SER D 209 14.97 -35.73 36.65
N THR D 210 15.02 -35.22 37.87
CA THR D 210 15.35 -33.85 38.26
C THR D 210 16.76 -33.48 37.79
N PRO D 211 17.44 -32.45 38.36
CA PRO D 211 18.83 -32.22 37.95
C PRO D 211 19.79 -33.32 38.38
N TYR D 212 20.22 -34.12 37.40
CA TYR D 212 21.14 -35.24 37.60
C TYR D 212 22.30 -35.16 36.62
N VAL D 213 23.40 -35.81 36.99
CA VAL D 213 24.57 -35.96 36.12
C VAL D 213 25.02 -37.42 36.20
N PRO D 214 25.02 -38.17 35.10
CA PRO D 214 25.41 -39.59 35.17
C PRO D 214 26.88 -39.81 35.52
N VAL D 215 27.14 -40.99 36.09
CA VAL D 215 28.45 -41.39 36.58
C VAL D 215 28.93 -42.65 35.88
N GLU D 216 28.20 -43.75 36.08
CA GLU D 216 28.64 -45.05 35.61
C GLU D 216 27.79 -45.48 34.42
N LEU D 217 28.44 -45.64 33.28
CA LEU D 217 27.83 -46.18 32.08
C LEU D 217 28.21 -47.66 32.08
N ILE D 218 27.37 -48.46 32.74
CA ILE D 218 27.70 -49.87 32.90
C ILE D 218 27.67 -50.49 31.51
N GLY D 219 28.85 -50.87 31.01
CA GLY D 219 28.91 -51.49 29.70
C GLY D 219 30.28 -51.53 29.08
N ASP D 220 30.65 -52.68 28.51
CA ASP D 220 31.88 -52.75 27.74
C ASP D 220 31.74 -52.00 26.41
N ASP D 221 30.59 -52.14 25.73
CA ASP D 221 30.33 -51.29 24.56
C ASP D 221 28.91 -50.71 24.48
N LYS D 222 27.88 -51.36 25.02
CA LYS D 222 26.54 -50.78 25.06
C LYS D 222 26.14 -50.44 26.50
N ILE D 223 25.55 -49.27 26.68
CA ILE D 223 25.04 -48.86 27.99
C ILE D 223 23.73 -49.59 28.23
N GLU D 224 23.69 -50.44 29.26
CA GLU D 224 22.46 -51.14 29.63
C GLU D 224 21.89 -50.68 30.96
N GLN D 225 22.69 -50.03 31.79
CA GLN D 225 22.24 -49.38 33.01
C GLN D 225 22.96 -48.05 33.13
N VAL D 226 22.25 -47.06 33.64
CA VAL D 226 22.81 -45.73 33.82
C VAL D 226 22.66 -45.41 35.30
N VAL D 227 23.79 -45.30 35.98
CA VAL D 227 23.82 -44.94 37.40
C VAL D 227 23.85 -43.41 37.44
N LEU D 228 22.86 -42.80 38.09
CA LEU D 228 22.77 -41.35 38.06
C LEU D 228 23.49 -40.71 39.26
N GLN D 229 23.43 -39.37 39.30
CA GLN D 229 23.95 -38.53 40.36
C GLN D 229 23.43 -37.11 40.27
N HIS D 230 22.80 -36.62 41.33
CA HIS D 230 22.30 -35.25 41.35
C HIS D 230 23.46 -34.26 41.21
N VAL D 231 23.18 -33.10 40.60
CA VAL D 231 24.23 -32.09 40.46
C VAL D 231 24.64 -31.57 41.83
N LYS D 232 23.69 -31.44 42.75
CA LYS D 232 23.94 -30.91 44.08
C LYS D 232 23.83 -31.95 45.20
N THR D 233 22.78 -32.79 45.19
CA THR D 233 22.51 -33.68 46.31
C THR D 233 23.14 -35.07 46.19
N GLU D 234 23.68 -35.44 45.02
CA GLU D 234 24.52 -36.63 44.88
C GLU D 234 23.80 -37.95 45.22
N GLU D 235 22.57 -38.11 44.73
CA GLU D 235 21.83 -39.36 44.91
C GLU D 235 22.14 -40.34 43.79
N LYS D 236 22.30 -41.62 44.13
CA LYS D 236 22.57 -42.64 43.13
C LYS D 236 21.26 -43.27 42.68
N VAL D 237 20.95 -43.13 41.40
CA VAL D 237 19.76 -43.73 40.80
C VAL D 237 20.20 -44.51 39.58
N ILE D 238 20.06 -45.84 39.63
CA ILE D 238 20.38 -46.64 38.45
C ILE D 238 19.08 -46.88 37.70
N ILE D 239 19.14 -46.76 36.38
CA ILE D 239 17.97 -46.96 35.54
C ILE D 239 18.36 -47.92 34.43
N ASP D 240 17.62 -49.01 34.30
CA ASP D 240 17.90 -49.95 33.22
C ASP D 240 17.46 -49.33 31.90
N VAL D 241 18.38 -49.29 30.94
CA VAL D 241 18.16 -48.63 29.67
C VAL D 241 18.63 -49.55 28.55
N ASP D 242 18.21 -49.21 27.34
CA ASP D 242 18.72 -49.80 26.11
C ASP D 242 19.41 -48.78 25.22
N ASP D 243 19.01 -47.51 25.30
CA ASP D 243 19.59 -46.41 24.55
C ASP D 243 19.80 -45.24 25.50
N VAL D 244 20.84 -44.45 25.23
CA VAL D 244 21.17 -43.28 26.04
C VAL D 244 21.18 -42.07 25.11
N ILE D 245 20.45 -41.03 25.50
CA ILE D 245 20.17 -39.87 24.64
C ILE D 245 20.63 -38.60 25.33
N VAL D 246 21.37 -37.77 24.60
CA VAL D 246 21.83 -36.47 25.07
C VAL D 246 21.17 -35.40 24.21
N ASN D 247 20.46 -34.45 24.85
CA ASN D 247 19.71 -33.39 24.15
C ASN D 247 19.92 -32.05 24.87
N TYR D 248 21.09 -31.45 24.64
CA TYR D 248 21.39 -30.12 25.19
C TYR D 248 21.04 -29.07 24.14
N GLY D 249 21.80 -29.06 23.05
CA GLY D 249 21.51 -28.17 21.93
C GLY D 249 21.73 -26.69 22.16
N PHE D 250 22.87 -26.30 22.72
CA PHE D 250 23.16 -24.89 22.92
C PHE D 250 23.59 -24.27 21.61
N VAL D 251 22.79 -24.46 20.55
CA VAL D 251 23.02 -23.90 19.22
C VAL D 251 24.46 -24.24 18.81
N SER D 252 25.14 -23.31 18.16
CA SER D 252 26.52 -23.48 17.71
C SER D 252 26.95 -22.19 17.03
N SER D 253 28.26 -22.06 16.82
CA SER D 253 28.85 -20.88 16.21
C SER D 253 28.40 -20.71 14.76
N LEU D 254 28.40 -19.44 14.32
CA LEU D 254 27.90 -19.06 13.01
C LEU D 254 28.85 -19.49 11.89
N GLY D 255 30.16 -19.39 12.12
CA GLY D 255 31.17 -19.72 11.15
C GLY D 255 31.38 -18.67 10.08
N PRO D 256 31.23 -19.03 8.80
CA PRO D 256 31.52 -18.05 7.74
C PRO D 256 30.60 -16.83 7.79
N ILE D 257 29.54 -16.89 8.59
CA ILE D 257 28.63 -15.76 8.76
C ILE D 257 29.30 -14.65 9.58
N LYS D 258 30.20 -15.03 10.49
CA LYS D 258 30.84 -14.04 11.36
C LYS D 258 31.77 -13.13 10.58
N ASN D 259 32.30 -13.61 9.46
CA ASN D 259 33.25 -12.87 8.64
C ASN D 259 32.59 -12.09 7.51
N TRP D 260 31.28 -11.85 7.59
CA TRP D 260 30.56 -11.14 6.54
C TRP D 260 30.20 -9.70 6.87
N GLY D 261 30.75 -9.14 7.95
CA GLY D 261 30.39 -7.79 8.32
C GLY D 261 28.98 -7.62 8.85
N LEU D 262 28.38 -8.68 9.36
CA LEU D 262 27.03 -8.61 9.91
C LEU D 262 27.09 -8.44 11.43
N ASP D 263 26.27 -7.54 11.95
CA ASP D 263 26.15 -7.33 13.39
C ASP D 263 25.49 -8.56 14.02
N ILE D 264 26.23 -9.29 14.85
CA ILE D 264 25.81 -10.58 15.36
C ILE D 264 25.69 -10.50 16.88
N GLN D 265 24.56 -10.95 17.40
CA GLN D 265 24.33 -11.00 18.84
C GLN D 265 23.86 -12.40 19.22
N LYS D 266 24.64 -13.08 20.06
CA LYS D 266 24.29 -14.39 20.59
C LYS D 266 24.13 -15.42 19.47
N ASN D 267 25.15 -15.52 18.61
CA ASN D 267 25.15 -16.48 17.49
C ASN D 267 23.94 -16.27 16.59
N SER D 268 23.46 -15.03 16.49
CA SER D 268 22.28 -14.71 15.71
C SER D 268 22.50 -13.38 15.02
N ILE D 269 22.01 -13.28 13.78
CA ILE D 269 22.18 -12.05 13.00
C ILE D 269 21.15 -11.04 13.47
N LEU D 270 21.65 -9.87 13.85
CA LEU D 270 20.82 -8.78 14.34
C LEU D 270 20.10 -8.13 13.15
N VAL D 271 18.76 -8.14 13.16
CA VAL D 271 17.97 -7.56 12.10
C VAL D 271 16.94 -6.61 12.69
N ASN D 272 16.50 -5.66 11.87
CA ASN D 272 15.48 -4.70 12.28
C ASN D 272 14.09 -5.33 12.08
N SER D 273 13.05 -4.53 12.28
CA SER D 273 11.70 -5.02 12.03
C SER D 273 11.47 -5.34 10.57
N LYS D 274 12.22 -4.70 9.66
CA LYS D 274 12.15 -5.04 8.24
C LYS D 274 12.95 -6.28 7.87
N MET D 275 13.43 -7.04 8.86
CA MET D 275 14.28 -8.21 8.64
C MET D 275 15.54 -7.87 7.86
N GLU D 276 15.98 -6.62 7.96
CA GLU D 276 17.19 -6.16 7.29
C GLU D 276 18.38 -6.33 8.21
N THR D 277 19.47 -6.88 7.67
CA THR D 277 20.75 -6.87 8.37
C THR D 277 21.37 -5.47 8.22
N ASN D 278 22.57 -5.30 8.77
CA ASN D 278 23.24 -4.03 8.58
C ASN D 278 23.72 -3.81 7.15
N ILE D 279 23.67 -4.84 6.30
CA ILE D 279 24.11 -4.73 4.90
C ILE D 279 22.87 -4.60 4.02
N PRO D 280 22.74 -3.53 3.22
CA PRO D 280 21.60 -3.43 2.31
C PRO D 280 21.64 -4.55 1.28
N GLY D 281 20.50 -5.25 1.15
CA GLY D 281 20.37 -6.38 0.26
C GLY D 281 20.53 -7.72 0.94
N ILE D 282 21.01 -7.74 2.17
CA ILE D 282 21.17 -8.96 2.95
C ILE D 282 20.07 -8.99 4.01
N TYR D 283 19.29 -10.06 4.02
CA TYR D 283 18.21 -10.24 4.97
C TYR D 283 18.40 -11.57 5.70
N ALA D 284 17.81 -11.68 6.89
CA ALA D 284 17.90 -12.87 7.71
C ALA D 284 16.57 -13.11 8.41
N ALA D 285 16.22 -14.38 8.58
CA ALA D 285 14.96 -14.73 9.23
C ALA D 285 15.05 -16.16 9.78
N GLY D 286 14.05 -16.52 10.57
CA GLY D 286 14.04 -17.82 11.21
C GLY D 286 14.65 -17.81 12.60
N ASP D 287 15.40 -18.84 12.94
CA ASP D 287 16.11 -18.85 14.21
C ASP D 287 17.43 -18.11 14.13
N ILE D 288 17.97 -17.92 12.93
CA ILE D 288 19.25 -17.24 12.78
C ILE D 288 19.13 -15.73 13.01
N CYS D 289 17.95 -15.15 12.85
CA CYS D 289 17.82 -13.72 13.09
C CYS D 289 17.46 -13.47 14.55
N THR D 290 17.65 -12.23 14.99
CA THR D 290 17.27 -11.84 16.34
C THR D 290 17.04 -10.34 16.40
N TYR D 291 16.20 -9.96 17.35
CA TYR D 291 15.79 -8.57 17.61
C TYR D 291 15.12 -8.54 18.97
N GLU D 292 14.42 -7.44 19.26
CA GLU D 292 13.75 -7.29 20.55
C GLU D 292 12.56 -8.24 20.67
N GLY D 293 12.59 -9.10 21.67
CA GLY D 293 11.48 -10.00 21.93
C GLY D 293 11.35 -11.12 20.93
N LYS D 294 12.33 -11.28 20.03
CA LYS D 294 12.30 -12.41 19.11
C LYS D 294 12.28 -13.70 19.89
N VAL D 295 11.42 -14.62 19.47
CA VAL D 295 11.33 -15.94 20.07
C VAL D 295 11.78 -16.95 19.02
N LYS D 296 12.79 -17.76 19.35
CA LYS D 296 13.33 -18.73 18.40
C LYS D 296 12.26 -19.81 18.24
N LEU D 297 11.30 -19.52 17.35
CA LEU D 297 10.20 -20.42 17.05
C LEU D 297 10.09 -20.63 15.55
N ILE D 298 9.35 -21.68 15.19
CA ILE D 298 8.97 -21.87 13.80
C ILE D 298 7.81 -20.94 13.44
N ALA D 299 6.94 -20.64 14.41
CA ALA D 299 5.84 -19.72 14.14
C ALA D 299 6.36 -18.33 13.84
N CYS D 300 7.37 -17.87 14.58
CA CYS D 300 7.97 -16.57 14.27
C CYS D 300 8.73 -16.61 12.96
N GLY D 301 9.58 -17.63 12.78
CA GLY D 301 10.38 -17.73 11.56
C GLY D 301 9.57 -17.80 10.29
N PHE D 302 8.38 -18.40 10.35
CA PHE D 302 7.51 -18.38 9.19
C PHE D 302 6.94 -16.98 8.96
N GLY D 303 6.71 -16.22 10.03
CA GLY D 303 6.19 -14.88 9.88
C GLY D 303 7.24 -13.84 9.55
N GLU D 304 8.51 -14.15 9.79
CA GLU D 304 9.59 -13.27 9.39
C GLU D 304 9.97 -13.46 7.93
N ALA D 305 9.61 -14.60 7.32
CA ALA D 305 10.07 -14.86 5.95
C ALA D 305 9.43 -13.94 4.93
N PRO D 306 8.10 -13.83 4.81
CA PRO D 306 7.55 -12.92 3.79
C PRO D 306 7.92 -11.47 4.06
N THR D 307 8.16 -11.11 5.32
CA THR D 307 8.61 -9.76 5.62
C THR D 307 9.88 -9.44 4.86
N ALA D 308 10.78 -10.42 4.75
CA ALA D 308 12.06 -10.21 4.08
C ALA D 308 11.95 -10.30 2.57
N VAL D 309 11.06 -11.15 2.05
CA VAL D 309 10.97 -11.26 0.61
C VAL D 309 10.41 -9.98 0.00
N ASN D 310 9.36 -9.43 0.63
CA ASN D 310 8.74 -8.22 0.10
C ASN D 310 9.66 -7.01 0.25
N ASN D 311 10.34 -6.88 1.38
CA ASN D 311 11.28 -5.78 1.52
C ASN D 311 12.48 -5.92 0.59
N ALA D 312 12.80 -7.14 0.14
CA ALA D 312 13.85 -7.30 -0.86
C ALA D 312 13.33 -7.06 -2.26
N LYS D 313 12.10 -7.50 -2.57
CA LYS D 313 11.50 -7.16 -3.85
C LYS D 313 11.45 -5.64 -4.02
N ALA D 314 11.21 -4.91 -2.92
CA ALA D 314 11.30 -3.46 -2.91
C ALA D 314 12.74 -2.96 -2.90
N TYR D 315 13.72 -3.85 -2.77
CA TYR D 315 15.13 -3.43 -2.79
C TYR D 315 15.71 -3.44 -4.20
N PHE D 316 15.52 -4.52 -4.94
CA PHE D 316 16.09 -4.63 -6.28
C PHE D 316 15.10 -4.26 -7.38
N ASP D 317 13.83 -4.06 -7.04
CA ASP D 317 12.82 -3.64 -8.01
C ASP D 317 12.02 -2.49 -7.41
N PRO D 318 12.25 -1.24 -7.84
CA PRO D 318 11.49 -0.12 -7.27
C PRO D 318 10.02 -0.10 -7.64
N ASN D 319 9.66 -0.25 -8.92
CA ASN D 319 8.26 -0.15 -9.30
C ASN D 319 7.51 -1.44 -9.02
N ALA D 320 7.67 -1.97 -7.81
CA ALA D 320 6.91 -3.12 -7.33
C ALA D 320 6.38 -2.79 -5.95
N LYS D 321 5.06 -2.97 -5.77
CA LYS D 321 4.43 -2.63 -4.51
C LYS D 321 4.93 -3.53 -3.39
N LEU D 322 5.11 -2.95 -2.21
CA LEU D 322 5.52 -3.74 -1.05
C LEU D 322 4.43 -4.73 -0.67
N GLN D 323 3.21 -4.24 -0.45
CA GLN D 323 2.09 -5.13 -0.21
C GLN D 323 1.81 -5.91 -1.49
N PRO D 324 1.94 -7.23 -1.49
CA PRO D 324 1.96 -7.99 -2.74
C PRO D 324 0.60 -8.18 -3.36
N MET D 325 0.50 -9.14 -4.27
CA MET D 325 -0.78 -9.59 -4.80
C MET D 325 -1.31 -10.70 -3.92
N VAL D 326 -2.58 -10.58 -3.52
CA VAL D 326 -3.21 -11.58 -2.68
C VAL D 326 -2.96 -12.97 -3.27
N SER D 327 -2.68 -13.94 -2.39
CA SER D 327 -2.21 -15.24 -2.85
C SER D 327 -3.21 -15.93 -3.78
N SER D 328 -4.51 -15.75 -3.52
CA SER D 328 -5.52 -16.39 -4.35
C SER D 328 -5.48 -15.88 -5.79
N SER D 329 -5.03 -14.64 -6.00
CA SER D 329 -4.97 -14.03 -7.32
C SER D 329 -3.68 -14.35 -8.06
N MET D 330 -2.96 -15.41 -7.67
CA MET D 330 -1.80 -15.88 -8.41
C MET D 330 -1.95 -17.34 -8.80
N PHE D 331 -3.15 -17.90 -8.66
CA PHE D 331 -3.39 -19.29 -8.98
C PHE D 331 -4.61 -19.40 -9.89
PA FAD E . -9.38 -10.15 11.06
O1A FAD E . -9.75 -11.48 10.53
O2A FAD E . -10.13 -8.95 10.45
O5B FAD E . -9.61 -10.02 12.60
C5B FAD E . -10.56 -9.08 13.13
C4B FAD E . -11.43 -9.74 14.16
O4B FAD E . -11.51 -8.91 15.33
C3B FAD E . -12.86 -10.00 13.70
O3B FAD E . -13.32 -11.27 14.14
C2B FAD E . -13.64 -8.85 14.35
O2B FAD E . -14.99 -9.21 14.62
C1B FAD E . -12.86 -8.66 15.64
N9A FAD E . -12.96 -7.31 16.21
C8A FAD E . -12.43 -6.16 15.68
N7A FAD E . -12.67 -5.08 16.40
C5A FAD E . -13.40 -5.57 17.48
C6A FAD E . -13.96 -4.93 18.60
N6A FAD E . -13.87 -3.61 18.84
N1A FAD E . -14.62 -5.70 19.50
C2A FAD E . -14.72 -7.01 19.25
N3A FAD E . -14.24 -7.72 18.23
C4A FAD E . -13.58 -6.93 17.38
N1 FAD E . -3.79 -12.83 3.43
C2 FAD E . -2.88 -13.72 2.97
O2 FAD E . -1.81 -13.92 3.55
N3 FAD E . -3.14 -14.44 1.81
C4 FAD E . -4.27 -14.35 1.05
O4 FAD E . -4.40 -15.04 0.05
C4X FAD E . -5.24 -13.40 1.56
N5 FAD E . -6.36 -13.25 0.89
C5X FAD E . -7.28 -12.34 1.36
C6 FAD E . -8.48 -12.17 0.67
C7 FAD E . -9.44 -11.27 1.10
C7M FAD E . -10.72 -11.12 0.32
C8 FAD E . -9.21 -10.52 2.26
C8M FAD E . -10.23 -9.54 2.76
C9 FAD E . -8.02 -10.68 2.97
C9A FAD E . -7.06 -11.59 2.53
N10 FAD E . -5.85 -11.79 3.22
C10 FAD E . -4.92 -12.68 2.76
C1' FAD E . -5.55 -11.03 4.45
C2' FAD E . -5.95 -11.76 5.72
O2' FAD E . -7.36 -11.99 5.74
C3' FAD E . -5.60 -10.88 6.92
O3' FAD E . -4.22 -10.54 6.84
C4' FAD E . -5.85 -11.55 8.27
O4' FAD E . -7.26 -11.82 8.40
C5' FAD E . -5.36 -10.73 9.44
O5' FAD E . -5.84 -11.31 10.67
P FAD E . -6.63 -10.45 11.72
O1P FAD E . -7.21 -11.31 12.84
O2P FAD E . -5.76 -9.32 12.19
O3P FAD E . -7.83 -9.88 10.85
PA FAD F . 9.64 12.66 -7.24
O1A FAD F . 9.68 12.46 -8.72
O2A FAD F . 10.29 11.52 -6.43
O5B FAD F . 10.31 14.03 -6.85
C5B FAD F . 11.51 14.07 -6.04
C4B FAD F . 12.62 14.79 -6.78
O4B FAD F . 13.23 15.76 -5.89
C3B FAD F . 13.77 13.89 -7.21
O3B FAD F . 14.43 14.42 -8.35
C2B FAD F . 14.67 13.90 -5.98
O2B FAD F . 16.02 13.56 -6.30
C1B FAD F . 14.54 15.36 -5.57
N9A FAD F . 14.76 15.60 -4.13
C8A FAD F . 14.20 14.93 -3.08
N7A FAD F . 14.58 15.37 -1.91
C5A FAD F . 15.46 16.40 -2.21
C6A FAD F . 16.20 17.29 -1.40
N6A FAD F . 16.19 17.25 -0.07
N1A FAD F . 16.97 18.21 -2.02
C2A FAD F . 16.99 18.24 -3.35
N3A FAD F . 16.32 17.46 -4.22
C4A FAD F . 15.57 16.56 -3.58
N1 FAD F . 2.96 7.30 -11.13
C2 FAD F . 1.75 7.34 -11.76
O2 FAD F . 0.85 8.09 -11.40
N3 FAD F . 1.52 6.52 -12.86
C4 FAD F . 2.41 5.61 -13.39
O4 FAD F . 2.09 4.92 -14.36
C4X FAD F . 3.69 5.57 -12.71
N5 FAD F . 4.60 4.76 -13.15
C5X FAD F . 5.82 4.72 -12.50
C6 FAD F . 6.81 3.85 -12.96
C7 FAD F . 8.05 3.78 -12.34
C7M FAD F . 9.08 2.83 -12.87
C8 FAD F . 8.32 4.60 -11.24
C8M FAD F . 9.66 4.56 -10.55
C9 FAD F . 7.35 5.48 -10.79
C9A FAD F . 6.10 5.54 -11.40
N10 FAD F . 5.10 6.42 -10.96
C10 FAD F . 3.87 6.47 -11.59
C1' FAD F . 5.33 7.31 -9.81
C2' FAD F . 5.76 8.71 -10.22
O2' FAD F . 7.09 8.71 -10.71
C3' FAD F . 5.66 9.64 -9.00
O3' FAD F . 4.34 9.57 -8.47
C4' FAD F . 5.98 11.11 -9.26
O4' FAD F . 7.36 11.23 -9.62
C5' FAD F . 5.65 11.97 -8.07
O5' FAD F . 6.23 13.29 -8.25
P FAD F . 7.10 13.96 -7.12
O1P FAD F . 7.88 15.16 -7.67
O2P FAD F . 6.25 14.25 -5.95
O3P FAD F . 8.14 12.80 -6.76
#